data_3GK9
# 
_entry.id   3GK9 
# 
_audit_conform.dict_name       mmcif_pdbx.dic 
_audit_conform.dict_version    5.380 
_audit_conform.dict_location   http://mmcif.pdb.org/dictionaries/ascii/mmcif_pdbx.dic 
# 
loop_
_database_2.database_id 
_database_2.database_code 
_database_2.pdbx_database_accession 
_database_2.pdbx_DOI 
PDB   3GK9         pdb_00003gk9 10.2210/pdb3gk9/pdb 
RCSB  RCSB051965   ?            ?                   
WWPDB D_1000051965 ?            ?                   
# 
loop_
_pdbx_database_related.db_name 
_pdbx_database_related.db_id 
_pdbx_database_related.details 
_pdbx_database_related.content_type 
PDB 3GKT . unspecified 
PDB 3GLN . unspecified 
# 
_pdbx_database_status.status_code                     REL 
_pdbx_database_status.entry_id                        3GK9 
_pdbx_database_status.recvd_initial_deposition_date   2009-03-10 
_pdbx_database_status.deposit_site                    RCSB 
_pdbx_database_status.process_site                    PDBJ 
_pdbx_database_status.status_code_sf                  REL 
_pdbx_database_status.status_code_mr                  ? 
_pdbx_database_status.SG_entry                        ? 
_pdbx_database_status.pdb_format_compatible           Y 
_pdbx_database_status.status_code_cs                  ? 
_pdbx_database_status.methods_development_category    ? 
_pdbx_database_status.status_code_nmr_data            ? 
# 
loop_
_audit_author.name 
_audit_author.pdbx_ordinal 
'Moschetti, T.' 1 
'Mueller, U.'   2 
'Schultze, J.'  3 
'Brunori, M.'   4 
'Vallone, B.'   5 
# 
_citation.id                        primary 
_citation.title                     
'The structure of neuroglobin at high Xe and Kr pressure reveals partial conservation of globin internal cavities.' 
_citation.journal_abbrev            'Biophys. J.' 
_citation.journal_volume            97 
_citation.page_first                1700 
_citation.page_last                 1708 
_citation.year                      2009 
_citation.journal_id_ASTM           BIOJAU 
_citation.country                   US 
_citation.journal_id_ISSN           1542-0086 
_citation.journal_id_CSD            0030 
_citation.book_publisher            ? 
_citation.pdbx_database_id_PubMed   19751675 
_citation.pdbx_database_id_DOI      10.1016/j.bpj.2009.05.059 
# 
loop_
_citation_author.citation_id 
_citation_author.name 
_citation_author.ordinal 
_citation_author.identifier_ORCID 
primary 'Moschetti, T.' 1 ? 
primary 'Mueller, U.'   2 ? 
primary 'Schulze, J.'   3 ? 
primary 'Brunori, M.'   4 ? 
primary 'Vallone, B.'   5 ? 
# 
_cell.entry_id           3GK9 
_cell.length_a           88.830 
_cell.length_b           88.830 
_cell.length_c           110.926 
_cell.angle_alpha        90.00 
_cell.angle_beta         90.00 
_cell.angle_gamma        120.00 
_cell.Z_PDB              18 
_cell.pdbx_unique_axis   ? 
_cell.length_a_esd       ? 
_cell.length_b_esd       ? 
_cell.length_c_esd       ? 
_cell.angle_alpha_esd    ? 
_cell.angle_beta_esd     ? 
_cell.angle_gamma_esd    ? 
# 
_symmetry.entry_id                         3GK9 
_symmetry.space_group_name_H-M             'H 3 2' 
_symmetry.pdbx_full_space_group_name_H-M   ? 
_symmetry.cell_setting                     ? 
_symmetry.Int_Tables_number                155 
_symmetry.space_group_name_Hall            ? 
# 
loop_
_entity.id 
_entity.type 
_entity.src_method 
_entity.pdbx_description 
_entity.formula_weight 
_entity.pdbx_number_of_molecules 
_entity.pdbx_ec 
_entity.pdbx_mutation 
_entity.pdbx_fragment 
_entity.details 
1 polymer     man Neuroglobin                       17306.572 1  ? 'C55S, C120S' ? ? 
2 non-polymer syn XENON                             131.293   4  ? ?             ? ? 
3 non-polymer syn 'SULFATE ION'                     96.063    1  ? ?             ? ? 
4 non-polymer syn 'PROTOPORPHYRIN IX CONTAINING FE' 616.487   1  ? ?             ? ? 
5 water       nat water                             18.015    83 ? ?             ? ? 
# 
_entity_poly.entity_id                      1 
_entity_poly.type                           'polypeptide(L)' 
_entity_poly.nstd_linkage                   no 
_entity_poly.nstd_monomer                   no 
_entity_poly.pdbx_seq_one_letter_code       
;GSHMERPESELIRQSWRVVSRSPLEHGTVLFARLFALEPSLLPLFQYNGRQFSSPEDSLSSPEFLDHIRKVMLVIDAAVT
NVEDLSSLEEYLTSLGRKHRAVGVRLSSFSTVGESLLYMLEKSLGPDFTPATRTAWSRLYGAVVQAMSRGWDGE
;
_entity_poly.pdbx_seq_one_letter_code_can   
;GSHMERPESELIRQSWRVVSRSPLEHGTVLFARLFALEPSLLPLFQYNGRQFSSPEDSLSSPEFLDHIRKVMLVIDAAVT
NVEDLSSLEEYLTSLGRKHRAVGVRLSSFSTVGESLLYMLEKSLGPDFTPATRTAWSRLYGAVVQAMSRGWDGE
;
_entity_poly.pdbx_strand_id                 A 
_entity_poly.pdbx_target_identifier         ? 
# 
loop_
_entity_poly_seq.entity_id 
_entity_poly_seq.num 
_entity_poly_seq.mon_id 
_entity_poly_seq.hetero 
1 1   GLY n 
1 2   SER n 
1 3   HIS n 
1 4   MET n 
1 5   GLU n 
1 6   ARG n 
1 7   PRO n 
1 8   GLU n 
1 9   SER n 
1 10  GLU n 
1 11  LEU n 
1 12  ILE n 
1 13  ARG n 
1 14  GLN n 
1 15  SER n 
1 16  TRP n 
1 17  ARG n 
1 18  VAL n 
1 19  VAL n 
1 20  SER n 
1 21  ARG n 
1 22  SER n 
1 23  PRO n 
1 24  LEU n 
1 25  GLU n 
1 26  HIS n 
1 27  GLY n 
1 28  THR n 
1 29  VAL n 
1 30  LEU n 
1 31  PHE n 
1 32  ALA n 
1 33  ARG n 
1 34  LEU n 
1 35  PHE n 
1 36  ALA n 
1 37  LEU n 
1 38  GLU n 
1 39  PRO n 
1 40  SER n 
1 41  LEU n 
1 42  LEU n 
1 43  PRO n 
1 44  LEU n 
1 45  PHE n 
1 46  GLN n 
1 47  TYR n 
1 48  ASN n 
1 49  GLY n 
1 50  ARG n 
1 51  GLN n 
1 52  PHE n 
1 53  SER n 
1 54  SER n 
1 55  PRO n 
1 56  GLU n 
1 57  ASP n 
1 58  SER n 
1 59  LEU n 
1 60  SER n 
1 61  SER n 
1 62  PRO n 
1 63  GLU n 
1 64  PHE n 
1 65  LEU n 
1 66  ASP n 
1 67  HIS n 
1 68  ILE n 
1 69  ARG n 
1 70  LYS n 
1 71  VAL n 
1 72  MET n 
1 73  LEU n 
1 74  VAL n 
1 75  ILE n 
1 76  ASP n 
1 77  ALA n 
1 78  ALA n 
1 79  VAL n 
1 80  THR n 
1 81  ASN n 
1 82  VAL n 
1 83  GLU n 
1 84  ASP n 
1 85  LEU n 
1 86  SER n 
1 87  SER n 
1 88  LEU n 
1 89  GLU n 
1 90  GLU n 
1 91  TYR n 
1 92  LEU n 
1 93  THR n 
1 94  SER n 
1 95  LEU n 
1 96  GLY n 
1 97  ARG n 
1 98  LYS n 
1 99  HIS n 
1 100 ARG n 
1 101 ALA n 
1 102 VAL n 
1 103 GLY n 
1 104 VAL n 
1 105 ARG n 
1 106 LEU n 
1 107 SER n 
1 108 SER n 
1 109 PHE n 
1 110 SER n 
1 111 THR n 
1 112 VAL n 
1 113 GLY n 
1 114 GLU n 
1 115 SER n 
1 116 LEU n 
1 117 LEU n 
1 118 TYR n 
1 119 MET n 
1 120 LEU n 
1 121 GLU n 
1 122 LYS n 
1 123 SER n 
1 124 LEU n 
1 125 GLY n 
1 126 PRO n 
1 127 ASP n 
1 128 PHE n 
1 129 THR n 
1 130 PRO n 
1 131 ALA n 
1 132 THR n 
1 133 ARG n 
1 134 THR n 
1 135 ALA n 
1 136 TRP n 
1 137 SER n 
1 138 ARG n 
1 139 LEU n 
1 140 TYR n 
1 141 GLY n 
1 142 ALA n 
1 143 VAL n 
1 144 VAL n 
1 145 GLN n 
1 146 ALA n 
1 147 MET n 
1 148 SER n 
1 149 ARG n 
1 150 GLY n 
1 151 TRP n 
1 152 ASP n 
1 153 GLY n 
1 154 GLU n 
# 
_entity_src_gen.entity_id                          1 
_entity_src_gen.pdbx_src_id                        1 
_entity_src_gen.pdbx_alt_source_flag               sample 
_entity_src_gen.pdbx_seq_type                      ? 
_entity_src_gen.pdbx_beg_seq_num                   ? 
_entity_src_gen.pdbx_end_seq_num                   ? 
_entity_src_gen.gene_src_common_name               Mouse 
_entity_src_gen.gene_src_genus                     ? 
_entity_src_gen.pdbx_gene_src_gene                 Ngb 
_entity_src_gen.gene_src_species                   ? 
_entity_src_gen.gene_src_strain                    ? 
_entity_src_gen.gene_src_tissue                    ? 
_entity_src_gen.gene_src_tissue_fraction           ? 
_entity_src_gen.gene_src_details                   ? 
_entity_src_gen.pdbx_gene_src_fragment             ? 
_entity_src_gen.pdbx_gene_src_scientific_name      'Mus musculus' 
_entity_src_gen.pdbx_gene_src_ncbi_taxonomy_id     10090 
_entity_src_gen.pdbx_gene_src_variant              ? 
_entity_src_gen.pdbx_gene_src_cell_line            ? 
_entity_src_gen.pdbx_gene_src_atcc                 ? 
_entity_src_gen.pdbx_gene_src_organ                ? 
_entity_src_gen.pdbx_gene_src_organelle            ? 
_entity_src_gen.pdbx_gene_src_cell                 ? 
_entity_src_gen.pdbx_gene_src_cellular_location    ? 
_entity_src_gen.host_org_common_name               ? 
_entity_src_gen.pdbx_host_org_scientific_name      'Escherichia coli' 
_entity_src_gen.pdbx_host_org_ncbi_taxonomy_id     562 
_entity_src_gen.host_org_genus                     ? 
_entity_src_gen.pdbx_host_org_gene                 ? 
_entity_src_gen.pdbx_host_org_organ                ? 
_entity_src_gen.host_org_species                   ? 
_entity_src_gen.pdbx_host_org_tissue               ? 
_entity_src_gen.pdbx_host_org_tissue_fraction      ? 
_entity_src_gen.pdbx_host_org_strain               'Bl21(DE3)pLysS' 
_entity_src_gen.pdbx_host_org_variant              ? 
_entity_src_gen.pdbx_host_org_cell_line            ? 
_entity_src_gen.pdbx_host_org_atcc                 ? 
_entity_src_gen.pdbx_host_org_culture_collection   ? 
_entity_src_gen.pdbx_host_org_cell                 ? 
_entity_src_gen.pdbx_host_org_organelle            ? 
_entity_src_gen.pdbx_host_org_cellular_location    ? 
_entity_src_gen.pdbx_host_org_vector_type          plasmid 
_entity_src_gen.pdbx_host_org_vector               ? 
_entity_src_gen.host_org_details                   ? 
_entity_src_gen.expression_system_id               ? 
_entity_src_gen.plasmid_name                       'pET 14b' 
_entity_src_gen.plasmid_details                    ? 
_entity_src_gen.pdbx_description                   ? 
# 
_struct_ref.id                         1 
_struct_ref.db_name                    UNP 
_struct_ref.db_code                    NGB_MOUSE 
_struct_ref.pdbx_db_accession          Q9ER97 
_struct_ref.entity_id                  1 
_struct_ref.pdbx_seq_one_letter_code   
;MERPESELIRQSWRVVSRSPLEHGTVLFARLFALEPSLLPLFQYNGRQFSSPEDCLSSPEFLDHIRKVMLVIDAAVTNVE
DLSSLEEYLTSLGRKHRAVGVRLSSFSTVGESLLYMLEKCLGPDFTPATRTAWSRLYGAVVQAMSRGWDGE
;
_struct_ref.pdbx_align_begin           1 
_struct_ref.pdbx_db_isoform            ? 
# 
_struct_ref_seq.align_id                      1 
_struct_ref_seq.ref_id                        1 
_struct_ref_seq.pdbx_PDB_id_code              3GK9 
_struct_ref_seq.pdbx_strand_id                A 
_struct_ref_seq.seq_align_beg                 4 
_struct_ref_seq.pdbx_seq_align_beg_ins_code   ? 
_struct_ref_seq.seq_align_end                 154 
_struct_ref_seq.pdbx_seq_align_end_ins_code   ? 
_struct_ref_seq.pdbx_db_accession             Q9ER97 
_struct_ref_seq.db_align_beg                  1 
_struct_ref_seq.pdbx_db_align_beg_ins_code    ? 
_struct_ref_seq.db_align_end                  151 
_struct_ref_seq.pdbx_db_align_end_ins_code    ? 
_struct_ref_seq.pdbx_auth_seq_align_beg       1 
_struct_ref_seq.pdbx_auth_seq_align_end       151 
# 
loop_
_struct_ref_seq_dif.align_id 
_struct_ref_seq_dif.pdbx_pdb_id_code 
_struct_ref_seq_dif.mon_id 
_struct_ref_seq_dif.pdbx_pdb_strand_id 
_struct_ref_seq_dif.seq_num 
_struct_ref_seq_dif.pdbx_pdb_ins_code 
_struct_ref_seq_dif.pdbx_seq_db_name 
_struct_ref_seq_dif.pdbx_seq_db_accession_code 
_struct_ref_seq_dif.db_mon_id 
_struct_ref_seq_dif.pdbx_seq_db_seq_num 
_struct_ref_seq_dif.details 
_struct_ref_seq_dif.pdbx_auth_seq_num 
_struct_ref_seq_dif.pdbx_ordinal 
1 3GK9 GLY A 1   ? UNP Q9ER97 ?   ?   'expression tag'      -2  1 
1 3GK9 SER A 2   ? UNP Q9ER97 ?   ?   'expression tag'      -1  2 
1 3GK9 HIS A 3   ? UNP Q9ER97 ?   ?   'expression tag'      0   3 
1 3GK9 SER A 58  ? UNP Q9ER97 CYS 55  'engineered mutation' 55  4 
1 3GK9 SER A 123 ? UNP Q9ER97 CYS 120 'engineered mutation' 120 5 
# 
loop_
_chem_comp.id 
_chem_comp.type 
_chem_comp.mon_nstd_flag 
_chem_comp.name 
_chem_comp.pdbx_synonyms 
_chem_comp.formula 
_chem_comp.formula_weight 
ALA 'L-peptide linking' y ALANINE                           ?    'C3 H7 N O2'       89.093  
ARG 'L-peptide linking' y ARGININE                          ?    'C6 H15 N4 O2 1'   175.209 
ASN 'L-peptide linking' y ASPARAGINE                        ?    'C4 H8 N2 O3'      132.118 
ASP 'L-peptide linking' y 'ASPARTIC ACID'                   ?    'C4 H7 N O4'       133.103 
CYS 'L-peptide linking' y CYSTEINE                          ?    'C3 H7 N O2 S'     121.158 
GLN 'L-peptide linking' y GLUTAMINE                         ?    'C5 H10 N2 O3'     146.144 
GLU 'L-peptide linking' y 'GLUTAMIC ACID'                   ?    'C5 H9 N O4'       147.129 
GLY 'peptide linking'   y GLYCINE                           ?    'C2 H5 N O2'       75.067  
HEM non-polymer         . 'PROTOPORPHYRIN IX CONTAINING FE' HEME 'C34 H32 Fe N4 O4' 616.487 
HIS 'L-peptide linking' y HISTIDINE                         ?    'C6 H10 N3 O2 1'   156.162 
HOH non-polymer         . WATER                             ?    'H2 O'             18.015  
ILE 'L-peptide linking' y ISOLEUCINE                        ?    'C6 H13 N O2'      131.173 
LEU 'L-peptide linking' y LEUCINE                           ?    'C6 H13 N O2'      131.173 
LYS 'L-peptide linking' y LYSINE                            ?    'C6 H15 N2 O2 1'   147.195 
MET 'L-peptide linking' y METHIONINE                        ?    'C5 H11 N O2 S'    149.211 
PHE 'L-peptide linking' y PHENYLALANINE                     ?    'C9 H11 N O2'      165.189 
PRO 'L-peptide linking' y PROLINE                           ?    'C5 H9 N O2'       115.130 
SER 'L-peptide linking' y SERINE                            ?    'C3 H7 N O3'       105.093 
SO4 non-polymer         . 'SULFATE ION'                     ?    'O4 S -2'          96.063  
THR 'L-peptide linking' y THREONINE                         ?    'C4 H9 N O3'       119.119 
TRP 'L-peptide linking' y TRYPTOPHAN                        ?    'C11 H12 N2 O2'    204.225 
TYR 'L-peptide linking' y TYROSINE                          ?    'C9 H11 N O3'      181.189 
VAL 'L-peptide linking' y VALINE                            ?    'C5 H11 N O2'      117.146 
XE  non-polymer         . XENON                             ?    Xe                 131.293 
# 
_exptl.entry_id          3GK9 
_exptl.method            'X-RAY DIFFRACTION' 
_exptl.crystals_number   1 
# 
_exptl_crystal.id                    1 
_exptl_crystal.density_meas          ? 
_exptl_crystal.density_Matthews      2.43 
_exptl_crystal.density_percent_sol   49.45 
_exptl_crystal.description           ? 
_exptl_crystal.F_000                 ? 
_exptl_crystal.preparation           ? 
# 
_exptl_crystal_grow.crystal_id      1 
_exptl_crystal_grow.method          'VAPOR DIFFUSION, HANGING DROP' 
_exptl_crystal_grow.temp            293 
_exptl_crystal_grow.temp_details    ? 
_exptl_crystal_grow.pH              6.5 
_exptl_crystal_grow.pdbx_details    
'1.6M ammonium sulfate, 0.1M MES, pH6.5, 10% dioxane, VAPOR DIFFUSION, HANGING DROP, temperature 293K' 
_exptl_crystal_grow.pdbx_pH_range   . 
# 
_diffrn.id                     1 
_diffrn.ambient_temp           100 
_diffrn.ambient_temp_details   ? 
_diffrn.crystal_id             1 
# 
_diffrn_detector.diffrn_id              1 
_diffrn_detector.detector               CCD 
_diffrn_detector.type                   'ADSC QUANTUM 4' 
_diffrn_detector.pdbx_collection_date   2007-01-29 
_diffrn_detector.details                ? 
# 
_diffrn_radiation.diffrn_id                        1 
_diffrn_radiation.wavelength_id                    1 
_diffrn_radiation.pdbx_monochromatic_or_laue_m_l   M 
_diffrn_radiation.monochromator                    ? 
_diffrn_radiation.pdbx_diffrn_protocol             'SINGLE WAVELENGTH' 
_diffrn_radiation.pdbx_scattering_type             x-ray 
# 
_diffrn_radiation_wavelength.id           1 
_diffrn_radiation_wavelength.wavelength   0.933 
_diffrn_radiation_wavelength.wt           1.0 
# 
_diffrn_source.diffrn_id                   1 
_diffrn_source.source                      SYNCHROTRON 
_diffrn_source.type                        'ESRF BEAMLINE ID14-2' 
_diffrn_source.pdbx_synchrotron_site       ESRF 
_diffrn_source.pdbx_synchrotron_beamline   ID14-2 
_diffrn_source.pdbx_wavelength             ? 
_diffrn_source.pdbx_wavelength_list        0.933 
# 
_reflns.entry_id                     3GK9 
_reflns.observed_criterion_sigma_I   0.0 
_reflns.observed_criterion_sigma_F   0.0 
_reflns.d_resolution_low             25.6 
_reflns.d_resolution_high            1.8 
_reflns.number_obs                   15825 
_reflns.number_all                   15838 
_reflns.percent_possible_obs         100 
_reflns.pdbx_Rmerge_I_obs            0.06 
_reflns.pdbx_Rsym_value              ? 
_reflns.pdbx_netI_over_sigmaI        ? 
_reflns.B_iso_Wilson_estimate        ? 
_reflns.pdbx_redundancy              10.8 
_reflns.R_free_details               ? 
_reflns.limit_h_max                  ? 
_reflns.limit_h_min                  ? 
_reflns.limit_k_max                  ? 
_reflns.limit_k_min                  ? 
_reflns.limit_l_max                  ? 
_reflns.limit_l_min                  ? 
_reflns.observed_criterion_F_max     ? 
_reflns.observed_criterion_F_min     ? 
_reflns.pdbx_chi_squared             ? 
_reflns.pdbx_scaling_rejects         ? 
_reflns.pdbx_diffrn_id               1 
_reflns.pdbx_ordinal                 1 
# 
_reflns_shell.d_res_high             1.80 
_reflns_shell.d_res_low              1.90 
_reflns_shell.percent_possible_all   99.92 
_reflns_shell.Rmerge_I_obs           0.38 
_reflns_shell.pdbx_Rsym_value        ? 
_reflns_shell.meanI_over_sigI_obs    5.6 
_reflns_shell.pdbx_redundancy        10.8 
_reflns_shell.percent_possible_obs   ? 
_reflns_shell.number_unique_all      ? 
_reflns_shell.number_measured_all    ? 
_reflns_shell.number_measured_obs    ? 
_reflns_shell.number_unique_obs      ? 
_reflns_shell.pdbx_chi_squared       ? 
_reflns_shell.pdbx_diffrn_id         ? 
_reflns_shell.pdbx_ordinal           1 
# 
_refine.entry_id                                 3GK9 
_refine.ls_number_reflns_obs                     15036 
_refine.ls_number_reflns_all                     15825 
_refine.pdbx_ls_sigma_I                          ? 
_refine.pdbx_ls_sigma_F                          ? 
_refine.pdbx_data_cutoff_high_absF               ? 
_refine.pdbx_data_cutoff_low_absF                ? 
_refine.pdbx_data_cutoff_high_rms_absF           ? 
_refine.ls_d_res_low                             25.6 
_refine.ls_d_res_high                            1.80 
_refine.ls_percent_reflns_obs                    99.92 
_refine.ls_R_factor_obs                          0.18695 
_refine.ls_R_factor_all                          0.204 
_refine.ls_R_factor_R_work                       0.18561 
_refine.ls_R_factor_R_free                       0.21112 
_refine.ls_R_factor_R_free_error                 ? 
_refine.ls_R_factor_R_free_error_details         ? 
_refine.ls_percent_reflns_R_free                 5.0 
_refine.ls_number_reflns_R_free                  789 
_refine.ls_number_parameters                     ? 
_refine.ls_number_restraints                     ? 
_refine.occupancy_min                            ? 
_refine.occupancy_max                            ? 
_refine.correlation_coeff_Fo_to_Fc               0.952 
_refine.correlation_coeff_Fo_to_Fc_free          0.944 
_refine.B_iso_mean                               22.013 
_refine.aniso_B[1][1]                            -0.26 
_refine.aniso_B[2][2]                            -0.26 
_refine.aniso_B[3][3]                            0.38 
_refine.aniso_B[1][2]                            -0.13 
_refine.aniso_B[1][3]                            0.00 
_refine.aniso_B[2][3]                            0.00 
_refine.solvent_model_details                    MASK 
_refine.solvent_model_param_ksol                 ? 
_refine.solvent_model_param_bsol                 ? 
_refine.pdbx_solvent_vdw_probe_radii             1.20 
_refine.pdbx_solvent_ion_probe_radii             0.80 
_refine.pdbx_solvent_shrinkage_radii             0.80 
_refine.pdbx_ls_cross_valid_method               THROUGHOUT 
_refine.details                                  'HYDROGENS HAVE BEEN ADDED IN THE RIDING POSITIONS' 
_refine.pdbx_starting_model                      'PDB ENTRY 1Q1F' 
_refine.pdbx_method_to_determine_struct          'FOURIER SYNTHESIS' 
_refine.pdbx_isotropic_thermal_model             ? 
_refine.pdbx_stereochemistry_target_values       'MAXIMUM LIKELIHOOD' 
_refine.pdbx_stereochem_target_val_spec_case     ? 
_refine.pdbx_R_Free_selection_details            RANDOM 
_refine.pdbx_overall_ESU_R                       0.130 
_refine.pdbx_overall_ESU_R_Free                  0.118 
_refine.overall_SU_ML                            0.077 
_refine.overall_SU_B                             2.403 
_refine.ls_redundancy_reflns_obs                 ? 
_refine.B_iso_min                                ? 
_refine.B_iso_max                                ? 
_refine.overall_SU_R_Cruickshank_DPI             ? 
_refine.overall_SU_R_free                        ? 
_refine.ls_wR_factor_R_free                      ? 
_refine.ls_wR_factor_R_work                      ? 
_refine.overall_FOM_free_R_set                   ? 
_refine.overall_FOM_work_R_set                   ? 
_refine.pdbx_refine_id                           'X-RAY DIFFRACTION' 
_refine.pdbx_overall_phase_error                 ? 
_refine.pdbx_diffrn_id                           1 
_refine.pdbx_TLS_residual_ADP_flag               ? 
_refine.pdbx_overall_SU_R_free_Cruickshank_DPI   ? 
_refine.pdbx_overall_SU_R_Blow_DPI               ? 
_refine.pdbx_overall_SU_R_free_Blow_DPI          ? 
# 
_refine_hist.pdbx_refine_id                   'X-RAY DIFFRACTION' 
_refine_hist.cycle_id                         LAST 
_refine_hist.pdbx_number_atoms_protein        1211 
_refine_hist.pdbx_number_atoms_nucleic_acid   0 
_refine_hist.pdbx_number_atoms_ligand         97 
_refine_hist.number_atoms_solvent             83 
_refine_hist.number_atoms_total               1391 
_refine_hist.d_res_high                       1.80 
_refine_hist.d_res_low                        25.6 
# 
loop_
_refine_ls_restr.type 
_refine_ls_restr.dev_ideal 
_refine_ls_restr.dev_ideal_target 
_refine_ls_restr.weight 
_refine_ls_restr.number 
_refine_ls_restr.pdbx_refine_id 
_refine_ls_restr.pdbx_restraint_function 
r_bond_refined_d             0.014  0.022  ? 1352 'X-RAY DIFFRACTION' ? 
r_bond_other_d               ?      ?      ? ?    'X-RAY DIFFRACTION' ? 
r_angle_refined_deg          1.332  2.161  ? 1875 'X-RAY DIFFRACTION' ? 
r_angle_other_deg            ?      ?      ? ?    'X-RAY DIFFRACTION' ? 
r_dihedral_angle_1_deg       4.432  5.000  ? 162  'X-RAY DIFFRACTION' ? 
r_dihedral_angle_2_deg       31.209 22.115 ? 52   'X-RAY DIFFRACTION' ? 
r_dihedral_angle_3_deg       13.023 15.000 ? 210  'X-RAY DIFFRACTION' ? 
r_dihedral_angle_4_deg       18.329 15.000 ? 11   'X-RAY DIFFRACTION' ? 
r_chiral_restr               0.097  0.200  ? 190  'X-RAY DIFFRACTION' ? 
r_gen_planes_refined         0.006  0.020  ? 1044 'X-RAY DIFFRACTION' ? 
r_gen_planes_other           ?      ?      ? ?    'X-RAY DIFFRACTION' ? 
r_nbd_refined                0.208  0.200  ? 708  'X-RAY DIFFRACTION' ? 
r_nbd_other                  ?      ?      ? ?    'X-RAY DIFFRACTION' ? 
r_nbtor_refined              0.297  0.200  ? 938  'X-RAY DIFFRACTION' ? 
r_nbtor_other                ?      ?      ? ?    'X-RAY DIFFRACTION' ? 
r_xyhbond_nbd_refined        0.226  0.200  ? 85   'X-RAY DIFFRACTION' ? 
r_xyhbond_nbd_other          ?      ?      ? ?    'X-RAY DIFFRACTION' ? 
r_metal_ion_refined          ?      ?      ? ?    'X-RAY DIFFRACTION' ? 
r_metal_ion_other            ?      ?      ? ?    'X-RAY DIFFRACTION' ? 
r_symmetry_vdw_refined       0.173  0.200  ? 58   'X-RAY DIFFRACTION' ? 
r_symmetry_vdw_other         ?      ?      ? ?    'X-RAY DIFFRACTION' ? 
r_symmetry_hbond_refined     0.177  0.200  ? 19   'X-RAY DIFFRACTION' ? 
r_symmetry_hbond_other       ?      ?      ? ?    'X-RAY DIFFRACTION' ? 
r_symmetry_metal_ion_refined ?      ?      ? ?    'X-RAY DIFFRACTION' ? 
r_symmetry_metal_ion_other   ?      ?      ? ?    'X-RAY DIFFRACTION' ? 
r_mcbond_it                  0.859  1.500  ? 777  'X-RAY DIFFRACTION' ? 
r_mcbond_other               ?      ?      ? ?    'X-RAY DIFFRACTION' ? 
r_mcangle_it                 1.594  2.000  ? 1263 'X-RAY DIFFRACTION' ? 
r_scbond_it                  2.203  3.000  ? 622  'X-RAY DIFFRACTION' ? 
r_scangle_it                 3.289  4.500  ? 609  'X-RAY DIFFRACTION' ? 
r_rigid_bond_restr           ?      ?      ? ?    'X-RAY DIFFRACTION' ? 
r_sphericity_free            ?      ?      ? ?    'X-RAY DIFFRACTION' ? 
r_sphericity_bonded          ?      ?      ? ?    'X-RAY DIFFRACTION' ? 
# 
_refine_ls_shell.pdbx_total_number_of_bins_used   20 
_refine_ls_shell.d_res_high                       1.800 
_refine_ls_shell.d_res_low                        1.847 
_refine_ls_shell.number_reflns_R_work             1101 
_refine_ls_shell.R_factor_R_work                  0.202 
_refine_ls_shell.percent_reflns_obs               99.91 
_refine_ls_shell.R_factor_R_free                  0.290 
_refine_ls_shell.R_factor_R_free_error            ? 
_refine_ls_shell.percent_reflns_R_free            ? 
_refine_ls_shell.number_reflns_R_free             59 
_refine_ls_shell.number_reflns_all                ? 
_refine_ls_shell.R_factor_all                     ? 
_refine_ls_shell.number_reflns_obs                ? 
_refine_ls_shell.redundancy_reflns_obs            ? 
_refine_ls_shell.pdbx_refine_id                   'X-RAY DIFFRACTION' 
# 
_struct.entry_id                  3GK9 
_struct.title                     'Crystal structure of murine Ngb under Xe pressure' 
_struct.pdbx_model_details        ? 
_struct.pdbx_CASP_flag            ? 
_struct.pdbx_model_type_details   ? 
# 
_struct_keywords.entry_id        3GK9 
_struct_keywords.pdbx_keywords   'OXYGEN STORAGE/TRANSPORT PROTEIN' 
_struct_keywords.text            
'Globin fold, Xenon sites, OXYGEN STORAGE-TRANSPORT PROTEIN COMPLEX, Heme, Iron, Metal-binding, Oxygen transport, Transport' 
# 
loop_
_struct_asym.id 
_struct_asym.pdbx_blank_PDB_chainid_flag 
_struct_asym.pdbx_modified 
_struct_asym.entity_id 
_struct_asym.details 
A N N 1 ? 
B N N 2 ? 
C N N 2 ? 
D N N 2 ? 
E N N 2 ? 
F N N 3 ? 
G N N 4 ? 
H N N 5 ? 
# 
_struct_biol.id        1 
_struct_biol.details   ? 
# 
loop_
_struct_conf.conf_type_id 
_struct_conf.id 
_struct_conf.pdbx_PDB_helix_id 
_struct_conf.beg_label_comp_id 
_struct_conf.beg_label_asym_id 
_struct_conf.beg_label_seq_id 
_struct_conf.pdbx_beg_PDB_ins_code 
_struct_conf.end_label_comp_id 
_struct_conf.end_label_asym_id 
_struct_conf.end_label_seq_id 
_struct_conf.pdbx_end_PDB_ins_code 
_struct_conf.beg_auth_comp_id 
_struct_conf.beg_auth_asym_id 
_struct_conf.beg_auth_seq_id 
_struct_conf.end_auth_comp_id 
_struct_conf.end_auth_asym_id 
_struct_conf.end_auth_seq_id 
_struct_conf.pdbx_PDB_helix_class 
_struct_conf.details 
_struct_conf.pdbx_PDB_helix_length 
HELX_P HELX_P1  1  ARG A 6   ? SER A 20  ? ARG A 3   SER A 17  1 ? 15 
HELX_P HELX_P2  2  SER A 22  ? GLU A 38  ? SER A 19  GLU A 35  1 ? 17 
HELX_P HELX_P3  3  PRO A 39  ? PHE A 45  ? PRO A 36  PHE A 42  5 ? 7  
HELX_P HELX_P4  4  GLN A 46  ? ARG A 50  ? GLN A 43  ARG A 47  5 ? 5  
HELX_P HELX_P5  5  SER A 54  ? LEU A 59  ? SER A 51  LEU A 56  1 ? 6  
HELX_P HELX_P6  6  SER A 61  ? ASN A 81  ? SER A 58  ASN A 78  1 ? 21 
HELX_P HELX_P7  7  LEU A 85  ? GLY A 103 ? LEU A 82  GLY A 100 1 ? 19 
HELX_P HELX_P8  8  SER A 107 ? GLY A 125 ? SER A 104 GLY A 122 1 ? 19 
HELX_P HELX_P9  9  PRO A 126 ? PHE A 128 ? PRO A 123 PHE A 125 5 ? 3  
HELX_P HELX_P10 10 THR A 129 ? ARG A 149 ? THR A 126 ARG A 146 1 ? 21 
# 
_struct_conf_type.id          HELX_P 
_struct_conf_type.criteria    ? 
_struct_conf_type.reference   ? 
# 
loop_
_struct_conn.id 
_struct_conn.conn_type_id 
_struct_conn.pdbx_leaving_atom_flag 
_struct_conn.pdbx_PDB_id 
_struct_conn.ptnr1_label_asym_id 
_struct_conn.ptnr1_label_comp_id 
_struct_conn.ptnr1_label_seq_id 
_struct_conn.ptnr1_label_atom_id 
_struct_conn.pdbx_ptnr1_label_alt_id 
_struct_conn.pdbx_ptnr1_PDB_ins_code 
_struct_conn.pdbx_ptnr1_standard_comp_id 
_struct_conn.ptnr1_symmetry 
_struct_conn.ptnr2_label_asym_id 
_struct_conn.ptnr2_label_comp_id 
_struct_conn.ptnr2_label_seq_id 
_struct_conn.ptnr2_label_atom_id 
_struct_conn.pdbx_ptnr2_label_alt_id 
_struct_conn.pdbx_ptnr2_PDB_ins_code 
_struct_conn.ptnr1_auth_asym_id 
_struct_conn.ptnr1_auth_comp_id 
_struct_conn.ptnr1_auth_seq_id 
_struct_conn.ptnr2_auth_asym_id 
_struct_conn.ptnr2_auth_comp_id 
_struct_conn.ptnr2_auth_seq_id 
_struct_conn.ptnr2_symmetry 
_struct_conn.pdbx_ptnr3_label_atom_id 
_struct_conn.pdbx_ptnr3_label_seq_id 
_struct_conn.pdbx_ptnr3_label_comp_id 
_struct_conn.pdbx_ptnr3_label_asym_id 
_struct_conn.pdbx_ptnr3_label_alt_id 
_struct_conn.pdbx_ptnr3_PDB_ins_code 
_struct_conn.details 
_struct_conn.pdbx_dist_value 
_struct_conn.pdbx_value_order 
_struct_conn.pdbx_role 
metalc1 metalc ? ? A HIS 67 NE2 A ? ? 1_555 G HEM . FE A ? A HIS 64 A HEM 200 1_555 ? ? ? ? ? ? ? 2.067 ? ? 
metalc2 metalc ? ? A HIS 67 NE2 B ? ? 1_555 G HEM . FE B ? A HIS 64 A HEM 200 1_555 ? ? ? ? ? ? ? 2.259 ? ? 
metalc3 metalc ? ? A HIS 99 NE2 A ? ? 1_555 G HEM . FE A ? A HIS 96 A HEM 200 1_555 ? ? ? ? ? ? ? 2.010 ? ? 
metalc4 metalc ? ? A HIS 99 NE2 B ? ? 1_555 G HEM . FE B ? A HIS 96 A HEM 200 1_555 ? ? ? ? ? ? ? 2.118 ? ? 
# 
_struct_conn_type.id          metalc 
_struct_conn_type.criteria    ? 
_struct_conn_type.reference   ? 
# 
loop_
_struct_site.id 
_struct_site.pdbx_evidence_code 
_struct_site.pdbx_auth_asym_id 
_struct_site.pdbx_auth_comp_id 
_struct_site.pdbx_auth_seq_id 
_struct_site.pdbx_auth_ins_code 
_struct_site.pdbx_num_residues 
_struct_site.details 
AC1 Software A XE  152 ? 3  'BINDING SITE FOR RESIDUE XE A 152'  
AC2 Software A XE  153 ? 5  'BINDING SITE FOR RESIDUE XE A 153'  
AC3 Software A XE  155 ? 2  'BINDING SITE FOR RESIDUE XE A 155'  
AC4 Software A SO4 156 ? 6  'BINDING SITE FOR RESIDUE SO4 A 156' 
AC5 Software A HEM 200 ? 22 'BINDING SITE FOR RESIDUE HEM A 200' 
# 
loop_
_struct_site_gen.id 
_struct_site_gen.site_id 
_struct_site_gen.pdbx_num_res 
_struct_site_gen.label_comp_id 
_struct_site_gen.label_asym_id 
_struct_site_gen.label_seq_id 
_struct_site_gen.pdbx_auth_ins_code 
_struct_site_gen.auth_comp_id 
_struct_site_gen.auth_asym_id 
_struct_site_gen.auth_seq_id 
_struct_site_gen.label_atom_id 
_struct_site_gen.label_alt_id 
_struct_site_gen.symmetry 
_struct_site_gen.details 
1  AC1 3  TYR A 91  ? TYR A 88  . ? 10_455 ? 
2  AC1 3  SER A 94  ? SER A 91  . ? 10_455 ? 
3  AC1 3  HEM G .   ? HEM A 200 . ? 10_455 ? 
4  AC2 5  ALA A 32  ? ALA A 29  . ? 1_555  ? 
5  AC2 5  PHE A 35  ? PHE A 32  . ? 1_555  ? 
6  AC2 5  SER A 58  ? SER A 55  . ? 1_555  ? 
7  AC2 5  LEU A 59  ? LEU A 56  . ? 1_555  ? 
8  AC2 5  HOH H .   ? HOH A 240 . ? 1_555  ? 
9  AC3 2  ILE A 75  ? ILE A 72  . ? 1_555  ? 
10 AC3 2  HEM G .   ? HEM A 200 . ? 1_555  ? 
11 AC4 6  SER A 22  ? SER A 19  . ? 1_555  ? 
12 AC4 6  PRO A 23  ? PRO A 20  . ? 1_555  ? 
13 AC4 6  LEU A 24  ? LEU A 21  . ? 1_555  ? 
14 AC4 6  GLU A 25  ? GLU A 22  . ? 1_555  ? 
15 AC4 6  ARG A 69  ? ARG A 66  . ? 1_555  ? 
16 AC4 6  HOH H .   ? HOH A 172 . ? 6_555  ? 
17 AC5 22 LEU A 41  ? LEU A 38  . ? 1_555  ? 
18 AC5 22 LEU A 44  ? LEU A 41  . ? 1_555  ? 
19 AC5 22 PHE A 45  ? PHE A 42  . ? 1_555  ? 
20 AC5 22 TYR A 47  ? TYR A 44  . ? 1_555  ? 
21 AC5 22 HIS A 67  ? HIS A 64  . ? 1_555  ? 
22 AC5 22 LYS A 70  ? LYS A 67  . ? 1_555  ? 
23 AC5 22 LYS A 70  ? LYS A 67  . ? 10_455 ? 
24 AC5 22 VAL A 71  ? VAL A 68  . ? 1_555  ? 
25 AC5 22 VAL A 74  ? VAL A 71  . ? 1_555  ? 
26 AC5 22 TYR A 91  ? TYR A 88  . ? 1_555  ? 
27 AC5 22 LEU A 95  ? LEU A 92  . ? 1_555  ? 
28 AC5 22 LYS A 98  ? LYS A 95  . ? 1_555  ? 
29 AC5 22 HIS A 99  ? HIS A 96  . ? 1_555  ? 
30 AC5 22 VAL A 104 ? VAL A 101 . ? 1_555  ? 
31 AC5 22 PHE A 109 ? PHE A 106 . ? 1_555  ? 
32 AC5 22 VAL A 112 ? VAL A 109 . ? 1_555  ? 
33 AC5 22 XE  B .   ? XE  A 152 . ? 10_455 ? 
34 AC5 22 XE  E .   ? XE  A 155 . ? 1_555  ? 
35 AC5 22 HOH H .   ? HOH A 163 . ? 1_555  ? 
36 AC5 22 HOH H .   ? HOH A 194 . ? 1_555  ? 
37 AC5 22 HOH H .   ? HOH A 215 . ? 10_455 ? 
38 AC5 22 HOH H .   ? HOH A 215 . ? 1_555  ? 
# 
_atom_sites.entry_id                    3GK9 
_atom_sites.fract_transf_matrix[1][1]   -0.00313656 
_atom_sites.fract_transf_matrix[1][2]   -0.00984129 
_atom_sites.fract_transf_matrix[1][3]   0.00789101 
_atom_sites.fract_transf_matrix[2][1]   -0.01241444 
_atom_sites.fract_transf_matrix[2][2]   -0.00197255 
_atom_sites.fract_transf_matrix[2][3]   0.00331129 
_atom_sites.fract_transf_matrix[3][1]   -0.00104868 
_atom_sites.fract_transf_matrix[3][2]   -0.00539536 
_atom_sites.fract_transf_matrix[3][3]   -0.00714567 
_atom_sites.fract_transf_vector[1]      0.040229 
_atom_sites.fract_transf_vector[2]      0.220540 
_atom_sites.fract_transf_vector[3]      0.134784 
# 
loop_
_atom_type.symbol 
C  
FE 
N  
O  
S  
XE 
# 
loop_
_atom_site.group_PDB 
_atom_site.id 
_atom_site.type_symbol 
_atom_site.label_atom_id 
_atom_site.label_alt_id 
_atom_site.label_comp_id 
_atom_site.label_asym_id 
_atom_site.label_entity_id 
_atom_site.label_seq_id 
_atom_site.pdbx_PDB_ins_code 
_atom_site.Cartn_x 
_atom_site.Cartn_y 
_atom_site.Cartn_z 
_atom_site.occupancy 
_atom_site.B_iso_or_equiv 
_atom_site.pdbx_formal_charge 
_atom_site.auth_seq_id 
_atom_site.auth_comp_id 
_atom_site.auth_asym_id 
_atom_site.auth_atom_id 
_atom_site.pdbx_PDB_model_num 
ATOM   1    N  N   . ARG A 1 6   ? -16.549 -17.166 2.610   1.00 49.02 ? 3   ARG A N   1 
ATOM   2    C  CA  . ARG A 1 6   ? -15.086 -17.257 2.903   1.00 49.34 ? 3   ARG A CA  1 
ATOM   3    C  C   . ARG A 1 6   ? -14.775 -16.588 4.248   1.00 48.84 ? 3   ARG A C   1 
ATOM   4    O  O   . ARG A 1 6   ? -14.990 -15.386 4.403   1.00 49.34 ? 3   ARG A O   1 
ATOM   5    C  CB  . ARG A 1 6   ? -14.271 -16.617 1.770   1.00 49.32 ? 3   ARG A CB  1 
ATOM   6    C  CG  . ARG A 1 6   ? -12.830 -17.084 1.689   1.00 49.84 ? 3   ARG A CG  1 
ATOM   7    C  CD  . ARG A 1 6   ? -11.957 -16.062 0.981   1.00 51.40 ? 3   ARG A CD  1 
ATOM   8    N  NE  . ARG A 1 6   ? -11.660 -16.391 -0.415  1.00 52.22 ? 3   ARG A NE  1 
ATOM   9    C  CZ  . ARG A 1 6   ? -10.843 -15.679 -1.195  1.00 53.21 ? 3   ARG A CZ  1 
ATOM   10   N  NH1 . ARG A 1 6   ? -10.242 -14.587 -0.722  1.00 52.80 ? 3   ARG A NH1 1 
ATOM   11   N  NH2 . ARG A 1 6   ? -10.621 -16.051 -2.452  1.00 53.09 ? 3   ARG A NH2 1 
ATOM   12   N  N   . PRO A 1 7   ? -14.294 -17.366 5.240   1.00 48.44 ? 4   PRO A N   1 
ATOM   13   C  CA  . PRO A 1 7   ? -13.943 -16.761 6.539   1.00 47.81 ? 4   PRO A CA  1 
ATOM   14   C  C   . PRO A 1 7   ? -12.791 -15.742 6.471   1.00 47.12 ? 4   PRO A C   1 
ATOM   15   O  O   . PRO A 1 7   ? -12.797 -14.775 7.236   1.00 47.21 ? 4   PRO A O   1 
ATOM   16   C  CB  . PRO A 1 7   ? -13.561 -17.969 7.408   1.00 48.11 ? 4   PRO A CB  1 
ATOM   17   C  CG  . PRO A 1 7   ? -13.232 -19.060 6.445   1.00 48.14 ? 4   PRO A CG  1 
ATOM   18   C  CD  . PRO A 1 7   ? -14.076 -18.826 5.226   1.00 48.39 ? 4   PRO A CD  1 
ATOM   19   N  N   . GLU A 1 8   ? -11.821 -15.966 5.575   1.00 46.01 ? 5   GLU A N   1 
ATOM   20   C  CA  . GLU A 1 8   ? -10.705 -15.029 5.345   1.00 45.02 ? 5   GLU A CA  1 
ATOM   21   C  C   . GLU A 1 8   ? -11.223 -13.635 5.023   1.00 43.40 ? 5   GLU A C   1 
ATOM   22   O  O   . GLU A 1 8   ? -10.730 -12.645 5.560   1.00 42.70 ? 5   GLU A O   1 
ATOM   23   C  CB  . GLU A 1 8   ? -9.835  -15.489 4.175   1.00 45.57 ? 5   GLU A CB  1 
ATOM   24   C  CG  . GLU A 1 8   ? -8.648  -16.355 4.521   1.00 47.80 ? 5   GLU A CG  1 
ATOM   25   C  CD  . GLU A 1 8   ? -8.162  -17.141 3.301   1.00 51.98 ? 5   GLU A CD  1 
ATOM   26   O  OE1 . GLU A 1 8   ? -7.660  -16.527 2.330   1.00 51.53 ? 5   GLU A OE1 1 
ATOM   27   O  OE2 . GLU A 1 8   ? -8.295  -18.387 3.312   1.00 54.10 ? 5   GLU A OE2 1 
ATOM   28   N  N   . SER A 1 9   ? -12.220 -13.576 4.137   1.00 41.76 ? 6   SER A N   1 
ATOM   29   C  CA  . SER A 1 9   ? -12.823 -12.318 3.688   1.00 40.18 ? 6   SER A CA  1 
ATOM   30   C  C   . SER A 1 9   ? -13.470 -11.494 4.793   1.00 39.04 ? 6   SER A C   1 
ATOM   31   O  O   . SER A 1 9   ? -13.404 -10.258 4.769   1.00 38.43 ? 6   SER A O   1 
ATOM   32   C  CB  . SER A 1 9   ? -13.822 -12.576 2.560   1.00 40.39 ? 6   SER A CB  1 
ATOM   33   O  OG  . SER A 1 9   ? -13.126 -12.996 1.398   1.00 40.82 ? 6   SER A OG  1 
ATOM   34   N  N   . GLU A 1 10  ? -14.087 -12.166 5.761   1.00 37.29 ? 7   GLU A N   1 
ATOM   35   C  CA  . GLU A 1 10  ? -14.716 -11.473 6.869   1.00 36.20 ? 7   GLU A CA  1 
ATOM   36   C  C   . GLU A 1 10  ? -13.683 -10.907 7.844   1.00 34.55 ? 7   GLU A C   1 
ATOM   37   O  O   . GLU A 1 10  ? -13.894 -9.851  8.429   1.00 34.67 ? 7   GLU A O   1 
ATOM   38   C  CB  . GLU A 1 10  ? -15.737 -12.386 7.574   1.00 37.09 ? 7   GLU A CB  1 
ATOM   39   C  CG  . GLU A 1 10  ? -16.638 -11.702 8.618   1.00 39.45 ? 7   GLU A CG  1 
ATOM   40   C  CD  . GLU A 1 10  ? -17.470 -10.521 8.079   1.00 42.05 ? 7   GLU A CD  1 
ATOM   41   O  OE1 . GLU A 1 10  ? -17.758 -10.448 6.856   1.00 43.64 ? 7   GLU A OE1 1 
ATOM   42   O  OE2 . GLU A 1 10  ? -17.848 -9.663  8.904   1.00 43.35 ? 7   GLU A OE2 1 
ATOM   43   N  N   . LEU A 1 11  ? -12.567 -11.605 8.017   1.00 32.85 ? 8   LEU A N   1 
ATOM   44   C  CA  . LEU A 1 11  ? -11.502 -11.118 8.889   1.00 31.00 ? 8   LEU A CA  1 
ATOM   45   C  C   . LEU A 1 11  ? -10.899 -9.840  8.304   1.00 29.28 ? 8   LEU A C   1 
ATOM   46   O  O   . LEU A 1 11  ? -10.595 -8.891  9.025   1.00 28.38 ? 8   LEU A O   1 
ATOM   47   C  CB  . LEU A 1 11  ? -10.417 -12.173 9.061   1.00 31.64 ? 8   LEU A CB  1 
ATOM   48   C  CG  . LEU A 1 11  ? -10.721 -13.341 10.012  1.00 32.34 ? 8   LEU A CG  1 
ATOM   49   C  CD1 . LEU A 1 11  ? -9.556  -14.307 9.952   1.00 32.88 ? 8   LEU A CD1 1 
ATOM   50   C  CD2 . LEU A 1 11  ? -10.955 -12.847 11.443  1.00 34.30 ? 8   LEU A CD2 1 
ATOM   51   N  N   . ILE A 1 12  ? -10.745 -9.839  6.991   1.00 27.84 ? 9   ILE A N   1 
ATOM   52   C  CA  . ILE A 1 12  ? -10.272 -8.655  6.276   1.00 26.96 ? 9   ILE A CA  1 
ATOM   53   C  C   . ILE A 1 12  ? -11.290 -7.514  6.388   1.00 27.45 ? 9   ILE A C   1 
ATOM   54   O  O   . ILE A 1 12  ? -10.934 -6.400  6.783   1.00 27.20 ? 9   ILE A O   1 
ATOM   55   C  CB  . ILE A 1 12  ? -9.934  -8.994  4.827   1.00 27.10 ? 9   ILE A CB  1 
ATOM   56   C  CG1 . ILE A 1 12  ? -8.660  -9.845  4.775   1.00 26.85 ? 9   ILE A CG1 1 
ATOM   57   C  CG2 . ILE A 1 12  ? -9.800  -7.711  3.972   1.00 25.27 ? 9   ILE A CG2 1 
ATOM   58   C  CD1 . ILE A 1 12  ? -8.468  -10.553 3.448   1.00 27.51 ? 9   ILE A CD1 1 
ATOM   59   N  N   . ARG A 1 13  ? -12.557 -7.795  6.079   1.00 26.63 ? 10  ARG A N   1 
ATOM   60   C  CA  . ARG A 1 13  ? -13.616 -6.787  6.210   1.00 26.70 ? 10  ARG A CA  1 
ATOM   61   C  C   . ARG A 1 13  ? -13.688 -6.159  7.613   1.00 26.80 ? 10  ARG A C   1 
ATOM   62   O  O   . ARG A 1 13  ? -13.793 -4.940  7.741   1.00 26.95 ? 10  ARG A O   1 
ATOM   63   C  CB  . ARG A 1 13  ? -14.978 -7.361  5.807   1.00 26.73 ? 10  ARG A CB  1 
ATOM   64   C  CG  . ARG A 1 13  ? -15.142 -7.610  4.338   0.50 26.74 ? 10  ARG A CG  1 
ATOM   65   C  CD  . ARG A 1 13  ? -16.598 -7.874  4.031   0.50 28.79 ? 10  ARG A CD  1 
ATOM   66   N  NE  . ARG A 1 13  ? -16.783 -8.914  3.025   0.50 29.15 ? 10  ARG A NE  1 
ATOM   67   C  CZ  . ARG A 1 13  ? -16.638 -8.739  1.714   0.50 30.05 ? 10  ARG A CZ  1 
ATOM   68   N  NH1 . ARG A 1 13  ? -16.267 -7.554  1.211   0.50 29.47 ? 10  ARG A NH1 1 
ATOM   69   N  NH2 . ARG A 1 13  ? -16.842 -9.768  0.905   0.50 30.11 ? 10  ARG A NH2 1 
ATOM   70   N  N   . GLN A 1 14  ? -13.604 -6.975  8.659   1.00 26.35 ? 11  GLN A N   1 
ATOM   71   C  CA  . GLN A 1 14  ? -13.762 -6.484  10.028  1.00 26.62 ? 11  GLN A CA  1 
ATOM   72   C  C   . GLN A 1 14  ? -12.565 -5.658  10.509  1.00 26.20 ? 11  GLN A C   1 
ATOM   73   O  O   . GLN A 1 14  ? -12.724 -4.657  11.217  1.00 25.85 ? 11  GLN A O   1 
ATOM   74   C  CB  . GLN A 1 14  ? -14.028 -7.651  11.000  1.00 27.03 ? 11  GLN A CB  1 
ATOM   75   C  CG  . GLN A 1 14  ? -15.482 -8.143  10.984  0.50 27.65 ? 11  GLN A CG  1 
ATOM   76   C  CD  . GLN A 1 14  ? -16.462 -7.077  11.446  0.50 28.51 ? 11  GLN A CD  1 
ATOM   77   O  OE1 . GLN A 1 14  ? -17.356 -6.671  10.700  0.50 30.69 ? 11  GLN A OE1 1 
ATOM   78   N  NE2 . GLN A 1 14  ? -16.286 -6.603  12.675  0.50 29.01 ? 11  GLN A NE2 1 
ATOM   79   N  N   . SER A 1 15  ? -11.364 -6.086  10.132  1.00 25.63 ? 12  SER A N   1 
ATOM   80   C  CA  . SER A 1 15  ? -10.150 -5.336  10.489  1.00 25.97 ? 12  SER A CA  1 
ATOM   81   C  C   . SER A 1 15  ? -10.023 -4.029  9.692   1.00 25.63 ? 12  SER A C   1 
ATOM   82   O  O   . SER A 1 15  ? -9.552  -3.009  10.215  1.00 26.86 ? 12  SER A O   1 
ATOM   83   C  CB  . SER A 1 15  ? -8.901  -6.213  10.350  1.00 25.89 ? 12  SER A CB  1 
ATOM   84   O  OG  . SER A 1 15  ? -8.846  -6.845  9.085   1.00 25.13 ? 12  SER A OG  1 
ATOM   85   N  N   . TRP A 1 16  ? -10.465 -4.045  8.441   1.00 26.04 ? 13  TRP A N   1 
ATOM   86   C  CA  . TRP A 1 16  ? -10.416 -2.845  7.606   1.00 26.01 ? 13  TRP A CA  1 
ATOM   87   C  C   . TRP A 1 16  ? -11.374 -1.741  8.092   1.00 27.65 ? 13  TRP A C   1 
ATOM   88   O  O   . TRP A 1 16  ? -11.087 -0.545  7.934   1.00 26.94 ? 13  TRP A O   1 
ATOM   89   C  CB  . TRP A 1 16  ? -10.678 -3.194  6.138   1.00 25.51 ? 13  TRP A CB  1 
ATOM   90   C  CG  . TRP A 1 16  ? -10.546 -2.032  5.199   1.00 24.32 ? 13  TRP A CG  1 
ATOM   91   C  CD1 . TRP A 1 16  ? -11.544 -1.452  4.470   1.00 24.31 ? 13  TRP A CD1 1 
ATOM   92   C  CD2 . TRP A 1 16  ? -9.351  -1.292  4.907   1.00 24.45 ? 13  TRP A CD2 1 
ATOM   93   N  NE1 . TRP A 1 16  ? -11.044 -0.400  3.732   1.00 26.21 ? 13  TRP A NE1 1 
ATOM   94   C  CE2 . TRP A 1 16  ? -9.703  -0.277  3.991   1.00 25.26 ? 13  TRP A CE2 1 
ATOM   95   C  CE3 . TRP A 1 16  ? -8.011  -1.395  5.325   1.00 23.35 ? 13  TRP A CE3 1 
ATOM   96   C  CZ2 . TRP A 1 16  ? -8.760  0.634   3.473   1.00 24.49 ? 13  TRP A CZ2 1 
ATOM   97   C  CZ3 . TRP A 1 16  ? -7.078  -0.481  4.821   1.00 23.36 ? 13  TRP A CZ3 1 
ATOM   98   C  CH2 . TRP A 1 16  ? -7.460  0.513   3.901   1.00 23.32 ? 13  TRP A CH2 1 
ATOM   99   N  N   . ARG A 1 17  ? -12.502 -2.137  8.688   1.00 28.63 ? 14  ARG A N   1 
ATOM   100  C  CA  . ARG A 1 17  ? -13.454 -1.165  9.244   1.00 29.99 ? 14  ARG A CA  1 
ATOM   101  C  C   . ARG A 1 17  ? -12.778 -0.225  10.232  1.00 30.22 ? 14  ARG A C   1 
ATOM   102  O  O   . ARG A 1 17  ? -13.020 0.983   10.222  1.00 31.02 ? 14  ARG A O   1 
ATOM   103  C  CB  . ARG A 1 17  ? -14.614 -1.863  9.955   1.00 30.28 ? 14  ARG A CB  1 
ATOM   104  C  CG  . ARG A 1 17  ? -15.783 -2.158  9.064   1.00 31.80 ? 14  ARG A CG  1 
ATOM   105  C  CD  . ARG A 1 17  ? -17.074 -2.333  9.892   1.00 34.57 ? 14  ARG A CD  1 
ATOM   106  N  NE  . ARG A 1 17  ? -16.846 -3.068  11.131  1.00 35.48 ? 14  ARG A NE  1 
ATOM   107  N  N   . VAL A 1 18  ? -11.945 -0.808  11.086  1.00 30.17 ? 15  VAL A N   1 
ATOM   108  C  CA  . VAL A 1 18  ? -11.173 -0.102  12.086  1.00 29.89 ? 15  VAL A CA  1 
ATOM   109  C  C   . VAL A 1 18  ? -10.216 0.918   11.424  1.00 29.20 ? 15  VAL A C   1 
ATOM   110  O  O   . VAL A 1 18  ? -10.180 2.078   11.806  1.00 28.98 ? 15  VAL A O   1 
ATOM   111  C  CB  . VAL A 1 18  ? -10.354 -1.131  12.938  1.00 30.16 ? 15  VAL A CB  1 
ATOM   112  C  CG1 . VAL A 1 18  ? -9.601  -0.465  14.069  1.00 31.48 ? 15  VAL A CG1 1 
ATOM   113  C  CG2 . VAL A 1 18  ? -11.262 -2.267  13.463  1.00 31.20 ? 15  VAL A CG2 1 
ATOM   114  N  N   . VAL A 1 19  ? -9.456  0.455   10.435  1.00 28.10 ? 16  VAL A N   1 
ATOM   115  C  CA  . VAL A 1 19  ? -8.430  1.267   9.754   1.00 27.11 ? 16  VAL A CA  1 
ATOM   116  C  C   . VAL A 1 19  ? -9.051  2.373   8.917   1.00 26.78 ? 16  VAL A C   1 
ATOM   117  O  O   . VAL A 1 19  ? -8.579  3.510   8.898   1.00 25.86 ? 16  VAL A O   1 
ATOM   118  C  CB  . VAL A 1 19  ? -7.580  0.370   8.808   1.00 26.77 ? 16  VAL A CB  1 
ATOM   119  C  CG1 . VAL A 1 19  ? -6.636  1.205   7.964   1.00 26.82 ? 16  VAL A CG1 1 
ATOM   120  C  CG2 . VAL A 1 19  ? -6.805  -0.657  9.603   1.00 27.03 ? 16  VAL A CG2 1 
ATOM   121  N  N   . SER A 1 20  ? -10.128 2.015   8.224   1.00 26.55 ? 17  SER A N   1 
ATOM   122  C  CA  . SER A 1 20  ? -10.702 2.848   7.192   1.00 26.37 ? 17  SER A CA  1 
ATOM   123  C  C   . SER A 1 20  ? -11.372 4.094   7.772   1.00 26.65 ? 17  SER A C   1 
ATOM   124  O  O   . SER A 1 20  ? -11.725 4.988   7.026   1.00 27.16 ? 17  SER A O   1 
ATOM   125  C  CB  . SER A 1 20  ? -11.680 2.023   6.353   1.00 26.25 ? 17  SER A CB  1 
ATOM   126  O  OG  . SER A 1 20  ? -12.811 1.742   7.145   1.00 27.03 ? 17  SER A OG  1 
ATOM   127  N  N   . ARG A 1 21  ? -11.524 4.141   9.099   1.00 26.38 ? 18  ARG A N   1 
ATOM   128  C  CA  . ARG A 1 21  ? -12.065 5.293   9.810   1.00 26.99 ? 18  ARG A CA  1 
ATOM   129  C  C   . ARG A 1 21  ? -11.057 6.448   9.843   1.00 26.35 ? 18  ARG A C   1 
ATOM   130  O  O   . ARG A 1 21  ? -11.454 7.613   9.914   1.00 26.99 ? 18  ARG A O   1 
ATOM   131  C  CB  . ARG A 1 21  ? -12.434 4.909   11.256  1.00 27.58 ? 18  ARG A CB  1 
ATOM   132  C  CG  . ARG A 1 21  ? -13.676 3.992   11.364  1.00 31.22 ? 18  ARG A CG  1 
ATOM   133  C  CD  . ARG A 1 21  ? -13.911 3.521   12.791  1.00 36.34 ? 18  ARG A CD  1 
ATOM   134  N  NE  . ARG A 1 21  ? -14.945 2.477   12.866  1.00 41.18 ? 18  ARG A NE  1 
ATOM   135  C  CZ  . ARG A 1 21  ? -14.928 1.465   13.735  1.00 42.92 ? 18  ARG A CZ  1 
ATOM   136  N  NH1 . ARG A 1 21  ? -15.903 0.559   13.721  0.70 42.80 ? 18  ARG A NH1 1 
ATOM   137  N  NH2 . ARG A 1 21  ? -13.934 1.348   14.613  1.00 42.88 ? 18  ARG A NH2 1 
ATOM   138  N  N   . SER A 1 22  ? -9.761  6.140   9.829   1.00 23.96 ? 19  SER A N   1 
ATOM   139  C  CA  . SER A 1 22  ? -8.750  7.210   9.792   1.00 22.58 ? 19  SER A CA  1 
ATOM   140  C  C   . SER A 1 22  ? -7.659  6.836   8.786   1.00 20.51 ? 19  SER A C   1 
ATOM   141  O  O   . SER A 1 22  ? -6.537  6.512   9.182   1.00 18.99 ? 19  SER A O   1 
ATOM   142  C  CB  . SER A 1 22  ? -8.176  7.489   11.178  1.00 22.45 ? 19  SER A CB  1 
ATOM   143  O  OG  . SER A 1 22  ? -7.719  6.299   11.811  1.00 25.19 ? 19  SER A OG  1 
ATOM   144  N  N   . PRO A 1 23  ? -8.007  6.858   7.490   1.00 19.41 ? 20  PRO A N   1 
ATOM   145  C  CA  . PRO A 1 23  ? -7.105  6.330   6.487   1.00 18.31 ? 20  PRO A CA  1 
ATOM   146  C  C   . PRO A 1 23  ? -5.800  7.073   6.349   1.00 16.42 ? 20  PRO A C   1 
ATOM   147  O  O   . PRO A 1 23  ? -4.781  6.425   6.138   1.00 16.59 ? 20  PRO A O   1 
ATOM   148  C  CB  . PRO A 1 23  ? -7.905  6.418   5.186   1.00 18.56 ? 20  PRO A CB  1 
ATOM   149  C  CG  . PRO A 1 23  ? -9.006  7.377   5.475   1.00 19.72 ? 20  PRO A CG  1 
ATOM   150  C  CD  . PRO A 1 23  ? -9.292  7.290   6.898   1.00 19.91 ? 20  PRO A CD  1 
ATOM   151  N  N   . LEU A 1 24  ? -5.811  8.403   6.444   1.00 15.29 ? 21  LEU A N   1 
ATOM   152  C  CA  . LEU A 1 24  ? -4.547  9.125   6.258   1.00 13.73 ? 21  LEU A CA  1 
ATOM   153  C  C   . LEU A 1 24  ? -3.630  8.847   7.455   1.00 12.80 ? 21  LEU A C   1 
ATOM   154  O  O   . LEU A 1 24  ? -2.427  8.660   7.254   1.00 12.41 ? 21  LEU A O   1 
ATOM   155  C  CB  . LEU A 1 24  ? -4.741  10.635  6.066   1.00 14.79 ? 21  LEU A CB  1 
ATOM   156  C  CG  . LEU A 1 24  ? -3.425  11.414  5.851   1.00 15.07 ? 21  LEU A CG  1 
ATOM   157  C  CD1 . LEU A 1 24  ? -2.723  10.921  4.598   1.00 18.14 ? 21  LEU A CD1 1 
ATOM   158  C  CD2 . LEU A 1 24  ? -3.635  12.956  5.793   1.00 19.22 ? 21  LEU A CD2 1 
ATOM   159  N  N   . GLU A 1 25  ? -4.188  8.834   8.671   1.00 12.46 ? 22  GLU A N   1 
ATOM   160  C  CA  . GLU A 1 25  ? -3.378  8.577   9.871   1.00 12.40 ? 22  GLU A CA  1 
ATOM   161  C  C   . GLU A 1 25  ? -2.741  7.211   9.737   1.00 13.13 ? 22  GLU A C   1 
ATOM   162  O  O   . GLU A 1 25  ? -1.551  7.047   9.978   1.00 13.22 ? 22  GLU A O   1 
ATOM   163  C  CB  . GLU A 1 25  ? -4.212  8.663   11.145  1.00 12.58 ? 22  GLU A CB  1 
ATOM   164  C  CG  . GLU A 1 25  ? -4.678  10.075  11.460  0.50 12.34 ? 22  GLU A CG  1 
ATOM   165  C  CD  . GLU A 1 25  ? -5.729  10.098  12.554  0.50 13.05 ? 22  GLU A CD  1 
ATOM   166  O  OE1 . GLU A 1 25  ? -5.748  9.166   13.373  0.50 14.29 ? 22  GLU A OE1 1 
ATOM   167  O  OE2 . GLU A 1 25  ? -6.528  11.058  12.599  0.50 17.35 ? 22  GLU A OE2 1 
ATOM   168  N  N   . HIS A 1 26  ? -3.528  6.226   9.308   1.00 12.86 ? 23  HIS A N   1 
ATOM   169  C  CA  . HIS A 1 26  ? -2.985  4.884   9.163   1.00 12.90 ? 23  HIS A CA  1 
ATOM   170  C  C   . HIS A 1 26  ? -1.965  4.775   8.022   1.00 12.19 ? 23  HIS A C   1 
ATOM   171  O  O   . HIS A 1 26  ? -0.905  4.153   8.196   1.00 11.86 ? 23  HIS A O   1 
ATOM   172  C  CB  . HIS A 1 26  ? -4.118  3.861   8.968   1.00 13.53 ? 23  HIS A CB  1 
ATOM   173  C  CG  . HIS A 1 26  ? -4.833  3.485   10.228  1.00 16.47 ? 23  HIS A CG  1 
ATOM   174  N  ND1 . HIS A 1 26  ? -5.776  4.294   10.826  1.00 19.35 ? 23  HIS A ND1 1 
ATOM   175  C  CD2 . HIS A 1 26  ? -4.776  2.355   10.976  1.00 19.24 ? 23  HIS A CD2 1 
ATOM   176  C  CE1 . HIS A 1 26  ? -6.253  3.685   11.901  1.00 21.96 ? 23  HIS A CE1 1 
ATOM   177  N  NE2 . HIS A 1 26  ? -5.663  2.507   12.012  1.00 20.98 ? 23  HIS A NE2 1 
ATOM   178  N  N   . GLY A 1 27  ? -2.268  5.375   6.868   1.00 11.80 ? 24  GLY A N   1 
ATOM   179  C  CA  . GLY A 1 27  ? -1.365  5.357   5.711   1.00 10.85 ? 24  GLY A CA  1 
ATOM   180  C  C   . GLY A 1 27  ? -0.052  6.076   6.009   1.00 10.73 ? 24  GLY A C   1 
ATOM   181  O  O   . GLY A 1 27  ? 0.989   5.724   5.462   1.00 10.76 ? 24  GLY A O   1 
ATOM   182  N  N   . THR A 1 28  ? -0.123  7.078   6.886   1.00 9.78  ? 25  THR A N   1 
ATOM   183  C  CA  . THR A 1 28  ? 1.073   7.782   7.356   1.00 10.62 ? 25  THR A CA  1 
ATOM   184  C  C   . THR A 1 28  ? 2.002   6.798   8.079   1.00 10.93 ? 25  THR A C   1 
ATOM   185  O  O   . THR A 1 28  ? 3.201   6.800   7.841   1.00 10.84 ? 25  THR A O   1 
ATOM   186  C  CB  . THR A 1 28  ? 0.693   9.004   8.223   1.00 11.44 ? 25  THR A CB  1 
ATOM   187  O  OG1 . THR A 1 28  ? 0.066   9.994   7.382   1.00 12.55 ? 25  THR A OG1 1 
ATOM   188  C  CG2 . THR A 1 28  ? 1.930   9.618   8.898   1.00 11.35 ? 25  THR A CG2 1 
ATOM   189  N  N   . VAL A 1 29  ? 1.453   5.951   8.948   1.00 9.61  ? 26  VAL A N   1 
ATOM   190  C  CA  . VAL A 1 29  ? 2.282   4.902   9.606   1.00 10.72 ? 26  VAL A CA  1 
ATOM   191  C  C   . VAL A 1 29  ? 2.926   3.988   8.563   1.00 10.97 ? 26  VAL A C   1 
ATOM   192  O  O   . VAL A 1 29  ? 4.112   3.669   8.628   1.00 11.00 ? 26  VAL A O   1 
ATOM   193  C  CB  . VAL A 1 29  ? 1.451   4.054   10.600  1.00 12.09 ? 26  VAL A CB  1 
ATOM   194  C  CG1 . VAL A 1 29  ? 2.296   2.835   11.124  1.00 12.02 ? 26  VAL A CG1 1 
ATOM   195  C  CG2 . VAL A 1 29  ? 0.914   4.925   11.724  1.00 12.15 ? 26  VAL A CG2 1 
ATOM   196  N  N   . LEU A 1 30  ? 2.121   3.556   7.592   1.00 10.07 ? 27  LEU A N   1 
ATOM   197  C  CA  . LEU A 1 30  ? 2.606   2.665   6.541   1.00 10.45 ? 27  LEU A CA  1 
ATOM   198  C  C   . LEU A 1 30  ? 3.828   3.294   5.818   1.00 10.52 ? 27  LEU A C   1 
ATOM   199  O  O   . LEU A 1 30  ? 4.892   2.651   5.717   1.00 9.96  ? 27  LEU A O   1 
ATOM   200  C  CB  . LEU A 1 30  ? 1.469   2.345   5.559   1.00 10.82 ? 27  LEU A CB  1 
ATOM   201  C  CG  . LEU A 1 30  ? 1.677   1.240   4.500   1.00 13.49 ? 27  LEU A CG  1 
ATOM   202  C  CD1 . LEU A 1 30  ? 0.309   0.890   3.870   1.00 14.83 ? 27  LEU A CD1 1 
ATOM   203  C  CD2 . LEU A 1 30  ? 2.691   1.606   3.395   1.00 12.70 ? 27  LEU A CD2 1 
ATOM   204  N  N   . PHE A 1 31  ? 3.690   4.546   5.380   1.00 10.82 ? 28  PHE A N   1 
ATOM   205  C  CA  . PHE A 1 31  ? 4.784   5.190   4.637   1.00 10.22 ? 28  PHE A CA  1 
ATOM   206  C  C   . PHE A 1 31  ? 5.974   5.550   5.505   1.00 9.93  ? 28  PHE A C   1 
ATOM   207  O  O   . PHE A 1 31  ? 7.116   5.463   5.040   1.00 10.04 ? 28  PHE A O   1 
ATOM   208  C  CB  . PHE A 1 31  ? 4.299   6.336   3.738   1.00 10.12 ? 28  PHE A CB  1 
ATOM   209  C  CG  . PHE A 1 31  ? 3.734   5.821   2.456   1.00 11.86 ? 28  PHE A CG  1 
ATOM   210  C  CD1 . PHE A 1 31  ? 4.573   5.565   1.377   1.00 12.16 ? 28  PHE A CD1 1 
ATOM   211  C  CD2 . PHE A 1 31  ? 2.406   5.432   2.386   1.00 12.15 ? 28  PHE A CD2 1 
ATOM   212  C  CE1 . PHE A 1 31  ? 4.048   5.003   0.182   1.00 15.84 ? 28  PHE A CE1 1 
ATOM   213  C  CE2 . PHE A 1 31  ? 1.878   4.834   1.202   1.00 14.84 ? 28  PHE A CE2 1 
ATOM   214  C  CZ  . PHE A 1 31  ? 2.692   4.631   0.124   1.00 14.93 ? 28  PHE A CZ  1 
ATOM   215  N  N   . ALA A 1 32  ? 5.718   5.906   6.764   1.00 9.82  ? 29  ALA A N   1 
ATOM   216  C  CA  . ALA A 1 32  ? 6.852   6.178   7.699   1.00 10.36 ? 29  ALA A CA  1 
ATOM   217  C  C   . ALA A 1 32  ? 7.659   4.892   7.865   1.00 9.26  ? 29  ALA A C   1 
ATOM   218  O  O   . ALA A 1 32  ? 8.899   4.878   7.769   1.00 9.64  ? 29  ALA A O   1 
ATOM   219  C  CB  . ALA A 1 32  ? 6.308   6.656   9.064   1.00 9.66  ? 29  ALA A CB  1 
ATOM   220  N  N   . ARG A 1 33  ? 6.955   3.790   8.069   1.00 9.99  ? 30  ARG A N   1 
ATOM   221  C  CA  . ARG A 1 33  ? 7.647   2.501   8.191   1.00 9.20  ? 30  ARG A CA  1 
ATOM   222  C  C   . ARG A 1 33  ? 8.395   2.142   6.889   1.00 9.52  ? 30  ARG A C   1 
ATOM   223  O  O   . ARG A 1 33  ? 9.504   1.623   6.924   1.00 8.92  ? 30  ARG A O   1 
ATOM   224  C  CB  . ARG A 1 33  ? 6.614   1.404   8.559   1.00 9.51  ? 30  ARG A CB  1 
ATOM   225  C  CG  . ARG A 1 33  ? 7.166   -0.018  8.600   1.00 9.64  ? 30  ARG A CG  1 
ATOM   226  C  CD  . ARG A 1 33  ? 8.155   -0.094  9.735   1.00 10.73 ? 30  ARG A CD  1 
ATOM   227  N  NE  . ARG A 1 33  ? 8.511   -1.449  10.110  1.00 11.20 ? 30  ARG A NE  1 
ATOM   228  C  CZ  . ARG A 1 33  ? 9.402   -1.729  11.068  1.00 12.98 ? 30  ARG A CZ  1 
ATOM   229  N  NH1 . ARG A 1 33  ? 10.044  -0.740  11.709  1.00 11.53 ? 30  ARG A NH1 1 
ATOM   230  N  NH2 . ARG A 1 33  ? 9.678   -3.000  11.350  1.00 12.91 ? 30  ARG A NH2 1 
ATOM   231  N  N   . LEU A 1 34  ? 7.748   2.340   5.746   1.00 8.67  ? 31  LEU A N   1 
ATOM   232  C  CA  . LEU A 1 34  ? 8.377   2.055   4.433   1.00 8.83  ? 31  LEU A CA  1 
ATOM   233  C  C   . LEU A 1 34  ? 9.716   2.748   4.221   1.00 9.40  ? 31  LEU A C   1 
ATOM   234  O  O   . LEU A 1 34  ? 10.683  2.109   3.800   1.00 8.66  ? 31  LEU A O   1 
ATOM   235  C  CB  . LEU A 1 34  ? 7.414   2.411   3.295   1.00 9.39  ? 31  LEU A CB  1 
ATOM   236  C  CG  . LEU A 1 34  ? 7.847   2.047   1.859   1.00 9.59  ? 31  LEU A CG  1 
ATOM   237  C  CD1 . LEU A 1 34  ? 8.132   0.531   1.728   1.00 12.76 ? 31  LEU A CD1 1 
ATOM   238  C  CD2 . LEU A 1 34  ? 6.680   2.472   0.921   1.00 11.31 ? 31  LEU A CD2 1 
ATOM   239  N  N   . PHE A 1 35  ? 9.765   4.057   4.474   1.00 9.01  ? 32  PHE A N   1 
ATOM   240  C  CA  . PHE A 1 35  ? 10.998  4.795   4.312   1.00 9.73  ? 32  PHE A CA  1 
ATOM   241  C  C   . PHE A 1 35  ? 12.026  4.435   5.373   1.00 11.02 ? 32  PHE A C   1 
ATOM   242  O  O   . PHE A 1 35  ? 13.238  4.551   5.129   1.00 11.61 ? 32  PHE A O   1 
ATOM   243  C  CB  . PHE A 1 35  ? 10.759  6.308   4.331   1.00 9.55  ? 32  PHE A CB  1 
ATOM   244  C  CG  . PHE A 1 35  ? 9.969   6.811   3.144   1.00 9.84  ? 32  PHE A CG  1 
ATOM   245  C  CD1 . PHE A 1 35  ? 10.138  6.256   1.878   1.00 11.52 ? 32  PHE A CD1 1 
ATOM   246  C  CD2 . PHE A 1 35  ? 9.095   7.879   3.310   1.00 10.68 ? 32  PHE A CD2 1 
ATOM   247  C  CE1 . PHE A 1 35  ? 9.358   6.742   0.759   1.00 12.60 ? 32  PHE A CE1 1 
ATOM   248  C  CE2 . PHE A 1 35  ? 8.348   8.387   2.246   1.00 13.46 ? 32  PHE A CE2 1 
ATOM   249  C  CZ  . PHE A 1 35  ? 8.477   7.833   0.969   1.00 12.10 ? 32  PHE A CZ  1 
ATOM   250  N  N   . ALA A 1 36  ? 11.563  4.010   6.538   1.00 10.86 ? 33  ALA A N   1 
ATOM   251  C  CA  . ALA A 1 36  ? 12.522  3.552   7.562   1.00 11.90 ? 33  ALA A CA  1 
ATOM   252  C  C   . ALA A 1 36  ? 13.195  2.247   7.119   1.00 13.01 ? 33  ALA A C   1 
ATOM   253  O  O   . ALA A 1 36  ? 14.394  2.043   7.360   1.00 14.09 ? 33  ALA A O   1 
ATOM   254  C  CB  . ALA A 1 36  ? 11.854  3.404   8.912   1.00 12.55 ? 33  ALA A CB  1 
ATOM   255  N  N   . LEU A 1 37  ? 12.438  1.375   6.452   1.00 12.81 ? 34  LEU A N   1 
ATOM   256  C  CA  . LEU A 1 37  ? 12.985  0.106   5.941   1.00 12.87 ? 34  LEU A CA  1 
ATOM   257  C  C   . LEU A 1 37  ? 13.759  0.253   4.640   1.00 13.67 ? 34  LEU A C   1 
ATOM   258  O  O   . LEU A 1 37  ? 14.778  -0.451  4.443   1.00 13.75 ? 34  LEU A O   1 
ATOM   259  C  CB  . LEU A 1 37  ? 11.857  -0.911  5.740   1.00 12.59 ? 34  LEU A CB  1 
ATOM   260  C  CG  . LEU A 1 37  ? 11.060  -1.271  7.012   1.00 13.27 ? 34  LEU A CG  1 
ATOM   261  C  CD1 . LEU A 1 37  ? 9.885   -2.179  6.606   1.00 13.01 ? 34  LEU A CD1 1 
ATOM   262  C  CD2 . LEU A 1 37  ? 11.945  -1.901  8.142   1.00 12.89 ? 34  LEU A CD2 1 
ATOM   263  N  N   . GLU A 1 38  ? 13.266  1.111   3.738   1.00 13.17 ? 35  GLU A N   1 
ATOM   264  C  CA  . GLU A 1 38  ? 13.849  1.232   2.393   1.00 13.40 ? 35  GLU A CA  1 
ATOM   265  C  C   . GLU A 1 38  ? 13.960  2.719   2.013   1.00 12.27 ? 35  GLU A C   1 
ATOM   266  O  O   . GLU A 1 38  ? 13.142  3.235   1.244   1.00 10.65 ? 35  GLU A O   1 
ATOM   267  C  CB  . GLU A 1 38  ? 12.999  0.479   1.357   1.00 13.85 ? 35  GLU A CB  1 
ATOM   268  C  CG  . GLU A 1 38  ? 13.725  0.269   0.046   1.00 15.33 ? 35  GLU A CG  1 
ATOM   269  C  CD  . GLU A 1 38  ? 13.010  -0.712  -0.895  1.00 21.13 ? 35  GLU A CD  1 
ATOM   270  O  OE1 . GLU A 1 38  ? 12.429  -1.703  -0.408  1.00 23.54 ? 35  GLU A OE1 1 
ATOM   271  O  OE2 . GLU A 1 38  ? 13.044  -0.486  -2.120  1.00 22.61 ? 35  GLU A OE2 1 
ATOM   272  N  N   . PRO A 1 39  ? 14.947  3.429   2.588   1.00 12.71 ? 36  PRO A N   1 
ATOM   273  C  CA  . PRO A 1 39  ? 15.155  4.850   2.331   1.00 13.03 ? 36  PRO A CA  1 
ATOM   274  C  C   . PRO A 1 39  ? 15.249  5.222   0.825   1.00 11.91 ? 36  PRO A C   1 
ATOM   275  O  O   . PRO A 1 39  ? 14.878  6.342   0.449   1.00 10.67 ? 36  PRO A O   1 
ATOM   276  C  CB  . PRO A 1 39  ? 16.514  5.135   3.016   1.00 13.80 ? 36  PRO A CB  1 
ATOM   277  C  CG  . PRO A 1 39  ? 16.696  4.110   4.004   1.00 15.22 ? 36  PRO A CG  1 
ATOM   278  C  CD  . PRO A 1 39  ? 15.882  2.908   3.610   1.00 13.40 ? 36  PRO A CD  1 
ATOM   279  N  N   . SER A 1 40  ? 15.725  4.285   0.000   1.00 11.79 ? 37  SER A N   1 
ATOM   280  C  CA  . SER A 1 40  ? 15.986  4.558   -1.411  1.00 12.70 ? 37  SER A CA  1 
ATOM   281  C  C   . SER A 1 40  ? 14.694  4.775   -2.221  1.00 12.56 ? 37  SER A C   1 
ATOM   282  O  O   . SER A 1 40  ? 14.754  5.168   -3.398  1.00 13.12 ? 37  SER A O   1 
ATOM   283  C  CB  . SER A 1 40  ? 16.874  3.467   -2.025  1.00 13.25 ? 37  SER A CB  1 
ATOM   284  O  OG  . SER A 1 40  ? 16.222  2.198   -1.984  1.00 14.65 ? 37  SER A OG  1 
ATOM   285  N  N   . LEU A 1 41  ? 13.531  4.520   -1.599  1.00 11.53 ? 38  LEU A N   1 
ATOM   286  C  CA  . LEU A 1 41  ? 12.231  4.815   -2.232  1.00 11.76 ? 38  LEU A CA  1 
ATOM   287  C  C   . LEU A 1 41  ? 11.874  6.311   -2.192  1.00 12.07 ? 38  LEU A C   1 
ATOM   288  O  O   . LEU A 1 41  ? 11.063  6.791   -2.984  1.00 12.39 ? 38  LEU A O   1 
ATOM   289  C  CB  . LEU A 1 41  ? 11.106  3.990   -1.565  1.00 11.67 ? 38  LEU A CB  1 
ATOM   290  C  CG  . LEU A 1 41  ? 11.164  2.481   -1.803  1.00 13.88 ? 38  LEU A CG  1 
ATOM   291  C  CD1 . LEU A 1 41  ? 10.159  1.703   -0.911  1.00 14.67 ? 38  LEU A CD1 1 
ATOM   292  C  CD2 . LEU A 1 41  ? 10.918  2.144   -3.300  1.00 14.99 ? 38  LEU A CD2 1 
ATOM   293  N  N   . LEU A 1 42  ? 12.472  7.057   -1.259  1.00 12.71 ? 39  LEU A N   1 
ATOM   294  C  CA  . LEU A 1 42  ? 12.137  8.472   -1.102  1.00 12.90 ? 39  LEU A CA  1 
ATOM   295  C  C   . LEU A 1 42  ? 12.244  9.326   -2.403  1.00 13.41 ? 39  LEU A C   1 
ATOM   296  O  O   . LEU A 1 42  ? 11.324  10.084  -2.695  1.00 12.90 ? 39  LEU A O   1 
ATOM   297  C  CB  . LEU A 1 42  ? 12.950  9.105   0.045   1.00 13.43 ? 39  LEU A CB  1 
ATOM   298  C  CG  . LEU A 1 42  ? 12.570  10.546  0.381   1.00 14.03 ? 39  LEU A CG  1 
ATOM   299  C  CD1 . LEU A 1 42  ? 11.111  10.617  0.875   1.00 15.38 ? 39  LEU A CD1 1 
ATOM   300  C  CD2 . LEU A 1 42  ? 13.524  11.039  1.481   1.00 17.72 ? 39  LEU A CD2 1 
ATOM   301  N  N   . PRO A 1 43  ? 13.355  9.215   -3.173  1.00 13.85 ? 40  PRO A N   1 
ATOM   302  C  CA  . PRO A 1 43  ? 13.476  10.045  -4.393  1.00 14.43 ? 40  PRO A CA  1 
ATOM   303  C  C   . PRO A 1 43  ? 12.434  9.760   -5.457  1.00 15.10 ? 40  PRO A C   1 
ATOM   304  O  O   . PRO A 1 43  ? 12.319  10.547  -6.380  1.00 16.39 ? 40  PRO A O   1 
ATOM   305  C  CB  . PRO A 1 43  ? 14.866  9.670   -4.980  1.00 14.99 ? 40  PRO A CB  1 
ATOM   306  C  CG  . PRO A 1 43  ? 15.564  8.958   -3.962  1.00 14.72 ? 40  PRO A CG  1 
ATOM   307  C  CD  . PRO A 1 43  ? 14.552  8.373   -2.966  1.00 14.48 ? 40  PRO A CD  1 
ATOM   308  N  N   . LEU A 1 44  ? 11.722  8.636   -5.374  1.00 14.21 ? 41  LEU A N   1 
ATOM   309  C  CA  . LEU A 1 44  ? 10.771  8.291   -6.434  1.00 16.19 ? 41  LEU A CA  1 
ATOM   310  C  C   . LEU A 1 44  ? 9.543   9.240   -6.460  1.00 17.29 ? 41  LEU A C   1 
ATOM   311  O  O   . LEU A 1 44  ? 8.856   9.350   -7.478  1.00 18.60 ? 41  LEU A O   1 
ATOM   312  C  CB  . LEU A 1 44  ? 10.379  6.813   -6.357  1.00 14.93 ? 41  LEU A CB  1 
ATOM   313  C  CG  . LEU A 1 44  ? 11.509  5.773   -6.569  1.00 16.47 ? 41  LEU A CG  1 
ATOM   314  C  CD1 . LEU A 1 44  ? 10.957  4.359   -6.546  1.00 18.24 ? 41  LEU A CD1 1 
ATOM   315  C  CD2 . LEU A 1 44  ? 12.384  5.976   -7.860  1.00 17.64 ? 41  LEU A CD2 1 
ATOM   316  N  N   . PHE A 1 45  ? 9.290   9.954   -5.360  1.00 18.29 ? 42  PHE A N   1 
ATOM   317  C  CA  . PHE A 1 45  ? 8.158   10.899  -5.288  1.00 20.68 ? 42  PHE A CA  1 
ATOM   318  C  C   . PHE A 1 45  ? 8.615   12.295  -5.659  1.00 23.41 ? 42  PHE A C   1 
ATOM   319  O  O   . PHE A 1 45  ? 8.948   13.084  -4.749  1.00 24.76 ? 42  PHE A O   1 
ATOM   320  C  CB  . PHE A 1 45  ? 7.581   10.950  -3.867  1.00 20.06 ? 42  PHE A CB  1 
ATOM   321  C  CG  . PHE A 1 45  ? 6.942   9.689   -3.439  1.00 19.90 ? 42  PHE A CG  1 
ATOM   322  C  CD1 . PHE A 1 45  ? 5.593   9.436   -3.756  1.00 17.08 ? 42  PHE A CD1 1 
ATOM   323  C  CD2 . PHE A 1 45  ? 7.665   8.727   -2.732  1.00 16.60 ? 42  PHE A CD2 1 
ATOM   324  C  CE1 . PHE A 1 45  ? 4.988   8.262   -3.359  1.00 17.23 ? 42  PHE A CE1 1 
ATOM   325  C  CE2 . PHE A 1 45  ? 7.077   7.519   -2.356  1.00 17.73 ? 42  PHE A CE2 1 
ATOM   326  C  CZ  . PHE A 1 45  ? 5.722   7.277   -2.673  1.00 17.93 ? 42  PHE A CZ  1 
ATOM   327  N  N   . GLN A 1 46  ? 8.587   12.634  -6.957  1.00 24.62 ? 43  GLN A N   1 
ATOM   328  C  CA  A GLN A 1 46  ? 9.185   13.895  -7.425  0.50 26.12 ? 43  GLN A CA  1 
ATOM   329  C  CA  B GLN A 1 46  ? 9.183   13.888  -7.452  0.50 26.27 ? 43  GLN A CA  1 
ATOM   330  C  C   . GLN A 1 46  ? 8.188   15.005  -7.805  1.00 26.74 ? 43  GLN A C   1 
ATOM   331  O  O   . GLN A 1 46  ? 8.041   15.391  -8.979  1.00 28.97 ? 43  GLN A O   1 
ATOM   332  C  CB  A GLN A 1 46  ? 10.208  13.626  -8.542  0.50 26.40 ? 43  GLN A CB  1 
ATOM   333  C  CB  B GLN A 1 46  ? 10.137  13.618  -8.635  0.50 26.60 ? 43  GLN A CB  1 
ATOM   334  C  CG  A GLN A 1 46  ? 11.570  13.126  -8.017  0.50 27.31 ? 43  GLN A CG  1 
ATOM   335  C  CG  B GLN A 1 46  ? 9.590   12.696  -9.726  0.50 28.34 ? 43  GLN A CG  1 
ATOM   336  C  CD  A GLN A 1 46  ? 12.304  12.225  -9.006  0.50 29.33 ? 43  GLN A CD  1 
ATOM   337  C  CD  B GLN A 1 46  ? 10.363  12.797  -11.039 0.50 30.63 ? 43  GLN A CD  1 
ATOM   338  O  OE1 A GLN A 1 46  ? 11.875  12.050  -10.154 0.50 31.89 ? 43  GLN A OE1 1 
ATOM   339  O  OE1 B GLN A 1 46  ? 11.596  12.806  -11.058 0.50 32.58 ? 43  GLN A OE1 1 
ATOM   340  N  NE2 A GLN A 1 46  ? 13.421  11.650  -8.566  0.50 26.59 ? 43  GLN A NE2 1 
ATOM   341  N  NE2 B GLN A 1 46  ? 9.635   12.865  -12.146 0.50 31.51 ? 43  GLN A NE2 1 
ATOM   342  N  N   . TYR A 1 47  ? 7.545   15.572  -6.805  1.00 26.44 ? 44  TYR A N   1 
ATOM   343  C  CA  . TYR A 1 47  ? 6.540   16.602  -7.061  1.00 26.31 ? 44  TYR A CA  1 
ATOM   344  C  C   . TYR A 1 47  ? 7.187   17.953  -7.318  1.00 27.91 ? 44  TYR A C   1 
ATOM   345  O  O   . TYR A 1 47  ? 8.114   18.350  -6.607  1.00 27.16 ? 44  TYR A O   1 
ATOM   346  C  CB  . TYR A 1 47  ? 5.571   16.681  -5.899  1.00 24.97 ? 44  TYR A CB  1 
ATOM   347  C  CG  . TYR A 1 47  ? 4.947   15.337  -5.621  1.00 22.60 ? 44  TYR A CG  1 
ATOM   348  C  CD1 . TYR A 1 47  ? 4.084   14.754  -6.543  1.00 20.10 ? 44  TYR A CD1 1 
ATOM   349  C  CD2 . TYR A 1 47  ? 5.244   14.633  -4.448  1.00 20.92 ? 44  TYR A CD2 1 
ATOM   350  C  CE1 . TYR A 1 47  ? 3.512   13.515  -6.293  1.00 18.71 ? 44  TYR A CE1 1 
ATOM   351  C  CE2 . TYR A 1 47  ? 4.673   13.396  -4.192  1.00 19.06 ? 44  TYR A CE2 1 
ATOM   352  C  CZ  . TYR A 1 47  ? 3.805   12.844  -5.120  1.00 19.74 ? 44  TYR A CZ  1 
ATOM   353  O  OH  . TYR A 1 47  ? 3.255   11.612  -4.895  1.00 16.47 ? 44  TYR A OH  1 
ATOM   354  N  N   . ASN A 1 48  ? 6.677   18.633  -8.346  1.00 29.27 ? 45  ASN A N   1 
ATOM   355  C  CA  . ASN A 1 48  ? 7.213   19.916  -8.793  1.00 31.34 ? 45  ASN A CA  1 
ATOM   356  C  C   . ASN A 1 48  ? 8.692   19.823  -9.170  1.00 31.10 ? 45  ASN A C   1 
ATOM   357  O  O   . ASN A 1 48  ? 9.442   20.753  -8.961  1.00 32.47 ? 45  ASN A O   1 
ATOM   358  C  CB  . ASN A 1 48  ? 6.940   20.995  -7.745  1.00 32.33 ? 45  ASN A CB  1 
ATOM   359  C  CG  . ASN A 1 48  ? 5.463   21.127  -7.435  0.70 35.28 ? 45  ASN A CG  1 
ATOM   360  O  OD1 . ASN A 1 48  ? 5.039   21.012  -6.280  1.00 40.04 ? 45  ASN A OD1 1 
ATOM   361  N  ND2 . ASN A 1 48  ? 4.660   21.317  -8.479  1.00 38.02 ? 45  ASN A ND2 1 
ATOM   362  N  N   . GLY A 1 49  ? 9.077   18.678  -9.738  1.00 31.25 ? 46  GLY A N   1 
ATOM   363  C  CA  . GLY A 1 49  ? 10.446  18.413  -10.197 1.00 30.66 ? 46  GLY A CA  1 
ATOM   364  C  C   . GLY A 1 49  ? 11.535  18.400  -9.118  1.00 30.22 ? 46  GLY A C   1 
ATOM   365  O  O   . GLY A 1 49  ? 12.722  18.588  -9.425  1.00 30.71 ? 46  GLY A O   1 
ATOM   366  N  N   . ARG A 1 50  ? 11.131  18.198  -7.862  1.00 28.02 ? 47  ARG A N   1 
ATOM   367  C  CA  . ARG A 1 50  ? 12.066  18.224  -6.727  1.00 26.43 ? 47  ARG A CA  1 
ATOM   368  C  C   . ARG A 1 50  ? 12.030  16.894  -5.993  1.00 24.28 ? 47  ARG A C   1 
ATOM   369  O  O   . ARG A 1 50  ? 10.991  16.226  -5.992  1.00 23.73 ? 47  ARG A O   1 
ATOM   370  C  CB  . ARG A 1 50  ? 11.652  19.296  -5.737  1.00 26.98 ? 47  ARG A CB  1 
ATOM   371  C  CG  . ARG A 1 50  ? 12.031  20.716  -6.112  1.00 30.17 ? 47  ARG A CG  1 
ATOM   372  C  CD  . ARG A 1 50  ? 11.562  21.658  -5.002  1.00 34.63 ? 47  ARG A CD  1 
ATOM   373  N  NE  . ARG A 1 50  ? 12.141  22.993  -5.144  1.00 37.64 ? 47  ARG A NE  1 
ATOM   374  N  N   . GLN A 1 51  ? 13.150  16.495  -5.389  1.00 21.16 ? 48  GLN A N   1 
ATOM   375  C  CA  . GLN A 1 51  ? 13.093  15.326  -4.515  1.00 19.59 ? 48  GLN A CA  1 
ATOM   376  C  C   . GLN A 1 51  ? 13.119  15.677  -3.025  1.00 17.39 ? 48  GLN A C   1 
ATOM   377  O  O   . GLN A 1 51  ? 13.716  16.709  -2.612  1.00 16.93 ? 48  GLN A O   1 
ATOM   378  C  CB  . GLN A 1 51  ? 14.079  14.217  -4.917  1.00 21.66 ? 48  GLN A CB  1 
ATOM   379  C  CG  . GLN A 1 51  ? 15.487  14.390  -4.566  1.00 22.84 ? 48  GLN A CG  1 
ATOM   380  C  CD  . GLN A 1 51  ? 16.333  13.201  -5.055  1.00 21.81 ? 48  GLN A CD  1 
ATOM   381  O  OE1 . GLN A 1 51  ? 16.587  13.019  -6.265  1.00 26.97 ? 48  GLN A OE1 1 
ATOM   382  N  NE2 . GLN A 1 51  ? 16.779  12.415  -4.129  1.00 20.68 ? 48  GLN A NE2 1 
ATOM   383  N  N   . PHE A 1 52  ? 12.448  14.850  -2.225  1.00 14.86 ? 49  PHE A N   1 
ATOM   384  C  CA  . PHE A 1 52  ? 12.445  15.051  -0.770  1.00 12.97 ? 49  PHE A CA  1 
ATOM   385  C  C   . PHE A 1 52  ? 13.787  14.643  -0.217  1.00 12.77 ? 49  PHE A C   1 
ATOM   386  O  O   . PHE A 1 52  ? 14.334  13.582  -0.551  1.00 11.96 ? 49  PHE A O   1 
ATOM   387  C  CB  . PHE A 1 52  ? 11.378  14.183  -0.074  1.00 12.26 ? 49  PHE A CB  1 
ATOM   388  C  CG  . PHE A 1 52  ? 9.963   14.497  -0.499  1.00 13.25 ? 49  PHE A CG  1 
ATOM   389  C  CD1 . PHE A 1 52  ? 9.451   15.790  -0.358  1.00 13.69 ? 49  PHE A CD1 1 
ATOM   390  C  CD2 . PHE A 1 52  ? 9.151   13.493  -1.000  1.00 13.70 ? 49  PHE A CD2 1 
ATOM   391  C  CE1 . PHE A 1 52  ? 8.145   16.086  -0.757  1.00 14.99 ? 49  PHE A CE1 1 
ATOM   392  C  CE2 . PHE A 1 52  ? 7.847   13.772  -1.386  1.00 14.14 ? 49  PHE A CE2 1 
ATOM   393  C  CZ  . PHE A 1 52  ? 7.354   15.083  -1.253  1.00 13.47 ? 49  PHE A CZ  1 
ATOM   394  N  N   . SER A 1 53  ? 14.320  15.483  0.656   1.00 12.98 ? 50  SER A N   1 
ATOM   395  C  CA  A SER A 1 53  ? 15.603  15.186  1.288   0.60 12.84 ? 50  SER A CA  1 
ATOM   396  C  CA  B SER A 1 53  ? 15.591  15.200  1.298   0.40 13.14 ? 50  SER A CA  1 
ATOM   397  C  C   . SER A 1 53  ? 15.466  14.125  2.369   1.00 13.05 ? 50  SER A C   1 
ATOM   398  O  O   . SER A 1 53  ? 16.268  13.202  2.423   1.00 13.58 ? 50  SER A O   1 
ATOM   399  C  CB  A SER A 1 53  ? 16.242  16.450  1.862   0.60 12.87 ? 50  SER A CB  1 
ATOM   400  C  CB  B SER A 1 53  ? 16.142  16.467  1.924   0.40 13.13 ? 50  SER A CB  1 
ATOM   401  O  OG  A SER A 1 53  ? 16.862  17.235  0.845   0.60 11.58 ? 50  SER A OG  1 
ATOM   402  O  OG  B SER A 1 53  ? 17.374  16.187  2.538   0.40 13.75 ? 50  SER A OG  1 
ATOM   403  N  N   . SER A 1 54  ? 14.445  14.271  3.224   1.00 13.24 ? 51  SER A N   1 
ATOM   404  C  CA  A SER A 1 54  ? 14.232  13.390  4.382   0.60 13.85 ? 51  SER A CA  1 
ATOM   405  C  CA  B SER A 1 54  ? 14.237  13.390  4.373   0.40 13.02 ? 51  SER A CA  1 
ATOM   406  C  C   . SER A 1 54  ? 12.793  12.883  4.407   1.00 13.64 ? 51  SER A C   1 
ATOM   407  O  O   . SER A 1 54  ? 11.901  13.511  3.843   1.00 13.42 ? 51  SER A O   1 
ATOM   408  C  CB  A SER A 1 54  ? 14.476  14.142  5.694   0.60 13.35 ? 51  SER A CB  1 
ATOM   409  C  CB  B SER A 1 54  ? 14.518  14.159  5.662   0.40 12.52 ? 51  SER A CB  1 
ATOM   410  O  OG  A SER A 1 54  ? 15.781  14.666  5.779   0.60 16.12 ? 51  SER A OG  1 
ATOM   411  O  OG  B SER A 1 54  ? 13.566  15.196  5.825   0.40 9.82  ? 51  SER A OG  1 
ATOM   412  N  N   . PRO A 1 55  ? 12.547  11.735  5.077   1.00 15.11 ? 52  PRO A N   1 
ATOM   413  C  CA  . PRO A 1 55  ? 11.162  11.286  5.164   1.00 15.03 ? 52  PRO A CA  1 
ATOM   414  C  C   . PRO A 1 55  ? 10.196  12.317  5.750   1.00 14.57 ? 52  PRO A C   1 
ATOM   415  O  O   . PRO A 1 55  ? 9.082   12.449  5.242   1.00 14.14 ? 52  PRO A O   1 
ATOM   416  C  CB  . PRO A 1 55  ? 11.246  10.045  6.067   1.00 15.70 ? 52  PRO A CB  1 
ATOM   417  C  CG  . PRO A 1 55  ? 12.611  9.576   5.924   1.00 16.66 ? 52  PRO A CG  1 
ATOM   418  C  CD  . PRO A 1 55  ? 13.466  10.775  5.739   1.00 16.05 ? 52  PRO A CD  1 
ATOM   419  N  N   . GLU A 1 56  ? 10.608  13.088  6.758   1.00 14.42 ? 53  GLU A N   1 
ATOM   420  C  CA  . GLU A 1 56  ? 9.691   14.097  7.307   1.00 13.81 ? 53  GLU A CA  1 
ATOM   421  C  C   . GLU A 1 56  ? 9.279   15.149  6.283   1.00 14.08 ? 53  GLU A C   1 
ATOM   422  O  O   . GLU A 1 56  ? 8.163   15.674  6.371   1.00 12.99 ? 53  GLU A O   1 
ATOM   423  C  CB  . GLU A 1 56  ? 10.180  14.717  8.631   1.00 14.76 ? 53  GLU A CB  1 
ATOM   424  C  CG  . GLU A 1 56  ? 11.428  15.523  8.557   1.00 13.80 ? 53  GLU A CG  1 
ATOM   425  C  CD  . GLU A 1 56  ? 12.718  14.711  8.747   1.00 13.87 ? 53  GLU A CD  1 
ATOM   426  O  OE1 . GLU A 1 56  ? 12.727  13.466  8.539   1.00 12.87 ? 53  GLU A OE1 1 
ATOM   427  O  OE2 . GLU A 1 56  ? 13.764  15.346  9.066   1.00 13.90 ? 53  GLU A OE2 1 
ATOM   428  N  N   . ASP A 1 57  ? 10.153  15.444  5.293   1.00 12.65 ? 54  ASP A N   1 
ATOM   429  C  CA  . ASP A 1 57  ? 9.782   16.353  4.200   1.00 13.68 ? 54  ASP A CA  1 
ATOM   430  C  C   . ASP A 1 57  ? 8.560   15.839  3.454   1.00 13.35 ? 54  ASP A C   1 
ATOM   431  O  O   . ASP A 1 57  ? 7.693   16.632  3.044   1.00 12.86 ? 54  ASP A O   1 
ATOM   432  C  CB  . ASP A 1 57  ? 10.902  16.515  3.159   1.00 14.17 ? 54  ASP A CB  1 
ATOM   433  C  CG  . ASP A 1 57  ? 12.134  17.202  3.707   1.00 16.72 ? 54  ASP A CG  1 
ATOM   434  O  OD1 . ASP A 1 57  ? 12.013  18.152  4.515   1.00 19.81 ? 54  ASP A OD1 1 
ATOM   435  O  OD2 . ASP A 1 57  ? 13.242  16.792  3.316   1.00 21.24 ? 54  ASP A OD2 1 
ATOM   436  N  N   . SER A 1 58  ? 8.491   14.521  3.271   1.00 12.62 ? 55  SER A N   1 
ATOM   437  C  CA  . SER A 1 58  ? 7.392   13.934  2.482   1.00 12.60 ? 55  SER A CA  1 
ATOM   438  C  C   . SER A 1 58  ? 6.057   14.202  3.178   1.00 13.11 ? 55  SER A C   1 
ATOM   439  O  O   . SER A 1 58  ? 5.047   14.467  2.519   1.00 12.39 ? 55  SER A O   1 
ATOM   440  C  CB  . SER A 1 58  ? 7.585   12.422  2.275   1.00 11.99 ? 55  SER A CB  1 
ATOM   441  O  OG  . SER A 1 58  ? 7.403   11.676  3.467   1.00 12.55 ? 55  SER A OG  1 
ATOM   442  N  N   . LEU A 1 59  ? 6.071   14.167  4.508   1.00 13.11 ? 56  LEU A N   1 
ATOM   443  C  CA  . LEU A 1 59  ? 4.853   14.390  5.286   1.00 13.64 ? 56  LEU A CA  1 
ATOM   444  C  C   . LEU A 1 59  ? 4.310   15.814  5.212   1.00 13.59 ? 56  LEU A C   1 
ATOM   445  O  O   . LEU A 1 59  ? 3.173   16.069  5.615   1.00 12.99 ? 56  LEU A O   1 
ATOM   446  C  CB  . LEU A 1 59  ? 5.068   13.949  6.740   1.00 13.36 ? 56  LEU A CB  1 
ATOM   447  C  CG  . LEU A 1 59  ? 5.356   12.449  6.911   1.00 14.50 ? 56  LEU A CG  1 
ATOM   448  C  CD1 . LEU A 1 59  ? 5.715   12.162  8.350   1.00 16.28 ? 56  LEU A CD1 1 
ATOM   449  C  CD2 . LEU A 1 59  ? 4.168   11.592  6.474   1.00 15.40 ? 56  LEU A CD2 1 
ATOM   450  N  N   . SER A 1 60  ? 5.110   16.746  4.691   1.00 12.54 ? 57  SER A N   1 
ATOM   451  C  CA  . SER A 1 60  ? 4.672   18.118  4.591   1.00 13.64 ? 57  SER A CA  1 
ATOM   452  C  C   . SER A 1 60  ? 4.089   18.413  3.211   1.00 13.69 ? 57  SER A C   1 
ATOM   453  O  O   . SER A 1 60  ? 3.595   19.506  2.961   1.00 15.42 ? 57  SER A O   1 
ATOM   454  C  CB  . SER A 1 60  ? 5.840   19.082  4.899   1.00 13.97 ? 57  SER A CB  1 
ATOM   455  O  OG  . SER A 1 60  ? 6.785   19.055  3.832   1.00 13.54 ? 57  SER A OG  1 
ATOM   456  N  N   . SER A 1 61  ? 4.144   17.430  2.329   1.00 13.32 ? 58  SER A N   1 
ATOM   457  C  CA  . SER A 1 61  ? 3.755   17.604  0.939   1.00 13.54 ? 58  SER A CA  1 
ATOM   458  C  C   . SER A 1 61  ? 2.290   17.205  0.716   1.00 14.40 ? 58  SER A C   1 
ATOM   459  O  O   . SER A 1 61  ? 1.933   16.053  0.913   1.00 13.60 ? 58  SER A O   1 
ATOM   460  C  CB  . SER A 1 61  ? 4.685   16.789  0.018   1.00 13.51 ? 58  SER A CB  1 
ATOM   461  O  OG  . SER A 1 61  ? 4.156   16.625  -1.299  1.00 12.94 ? 58  SER A OG  1 
ATOM   462  N  N   . PRO A 1 62  ? 1.443   18.149  0.255   1.00 16.34 ? 59  PRO A N   1 
ATOM   463  C  CA  . PRO A 1 62  ? 0.046   17.737  0.000   1.00 16.58 ? 59  PRO A CA  1 
ATOM   464  C  C   . PRO A 1 62  ? -0.049  16.650  -1.062  1.00 15.87 ? 59  PRO A C   1 
ATOM   465  O  O   . PRO A 1 62  ? -0.886  15.761  -0.919  1.00 15.29 ? 59  PRO A O   1 
ATOM   466  C  CB  . PRO A 1 62  ? -0.645  19.037  -0.447  1.00 17.53 ? 59  PRO A CB  1 
ATOM   467  C  CG  . PRO A 1 62  ? 0.500   19.950  -0.902  1.00 19.97 ? 59  PRO A CG  1 
ATOM   468  C  CD  . PRO A 1 62  ? 1.676   19.577  -0.041  1.00 17.67 ? 59  PRO A CD  1 
ATOM   469  N  N   . GLU A 1 63  ? 0.801   16.698  -2.093  1.00 14.88 ? 60  GLU A N   1 
ATOM   470  C  CA  . GLU A 1 63  ? 0.789   15.671  -3.136  1.00 15.12 ? 60  GLU A CA  1 
ATOM   471  C  C   . GLU A 1 63  ? 1.123   14.312  -2.537  1.00 14.34 ? 60  GLU A C   1 
ATOM   472  O  O   . GLU A 1 63  ? 0.519   13.292  -2.876  1.00 13.74 ? 60  GLU A O   1 
ATOM   473  C  CB  . GLU A 1 63  ? 1.792   15.997  -4.248  1.00 17.12 ? 60  GLU A CB  1 
ATOM   474  C  CG  . GLU A 1 63  ? 1.382   17.195  -5.123  1.00 20.43 ? 60  GLU A CG  1 
ATOM   475  C  CD  . GLU A 1 63  ? 2.094   18.473  -4.742  1.00 27.03 ? 60  GLU A CD  1 
ATOM   476  O  OE1 . GLU A 1 63  ? 2.368   18.720  -3.534  1.00 26.45 ? 60  GLU A OE1 1 
ATOM   477  O  OE2 . GLU A 1 63  ? 2.392   19.246  -5.681  1.00 33.15 ? 60  GLU A OE2 1 
ATOM   478  N  N   . PHE A 1 64  ? 2.118   14.290  -1.647  1.00 12.61 ? 61  PHE A N   1 
ATOM   479  C  CA  . PHE A 1 64  ? 2.527   13.021  -1.080  1.00 11.54 ? 61  PHE A CA  1 
ATOM   480  C  C   . PHE A 1 64  ? 1.401   12.462  -0.206  1.00 10.84 ? 61  PHE A C   1 
ATOM   481  O  O   . PHE A 1 64  ? 1.081   11.282  -0.252  1.00 10.90 ? 61  PHE A O   1 
ATOM   482  C  CB  . PHE A 1 64  ? 3.833   13.193  -0.276  1.00 12.07 ? 61  PHE A CB  1 
ATOM   483  C  CG  . PHE A 1 64  ? 4.293   11.909  0.351   1.00 10.89 ? 61  PHE A CG  1 
ATOM   484  C  CD1 . PHE A 1 64  ? 5.009   10.989  -0.391  1.00 11.36 ? 61  PHE A CD1 1 
ATOM   485  C  CD2 . PHE A 1 64  ? 3.995   11.633  1.693   1.00 13.80 ? 61  PHE A CD2 1 
ATOM   486  C  CE1 . PHE A 1 64  ? 5.437   9.785   0.180   1.00 13.86 ? 61  PHE A CE1 1 
ATOM   487  C  CE2 . PHE A 1 64  ? 4.423   10.411  2.299   1.00 12.89 ? 61  PHE A CE2 1 
ATOM   488  C  CZ  . PHE A 1 64  ? 5.138   9.482   1.520   1.00 14.82 ? 61  PHE A CZ  1 
ATOM   489  N  N   . LEU A 1 65  ? 0.783   13.324  0.584   1.00 10.22 ? 62  LEU A N   1 
ATOM   490  C  CA  . LEU A 1 65  ? -0.338  12.915  1.419   1.00 10.93 ? 62  LEU A CA  1 
ATOM   491  C  C   . LEU A 1 65  ? -1.520  12.436  0.548   1.00 11.23 ? 62  LEU A C   1 
ATOM   492  O  O   . LEU A 1 65  ? -2.197  11.461  0.893   1.00 10.64 ? 62  LEU A O   1 
ATOM   493  C  CB  . LEU A 1 65  ? -0.737  14.072  2.326   1.00 11.44 ? 62  LEU A CB  1 
ATOM   494  C  CG  . LEU A 1 65  ? 0.330   14.539  3.338   1.00 12.13 ? 62  LEU A CG  1 
ATOM   495  C  CD1 . LEU A 1 65  ? -0.241  15.712  4.194   1.00 14.50 ? 62  LEU A CD1 1 
ATOM   496  C  CD2 . LEU A 1 65  ? 0.829   13.415  4.237   1.00 11.16 ? 62  LEU A CD2 1 
ATOM   497  N  N   . ASP A 1 66  ? -1.747  13.112  -0.580  1.00 11.84 ? 63  ASP A N   1 
ATOM   498  C  CA  . ASP A 1 66  ? -2.782  12.649  -1.547  1.00 12.67 ? 63  ASP A CA  1 
ATOM   499  C  C   . ASP A 1 66  ? -2.470  11.227  -2.034  1.00 12.56 ? 63  ASP A C   1 
ATOM   500  O  O   . ASP A 1 66  ? -3.383  10.403  -2.192  1.00 12.96 ? 63  ASP A O   1 
ATOM   501  C  CB  . ASP A 1 66  ? -2.869  13.586  -2.758  1.00 12.97 ? 63  ASP A CB  1 
ATOM   502  C  CG  . ASP A 1 66  ? -3.534  14.896  -2.446  1.00 16.38 ? 63  ASP A CG  1 
ATOM   503  O  OD1 . ASP A 1 66  ? -4.307  14.982  -1.474  1.00 19.83 ? 63  ASP A OD1 1 
ATOM   504  O  OD2 . ASP A 1 66  ? -3.311  15.846  -3.221  1.00 21.28 ? 63  ASP A OD2 1 
ATOM   505  N  N   A HIS A 1 67  ? -1.188  10.937  -2.270  0.50 11.50 ? 64  HIS A N   1 
ATOM   506  N  N   B HIS A 1 67  ? -1.193  10.931  -2.280  0.50 11.54 ? 64  HIS A N   1 
ATOM   507  C  CA  A HIS A 1 67  ? -0.780  9.593   -2.676  0.50 11.71 ? 64  HIS A CA  1 
ATOM   508  C  CA  B HIS A 1 67  ? -0.842  9.574   -2.673  0.50 11.80 ? 64  HIS A CA  1 
ATOM   509  C  C   A HIS A 1 67  ? -1.048  8.562   -1.572  0.50 11.51 ? 64  HIS A C   1 
ATOM   510  C  C   B HIS A 1 67  ? -1.146  8.580   -1.556  0.50 11.50 ? 64  HIS A C   1 
ATOM   511  O  O   A HIS A 1 67  ? -1.403  7.419   -1.867  0.50 11.06 ? 64  HIS A O   1 
ATOM   512  O  O   B HIS A 1 67  ? -1.621  7.478   -1.823  0.50 11.09 ? 64  HIS A O   1 
ATOM   513  C  CB  A HIS A 1 67  ? 0.684   9.564   -3.142  0.50 11.44 ? 64  HIS A CB  1 
ATOM   514  C  CB  B HIS A 1 67  ? 0.606   9.440   -3.139  0.50 11.65 ? 64  HIS A CB  1 
ATOM   515  C  CG  A HIS A 1 67  ? 1.164   8.203   -3.551  0.50 12.40 ? 64  HIS A CG  1 
ATOM   516  C  CG  B HIS A 1 67  ? 0.992   8.027   -3.450  0.50 12.86 ? 64  HIS A CG  1 
ATOM   517  N  ND1 A HIS A 1 67  ? 1.711   7.300   -2.663  0.50 11.91 ? 64  HIS A ND1 1 
ATOM   518  N  ND1 B HIS A 1 67  ? 1.668   7.218   -2.562  0.50 12.66 ? 64  HIS A ND1 1 
ATOM   519  C  CD2 A HIS A 1 67  ? 1.170   7.591   -4.759  0.50 9.93  ? 64  HIS A CD2 1 
ATOM   520  C  CD2 B HIS A 1 67  ? 0.740   7.263   -4.541  0.50 11.09 ? 64  HIS A CD2 1 
ATOM   521  C  CE1 A HIS A 1 67  ? 2.040   6.193   -3.310  0.50 12.01 ? 64  HIS A CE1 1 
ATOM   522  C  CE1 B HIS A 1 67  ? 1.848   6.025   -3.106  0.50 12.74 ? 64  HIS A CE1 1 
ATOM   523  N  NE2 A HIS A 1 67  ? 1.729   6.347   -4.587  0.50 10.94 ? 64  HIS A NE2 1 
ATOM   524  N  NE2 B HIS A 1 67  ? 1.303   6.028   -4.310  0.50 14.01 ? 64  HIS A NE2 1 
ATOM   525  N  N   . ILE A 1 68  ? -0.881  8.949   -0.302  1.00 11.51 ? 65  ILE A N   1 
ATOM   526  C  CA  . ILE A 1 68  ? -1.310  8.061   0.796   1.00 11.86 ? 65  ILE A CA  1 
ATOM   527  C  C   . ILE A 1 68  ? -2.819  7.771   0.679   1.00 12.83 ? 65  ILE A C   1 
ATOM   528  O  O   . ILE A 1 68  ? -3.243  6.604   0.776   1.00 13.25 ? 65  ILE A O   1 
ATOM   529  C  CB  . ILE A 1 68  ? -0.989  8.639   2.211   1.00 11.77 ? 65  ILE A CB  1 
ATOM   530  C  CG1 . ILE A 1 68  ? 0.525   8.837   2.371   1.00 12.97 ? 65  ILE A CG1 1 
ATOM   531  C  CG2 . ILE A 1 68  ? -1.521  7.710   3.259   1.00 12.55 ? 65  ILE A CG2 1 
ATOM   532  C  CD1 . ILE A 1 68  ? 0.876   9.465   3.791   1.00 13.02 ? 65  ILE A CD1 1 
ATOM   533  N  N   A ARG A 1 69  ? -3.618  8.810   0.437   0.65 12.90 ? 66  ARG A N   1 
ATOM   534  N  N   B ARG A 1 69  ? -3.608  8.820   0.435   0.35 12.72 ? 66  ARG A N   1 
ATOM   535  C  CA  A ARG A 1 69  ? -5.073  8.622   0.268   0.65 13.77 ? 66  ARG A CA  1 
ATOM   536  C  CA  B ARG A 1 69  ? -5.061  8.681   0.235   0.35 13.17 ? 66  ARG A CA  1 
ATOM   537  C  C   A ARG A 1 69  ? -5.399  7.681   -0.894  0.65 13.60 ? 66  ARG A C   1 
ATOM   538  C  C   B ARG A 1 69  ? -5.371  7.681   -0.874  0.35 13.26 ? 66  ARG A C   1 
ATOM   539  O  O   A ARG A 1 69  ? -6.314  6.843   -0.794  0.65 14.37 ? 66  ARG A O   1 
ATOM   540  O  O   B ARG A 1 69  ? -6.237  6.810   -0.718  0.35 13.70 ? 66  ARG A O   1 
ATOM   541  C  CB  A ARG A 1 69  ? -5.797  9.967   0.135   0.65 13.37 ? 66  ARG A CB  1 
ATOM   542  C  CB  B ARG A 1 69  ? -5.703  10.037  -0.081  0.35 12.67 ? 66  ARG A CB  1 
ATOM   543  C  CG  A ARG A 1 69  ? -5.848  10.749  1.458   0.65 13.86 ? 66  ARG A CG  1 
ATOM   544  C  CG  B ARG A 1 69  ? -5.585  11.057  1.044   0.35 12.54 ? 66  ARG A CG  1 
ATOM   545  C  CD  A ARG A 1 69  ? -6.799  11.947  1.395   0.65 14.94 ? 66  ARG A CD  1 
ATOM   546  C  CD  B ARG A 1 69  ? -6.259  12.378  0.694   0.35 11.70 ? 66  ARG A CD  1 
ATOM   547  N  NE  A ARG A 1 69  ? -6.732  12.804  2.587   0.65 16.75 ? 66  ARG A NE  1 
ATOM   548  N  NE  B ARG A 1 69  ? -6.316  13.252  1.863   0.35 11.07 ? 66  ARG A NE  1 
ATOM   549  C  CZ  A ARG A 1 69  ? -7.300  12.521  3.759   0.65 18.90 ? 66  ARG A CZ  1 
ATOM   550  C  CZ  B ARG A 1 69  ? -5.498  14.274  2.097   0.35 14.53 ? 66  ARG A CZ  1 
ATOM   551  N  NH1 A ARG A 1 69  ? -7.977  11.394  3.931   0.65 20.71 ? 66  ARG A NH1 1 
ATOM   552  N  NH1 B ARG A 1 69  ? -4.547  14.605  1.228   0.35 13.75 ? 66  ARG A NH1 1 
ATOM   553  N  NH2 A ARG A 1 69  ? -7.182  13.367  4.775   0.65 20.82 ? 66  ARG A NH2 1 
ATOM   554  N  NH2 B ARG A 1 69  ? -5.640  14.984  3.215   0.35 17.66 ? 66  ARG A NH2 1 
ATOM   555  N  N   . LYS A 1 70  ? -4.650  7.806   -1.984  1.00 13.42 ? 67  LYS A N   1 
ATOM   556  C  CA  . LYS A 1 70  ? -4.829  6.938   -3.152  1.00 14.15 ? 67  LYS A CA  1 
ATOM   557  C  C   . LYS A 1 70  ? -4.512  5.484   -2.801  1.00 14.58 ? 67  LYS A C   1 
ATOM   558  O  O   . LYS A 1 70  ? -5.247  4.565   -3.170  1.00 14.23 ? 67  LYS A O   1 
ATOM   559  C  CB  . LYS A 1 70  ? -3.935  7.371   -4.303  1.00 14.69 ? 67  LYS A CB  1 
ATOM   560  C  CG  . LYS A 1 70  ? -4.164  8.784   -4.826  1.00 14.28 ? 67  LYS A CG  1 
ATOM   561  C  CD  . LYS A 1 70  ? -3.167  9.114   -5.930  1.00 14.37 ? 67  LYS A CD  1 
ATOM   562  C  CE  . LYS A 1 70  ? -3.089  10.595  -6.143  1.00 14.35 ? 67  LYS A CE  1 
ATOM   563  N  NZ  . LYS A 1 70  ? -2.198  10.971  -7.277  1.00 14.17 ? 67  LYS A NZ  1 
ATOM   564  N  N   . VAL A 1 71  ? -3.416  5.284   -2.065  1.00 14.02 ? 68  VAL A N   1 
ATOM   565  C  CA  . VAL A 1 71  ? -3.043  3.942   -1.632  1.00 14.05 ? 68  VAL A CA  1 
ATOM   566  C  C   . VAL A 1 71  ? -4.184  3.327   -0.820  1.00 14.13 ? 68  VAL A C   1 
ATOM   567  O  O   . VAL A 1 71  ? -4.577  2.164   -1.059  1.00 15.21 ? 68  VAL A O   1 
ATOM   568  C  CB  . VAL A 1 71  ? -1.724  3.958   -0.793  1.00 13.64 ? 68  VAL A CB  1 
ATOM   569  C  CG1 . VAL A 1 71  ? -1.437  2.573   -0.233  1.00 14.88 ? 68  VAL A CG1 1 
ATOM   570  C  CG2 . VAL A 1 71  ? -0.540  4.414   -1.660  1.00 14.40 ? 68  VAL A CG2 1 
ATOM   571  N  N   . MET A 1 72  ? -4.709  4.093   0.128   1.00 14.13 ? 69  MET A N   1 
ATOM   572  C  CA  . MET A 1 72  ? -5.726  3.585   1.056   1.00 15.68 ? 69  MET A CA  1 
ATOM   573  C  C   . MET A 1 72  ? -7.020  3.326   0.279   1.00 17.45 ? 69  MET A C   1 
ATOM   574  O  O   . MET A 1 72  ? -7.764  2.381   0.602   1.00 18.01 ? 69  MET A O   1 
ATOM   575  C  CB  . MET A 1 72  ? -5.956  4.557   2.217   1.00 14.95 ? 69  MET A CB  1 
ATOM   576  C  CG  . MET A 1 72  ? -4.716  4.747   3.104   1.00 14.59 ? 69  MET A CG  1 
ATOM   577  S  SD  . MET A 1 72  ? -4.038  3.195   3.787   1.00 17.05 ? 69  MET A SD  1 
ATOM   578  C  CE  . MET A 1 72  ? -4.965  3.089   5.292   1.00 15.08 ? 69  MET A CE  1 
ATOM   579  N  N   . LEU A 1 73  ? -7.248  4.120   -0.774  1.00 17.59 ? 70  LEU A N   1 
ATOM   580  C  CA  . LEU A 1 73  ? -8.418  3.862   -1.643  1.00 19.18 ? 70  LEU A CA  1 
ATOM   581  C  C   . LEU A 1 73  ? -8.314  2.578   -2.446  1.00 18.12 ? 70  LEU A C   1 
ATOM   582  O  O   . LEU A 1 73  ? -9.323  1.876   -2.637  1.00 18.07 ? 70  LEU A O   1 
ATOM   583  C  CB  . LEU A 1 73  ? -8.680  5.045   -2.566  1.00 19.70 ? 70  LEU A CB  1 
ATOM   584  C  CG  . LEU A 1 73  ? -9.514  6.170   -1.958  1.00 24.25 ? 70  LEU A CG  1 
ATOM   585  C  CD1 . LEU A 1 73  ? -9.751  7.210   -3.089  1.00 27.38 ? 70  LEU A CD1 1 
ATOM   586  C  CD2 . LEU A 1 73  ? -10.860 5.691   -1.346  1.00 26.80 ? 70  LEU A CD2 1 
ATOM   587  N  N   . VAL A 1 74  ? -7.109  2.272   -2.928  1.00 16.92 ? 71  VAL A N   1 
ATOM   588  C  CA  . VAL A 1 74  ? -6.874  1.042   -3.690  1.00 17.45 ? 71  VAL A CA  1 
ATOM   589  C  C   . VAL A 1 74  ? -7.022  -0.164  -2.780  1.00 17.83 ? 71  VAL A C   1 
ATOM   590  O  O   . VAL A 1 74  ? -7.658  -1.139  -3.171  1.00 17.92 ? 71  VAL A O   1 
ATOM   591  C  CB  . VAL A 1 74  ? -5.505  1.014   -4.434  1.00 16.49 ? 71  VAL A CB  1 
ATOM   592  C  CG1 . VAL A 1 74  ? -5.211  -0.394  -5.056  1.00 17.39 ? 71  VAL A CG1 1 
ATOM   593  C  CG2 . VAL A 1 74  ? -5.470  2.099   -5.528  1.00 17.76 ? 71  VAL A CG2 1 
ATOM   594  N  N   . ILE A 1 75  ? -6.450  -0.108  -1.570  1.00 16.86 ? 72  ILE A N   1 
ATOM   595  C  CA  . ILE A 1 75  ? -6.727  -1.132  -0.565  1.00 17.45 ? 72  ILE A CA  1 
ATOM   596  C  C   . ILE A 1 75  ? -8.237  -1.283  -0.283  1.00 18.21 ? 72  ILE A C   1 
ATOM   597  O  O   . ILE A 1 75  ? -8.771  -2.406  -0.269  1.00 18.54 ? 72  ILE A O   1 
ATOM   598  C  CB  . ILE A 1 75  ? -5.959  -0.891  0.774   1.00 16.84 ? 72  ILE A CB  1 
ATOM   599  C  CG1 . ILE A 1 75  ? -4.453  -0.879  0.507   1.00 17.37 ? 72  ILE A CG1 1 
ATOM   600  C  CG2 . ILE A 1 75  ? -6.329  -1.998  1.787   1.00 17.77 ? 72  ILE A CG2 1 
ATOM   601  C  CD1 . ILE A 1 75  ? -3.628  -0.344  1.670   1.00 15.19 ? 72  ILE A CD1 1 
ATOM   602  N  N   . ASP A 1 76  ? -8.937  -0.169  -0.085  1.00 18.18 ? 73  ASP A N   1 
ATOM   603  C  CA  . ASP A 1 76  ? -10.404 -0.202  0.094   1.00 19.57 ? 73  ASP A CA  1 
ATOM   604  C  C   . ASP A 1 76  ? -11.155 -0.920  -1.046  1.00 19.70 ? 73  ASP A C   1 
ATOM   605  O  O   . ASP A 1 76  ? -12.127 -1.665  -0.776  1.00 20.42 ? 73  ASP A O   1 
ATOM   606  C  CB  . ASP A 1 76  ? -10.954 1.216   0.266   1.00 19.17 ? 73  ASP A CB  1 
ATOM   607  C  CG  . ASP A 1 76  ? -12.415 1.240   0.692   1.00 22.82 ? 73  ASP A CG  1 
ATOM   608  O  OD1 . ASP A 1 76  ? -12.751 0.700   1.760   1.00 22.28 ? 73  ASP A OD1 1 
ATOM   609  O  OD2 . ASP A 1 76  ? -13.234 1.836   -0.048  1.00 30.90 ? 73  ASP A OD2 1 
ATOM   610  N  N   . ALA A 1 77  ? -10.728 -0.692  -2.293  1.00 20.30 ? 74  ALA A N   1 
ATOM   611  C  CA  . ALA A 1 77  ? -11.281 -1.399  -3.461  1.00 20.77 ? 74  ALA A CA  1 
ATOM   612  C  C   . ALA A 1 77  ? -11.011 -2.911  -3.364  1.00 21.60 ? 74  ALA A C   1 
ATOM   613  O  O   . ALA A 1 77  ? -11.878 -3.740  -3.695  1.00 22.20 ? 74  ALA A O   1 
ATOM   614  C  CB  . ALA A 1 77  ? -10.722 -0.836  -4.765  1.00 20.93 ? 74  ALA A CB  1 
ATOM   615  N  N   . ALA A 1 78  ? -9.807  -3.269  -2.922  1.00 21.55 ? 75  ALA A N   1 
ATOM   616  C  CA  . ALA A 1 78  ? -9.443  -4.685  -2.754  1.00 22.03 ? 75  ALA A CA  1 
ATOM   617  C  C   . ALA A 1 78  ? -10.314 -5.389  -1.700  1.00 22.37 ? 75  ALA A C   1 
ATOM   618  O  O   . ALA A 1 78  ? -10.757 -6.533  -1.925  1.00 23.18 ? 75  ALA A O   1 
ATOM   619  C  CB  . ALA A 1 78  ? -7.979  -4.819  -2.426  1.00 20.35 ? 75  ALA A CB  1 
ATOM   620  N  N   . VAL A 1 79  ? -10.565 -4.704  -0.581  1.00 22.83 ? 76  VAL A N   1 
ATOM   621  C  CA  . VAL A 1 79  ? -11.412 -5.211  0.500   1.00 23.55 ? 76  VAL A CA  1 
ATOM   622  C  C   . VAL A 1 79  ? -12.854 -5.376  0.006   1.00 25.62 ? 76  VAL A C   1 
ATOM   623  O  O   . VAL A 1 79  ? -13.501 -6.386  0.308   1.00 24.85 ? 76  VAL A O   1 
ATOM   624  C  CB  . VAL A 1 79  ? -11.370 -4.313  1.765   1.00 23.74 ? 76  VAL A CB  1 
ATOM   625  C  CG1 . VAL A 1 79  ? -12.389 -4.755  2.809   1.00 23.54 ? 76  VAL A CG1 1 
ATOM   626  C  CG2 . VAL A 1 79  ? -9.959  -4.312  2.393   1.00 20.41 ? 76  VAL A CG2 1 
ATOM   627  N  N   . THR A 1 80  ? -13.338 -4.389  -0.758  1.00 26.29 ? 77  THR A N   1 
ATOM   628  C  CA  . THR A 1 80  ? -14.678 -4.462  -1.364  1.00 28.50 ? 77  THR A CA  1 
ATOM   629  C  C   . THR A 1 80  ? -14.799 -5.682  -2.275  1.00 29.81 ? 77  THR A C   1 
ATOM   630  O  O   . THR A 1 80  ? -15.840 -6.356  -2.286  1.00 31.00 ? 77  THR A O   1 
ATOM   631  C  CB  . THR A 1 80  ? -15.020 -3.150  -2.105  1.00 27.75 ? 77  THR A CB  1 
ATOM   632  O  OG1 . THR A 1 80  ? -15.146 -2.103  -1.143  1.00 27.86 ? 77  THR A OG1 1 
ATOM   633  C  CG2 . THR A 1 80  ? -16.335 -3.261  -2.927  1.00 29.33 ? 77  THR A CG2 1 
ATOM   634  N  N   . ASN A 1 81  ? -13.730 -5.981  -3.006  1.00 30.81 ? 78  ASN A N   1 
ATOM   635  C  CA  . ASN A 1 81  ? -13.702 -7.086  -3.957  1.00 32.54 ? 78  ASN A CA  1 
ATOM   636  C  C   . ASN A 1 81  ? -12.934 -8.319  -3.487  1.00 33.16 ? 78  ASN A C   1 
ATOM   637  O  O   . ASN A 1 81  ? -12.389 -9.064  -4.316  1.00 32.94 ? 78  ASN A O   1 
ATOM   638  C  CB  . ASN A 1 81  ? -13.128 -6.592  -5.283  1.00 32.60 ? 78  ASN A CB  1 
ATOM   639  C  CG  . ASN A 1 81  ? -14.018 -5.573  -5.944  1.00 34.71 ? 78  ASN A CG  1 
ATOM   640  O  OD1 . ASN A 1 81  ? -13.916 -4.370  -5.685  1.00 36.12 ? 78  ASN A OD1 1 
ATOM   641  N  ND2 . ASN A 1 81  ? -14.935 -6.051  -6.774  1.00 36.39 ? 78  ASN A ND2 1 
ATOM   642  N  N   . VAL A 1 82  ? -12.888 -8.537  -2.173  1.00 34.86 ? 79  VAL A N   1 
ATOM   643  C  CA  . VAL A 1 82  ? -12.071 -9.627  -1.613  1.00 37.21 ? 79  VAL A CA  1 
ATOM   644  C  C   . VAL A 1 82  ? -12.426 -10.995 -2.180  1.00 38.50 ? 79  VAL A C   1 
ATOM   645  O  O   . VAL A 1 82  ? -11.539 -11.764 -2.540  1.00 38.58 ? 79  VAL A O   1 
ATOM   646  C  CB  . VAL A 1 82  ? -12.089 -9.711  -0.071  1.00 37.04 ? 79  VAL A CB  1 
ATOM   647  C  CG1 . VAL A 1 82  ? -11.018 -8.854  0.510   1.00 39.08 ? 79  VAL A CG1 1 
ATOM   648  C  CG2 . VAL A 1 82  ? -13.469 -9.391  0.517   1.00 37.32 ? 79  VAL A CG2 1 
ATOM   649  N  N   . GLU A 1 83  ? -13.725 -11.268 -2.279  1.00 40.51 ? 80  GLU A N   1 
ATOM   650  C  CA  . GLU A 1 83  ? -14.227 -12.558 -2.763  1.00 42.15 ? 80  GLU A CA  1 
ATOM   651  C  C   . GLU A 1 83  ? -13.877 -12.787 -4.230  1.00 42.70 ? 80  GLU A C   1 
ATOM   652  O  O   . GLU A 1 83  ? -13.818 -13.937 -4.680  1.00 43.50 ? 80  GLU A O   1 
ATOM   653  C  CB  . GLU A 1 83  ? -15.744 -12.656 -2.572  1.00 42.67 ? 80  GLU A CB  1 
ATOM   654  C  CG  . GLU A 1 83  ? -16.257 -12.228 -1.191  1.00 45.04 ? 80  GLU A CG  1 
ATOM   655  C  CD  . GLU A 1 83  ? -16.286 -13.350 -0.166  1.00 48.24 ? 80  GLU A CD  1 
ATOM   656  O  OE1 . GLU A 1 83  ? -15.869 -14.487 -0.484  1.00 51.44 ? 80  GLU A OE1 1 
ATOM   657  O  OE2 . GLU A 1 83  ? -16.739 -13.096 0.971   1.00 49.46 ? 80  GLU A OE2 1 
ATOM   658  N  N   . ASP A 1 84  ? -13.643 -11.703 -4.974  1.00 43.02 ? 81  ASP A N   1 
ATOM   659  C  CA  . ASP A 1 84  ? -13.245 -11.806 -6.377  1.00 43.28 ? 81  ASP A CA  1 
ATOM   660  C  C   . ASP A 1 84  ? -12.574 -10.546 -6.923  1.00 43.06 ? 81  ASP A C   1 
ATOM   661  O  O   . ASP A 1 84  ? -13.235 -9.542  -7.214  1.00 42.76 ? 81  ASP A O   1 
ATOM   662  C  CB  . ASP A 1 84  ? -14.440 -12.187 -7.262  1.00 43.89 ? 81  ASP A CB  1 
ATOM   663  C  CG  . ASP A 1 84  ? -14.093 -12.174 -8.745  1.00 44.79 ? 81  ASP A CG  1 
ATOM   664  O  OD1 . ASP A 1 84  ? -13.124 -12.863 -9.130  1.00 46.33 ? 81  ASP A OD1 1 
ATOM   665  O  OD2 . ASP A 1 84  ? -14.789 -11.471 -9.518  1.00 45.77 ? 81  ASP A OD2 1 
ATOM   666  N  N   . LEU A 1 85  ? -11.257 -10.636 -7.081  1.00 43.11 ? 82  LEU A N   1 
ATOM   667  C  CA  . LEU A 1 85  ? -10.431 -9.510  -7.517  1.00 43.23 ? 82  LEU A CA  1 
ATOM   668  C  C   . LEU A 1 85  ? -10.321 -9.417  -9.039  1.00 43.50 ? 82  LEU A C   1 
ATOM   669  O  O   . LEU A 1 85  ? -9.368  -8.824  -9.559  1.00 43.49 ? 82  LEU A O   1 
ATOM   670  C  CB  . LEU A 1 85  ? -9.029  -9.615  -6.902  1.00 43.33 ? 82  LEU A CB  1 
ATOM   671  C  CG  . LEU A 1 85  ? -8.903  -9.548  -5.382  1.00 43.25 ? 82  LEU A CG  1 
ATOM   672  C  CD1 . LEU A 1 85  ? -7.554  -10.082 -4.949  1.00 42.86 ? 82  LEU A CD1 1 
ATOM   673  C  CD2 . LEU A 1 85  ? -9.145  -8.127  -4.857  1.00 42.25 ? 82  LEU A CD2 1 
ATOM   674  N  N   . SER A 1 86  ? -11.295 -10.001 -9.749  1.00 43.52 ? 83  SER A N   1 
ATOM   675  C  CA  . SER A 1 86  ? -11.261 -10.060 -11.212 1.00 42.67 ? 83  SER A CA  1 
ATOM   676  C  C   . SER A 1 86  ? -11.657 -8.726  -11.779 1.00 42.26 ? 83  SER A C   1 
ATOM   677  O  O   . SER A 1 86  ? -11.045 -8.253  -12.734 1.00 42.54 ? 83  SER A O   1 
ATOM   678  C  CB  . SER A 1 86  ? -12.179 -11.166 -11.752 1.00 43.12 ? 83  SER A CB  1 
ATOM   679  O  OG  . SER A 1 86  ? -11.605 -12.447 -11.523 1.00 43.45 ? 83  SER A OG  1 
ATOM   680  N  N   . SER A 1 87  ? -12.671 -8.115  -11.168 1.00 41.52 ? 84  SER A N   1 
ATOM   681  C  CA  . SER A 1 87  ? -13.050 -6.746  -11.473 1.00 41.06 ? 84  SER A CA  1 
ATOM   682  C  C   . SER A 1 87  ? -11.857 -5.790  -11.384 1.00 39.75 ? 84  SER A C   1 
ATOM   683  O  O   . SER A 1 87  ? -11.842 -4.773  -12.064 1.00 40.15 ? 84  SER A O   1 
ATOM   684  C  CB  . SER A 1 87  ? -14.193 -6.286  -10.557 1.00 41.51 ? 84  SER A CB  1 
ATOM   685  O  OG  . SER A 1 87  ? -14.149 -6.955  -9.305  1.00 43.05 ? 84  SER A OG  1 
ATOM   686  N  N   . LEU A 1 88  ? -10.845 -6.147  -10.583 1.00 38.38 ? 85  LEU A N   1 
ATOM   687  C  CA  . LEU A 1 88  ? -9.681  -5.271  -10.341 1.00 36.32 ? 85  LEU A CA  1 
ATOM   688  C  C   . LEU A 1 88  ? -8.388  -5.620  -11.074 1.00 34.98 ? 85  LEU A C   1 
ATOM   689  O  O   . LEU A 1 88  ? -7.475  -4.787  -11.117 1.00 35.19 ? 85  LEU A O   1 
ATOM   690  C  CB  . LEU A 1 88  ? -9.379  -5.190  -8.841  1.00 36.37 ? 85  LEU A CB  1 
ATOM   691  C  CG  . LEU A 1 88  ? -10.294 -4.339  -7.979  1.00 36.17 ? 85  LEU A CG  1 
ATOM   692  C  CD1 . LEU A 1 88  ? -9.895  -4.488  -6.521  1.00 36.42 ? 85  LEU A CD1 1 
ATOM   693  C  CD2 . LEU A 1 88  ? -10.225 -2.884  -8.399  1.00 36.91 ? 85  LEU A CD2 1 
ATOM   694  N  N   . GLU A 1 89  ? -8.299  -6.824  -11.640 1.00 32.83 ? 86  GLU A N   1 
ATOM   695  C  CA  . GLU A 1 89  ? -7.075  -7.285  -12.319 1.00 30.84 ? 86  GLU A CA  1 
ATOM   696  C  C   . GLU A 1 89  ? -6.519  -6.314  -13.357 1.00 29.18 ? 86  GLU A C   1 
ATOM   697  O  O   . GLU A 1 89  ? -5.316  -6.005  -13.347 1.00 27.74 ? 86  GLU A O   1 
ATOM   698  C  CB  . GLU A 1 89  ? -7.268  -8.673  -12.962 1.00 31.60 ? 86  GLU A CB  1 
ATOM   699  N  N   . GLU A 1 90  ? -7.372  -5.854  -14.277 1.00 26.62 ? 87  GLU A N   1 
ATOM   700  C  CA  . GLU A 1 90  ? -6.897  -4.980  -15.342 1.00 25.31 ? 87  GLU A CA  1 
ATOM   701  C  C   . GLU A 1 90  ? -6.398  -3.623  -14.801 1.00 22.99 ? 87  GLU A C   1 
ATOM   702  O  O   . GLU A 1 90  ? -5.353  -3.135  -15.209 1.00 21.78 ? 87  GLU A O   1 
ATOM   703  C  CB  . GLU A 1 90  ? -7.973  -4.800  -16.427 1.00 26.22 ? 87  GLU A CB  1 
ATOM   704  C  CG  . GLU A 1 90  ? -8.323  -6.101  -17.165 1.00 29.69 ? 87  GLU A CG  1 
ATOM   705  C  CD  . GLU A 1 90  ? -7.099  -6.755  -17.821 1.00 37.11 ? 87  GLU A CD  1 
ATOM   706  O  OE1 . GLU A 1 90  ? -6.134  -6.035  -18.188 1.00 38.92 ? 87  GLU A OE1 1 
ATOM   707  O  OE2 . GLU A 1 90  ? -7.106  -8.002  -17.971 1.00 41.08 ? 87  GLU A OE2 1 
ATOM   708  N  N   . TYR A 1 91  ? -7.170  -3.041  -13.895 1.00 21.71 ? 88  TYR A N   1 
ATOM   709  C  CA  . TYR A 1 91  ? -6.797  -1.783  -13.245 1.00 21.69 ? 88  TYR A CA  1 
ATOM   710  C  C   . TYR A 1 91  ? -5.449  -1.954  -12.530 1.00 21.11 ? 88  TYR A C   1 
ATOM   711  O  O   . TYR A 1 91  ? -4.522  -1.139  -12.692 1.00 20.18 ? 88  TYR A O   1 
ATOM   712  C  CB  . TYR A 1 91  ? -7.869  -1.336  -12.239 1.00 21.79 ? 88  TYR A CB  1 
ATOM   713  C  CG  . TYR A 1 91  ? -7.328  -0.190  -11.417 1.00 23.84 ? 88  TYR A CG  1 
ATOM   714  C  CD1 . TYR A 1 91  ? -7.249  1.103   -11.956 1.00 22.37 ? 88  TYR A CD1 1 
ATOM   715  C  CD2 . TYR A 1 91  ? -6.801  -0.418  -10.134 1.00 23.22 ? 88  TYR A CD2 1 
ATOM   716  C  CE1 . TYR A 1 91  ? -6.686  2.156   -11.209 1.00 25.27 ? 88  TYR A CE1 1 
ATOM   717  C  CE2 . TYR A 1 91  ? -6.246  0.633   -9.384  1.00 24.10 ? 88  TYR A CE2 1 
ATOM   718  C  CZ  . TYR A 1 91  ? -6.183  1.894   -9.925  1.00 23.70 ? 88  TYR A CZ  1 
ATOM   719  O  OH  . TYR A 1 91  ? -5.625  2.912   -9.176  1.00 24.15 ? 88  TYR A OH  1 
ATOM   720  N  N   . LEU A 1 92  ? -5.346  -3.025  -11.736 1.00 21.23 ? 89  LEU A N   1 
ATOM   721  C  CA  . LEU A 1 92  ? -4.097  -3.313  -11.007 1.00 20.07 ? 89  LEU A CA  1 
ATOM   722  C  C   . LEU A 1 92  ? -2.922  -3.560  -11.929 1.00 19.86 ? 89  LEU A C   1 
ATOM   723  O  O   . LEU A 1 92  ? -1.821  -3.095  -11.657 1.00 19.31 ? 89  LEU A O   1 
ATOM   724  C  CB  . LEU A 1 92  ? -4.281  -4.478  -10.026 1.00 19.92 ? 89  LEU A CB  1 
ATOM   725  C  CG  . LEU A 1 92  ? -5.120  -4.214  -8.785  1.00 21.03 ? 89  LEU A CG  1 
ATOM   726  C  CD1 . LEU A 1 92  ? -5.275  -5.509  -7.979  1.00 19.62 ? 89  LEU A CD1 1 
ATOM   727  C  CD2 . LEU A 1 92  ? -4.534  -3.075  -7.904  1.00 16.75 ? 89  LEU A CD2 1 
ATOM   728  N  N   . THR A 1 93  ? -3.132  -4.257  -13.050 1.00 19.18 ? 90  THR A N   1 
ATOM   729  C  CA  . THR A 1 93  ? -2.040  -4.383  -14.019 1.00 18.93 ? 90  THR A CA  1 
ATOM   730  C  C   . THR A 1 93  ? -1.506  -3.022  -14.528 1.00 18.67 ? 90  THR A C   1 
ATOM   731  O  O   . THR A 1 93  ? -0.277  -2.806  -14.633 1.00 18.50 ? 90  THR A O   1 
ATOM   732  C  CB  . THR A 1 93  ? -2.443  -5.306  -15.203 1.00 18.41 ? 90  THR A CB  1 
ATOM   733  O  OG1 . THR A 1 93  ? -2.766  -6.592  -14.674 1.00 21.14 ? 90  THR A OG1 1 
ATOM   734  C  CG2 . THR A 1 93  ? -1.319  -5.431  -16.185 1.00 19.98 ? 90  THR A CG2 1 
ATOM   735  N  N   A SER A 1 94  ? -2.417  -2.110  -14.854 0.60 18.02 ? 91  SER A N   1 
ATOM   736  N  N   B SER A 1 94  ? -2.425  -2.113  -14.853 0.40 18.60 ? 91  SER A N   1 
ATOM   737  C  CA  A SER A 1 94  ? -1.994  -0.795  -15.340 0.60 17.84 ? 91  SER A CA  1 
ATOM   738  C  CA  B SER A 1 94  ? -2.044  -0.780  -15.332 0.40 18.91 ? 91  SER A CA  1 
ATOM   739  C  C   A SER A 1 94  ? -1.352  0.015   -14.211 0.60 17.38 ? 91  SER A C   1 
ATOM   740  C  C   B SER A 1 94  ? -1.397  0.047   -14.222 0.40 18.11 ? 91  SER A C   1 
ATOM   741  O  O   A SER A 1 94  ? -0.435  0.790   -14.453 0.60 17.55 ? 91  SER A O   1 
ATOM   742  O  O   B SER A 1 94  ? -0.520  0.866   -14.480 0.40 18.16 ? 91  SER A O   1 
ATOM   743  C  CB  A SER A 1 94  ? -3.163  -0.022  -15.938 0.60 17.70 ? 91  SER A CB  1 
ATOM   744  C  CB  B SER A 1 94  ? -3.246  -0.032  -15.908 0.40 19.01 ? 91  SER A CB  1 
ATOM   745  O  OG  A SER A 1 94  ? -3.746  -0.752  -17.008 0.60 15.32 ? 91  SER A OG  1 
ATOM   746  O  OG  B SER A 1 94  ? -4.359  -0.059  -15.028 0.40 20.88 ? 91  SER A OG  1 
ATOM   747  N  N   . LEU A 1 95  ? -1.850  -0.183  -12.995 1.00 17.94 ? 92  LEU A N   1 
ATOM   748  C  CA  . LEU A 1 95  ? -1.253  0.448   -11.798 1.00 17.24 ? 92  LEU A CA  1 
ATOM   749  C  C   . LEU A 1 95  ? 0.207   -0.012  -11.633 1.00 17.26 ? 92  LEU A C   1 
ATOM   750  O  O   . LEU A 1 95  ? 1.078   0.806   -11.339 1.00 17.78 ? 92  LEU A O   1 
ATOM   751  C  CB  . LEU A 1 95  ? -2.097  0.185   -10.547 1.00 17.35 ? 92  LEU A CB  1 
ATOM   752  C  CG  . LEU A 1 95  ? -1.698  1.034   -9.320  1.00 15.76 ? 92  LEU A CG  1 
ATOM   753  C  CD1 . LEU A 1 95  ? -1.821  2.535   -9.617  1.00 14.04 ? 92  LEU A CD1 1 
ATOM   754  C  CD2 . LEU A 1 95  ? -2.506  0.667   -8.078  1.00 16.82 ? 92  LEU A CD2 1 
ATOM   755  N  N   . GLY A 1 96  ? 0.477   -1.299  -11.871 1.00 17.46 ? 93  GLY A N   1 
ATOM   756  C  CA  . GLY A 1 96  ? 1.838   -1.810  -11.881 1.00 17.53 ? 93  GLY A CA  1 
ATOM   757  C  C   . GLY A 1 96  ? 2.691   -1.162  -12.964 1.00 18.56 ? 93  GLY A C   1 
ATOM   758  O  O   . GLY A 1 96  ? 3.820   -0.729  -12.711 1.00 18.44 ? 93  GLY A O   1 
ATOM   759  N  N   . ARG A 1 97  ? 2.136   -1.100  -14.179 1.00 18.53 ? 94  ARG A N   1 
ATOM   760  C  CA  . ARG A 1 97  ? 2.794   -0.437  -15.291 1.00 19.63 ? 94  ARG A CA  1 
ATOM   761  C  C   . ARG A 1 97  ? 3.189   1.007   -14.940 1.00 18.50 ? 94  ARG A C   1 
ATOM   762  O  O   . ARG A 1 97  ? 4.293   1.431   -15.254 1.00 18.46 ? 94  ARG A O   1 
ATOM   763  C  CB  . ARG A 1 97  ? 1.889   -0.437  -16.529 1.00 19.73 ? 94  ARG A CB  1 
ATOM   764  C  CG  . ARG A 1 97  ? 2.663   -0.150  -17.792 1.00 25.44 ? 94  ARG A CG  1 
ATOM   765  C  CD  . ARG A 1 97  ? 1.841   -0.479  -19.038 1.00 31.68 ? 94  ARG A CD  1 
ATOM   766  N  NE  . ARG A 1 97  ? 1.311   -1.849  -19.028 1.00 33.76 ? 94  ARG A NE  1 
ATOM   767  C  CZ  . ARG A 1 97  ? 0.030   -2.164  -18.848 1.00 37.00 ? 94  ARG A CZ  1 
ATOM   768  N  NH1 . ARG A 1 97  ? -0.886  -1.215  -18.647 1.00 37.76 ? 94  ARG A NH1 1 
ATOM   769  N  NH2 . ARG A 1 97  ? -0.336  -3.435  -18.864 1.00 38.82 ? 94  ARG A NH2 1 
ATOM   770  N  N   . LYS A 1 98  ? 2.270   1.715   -14.282 1.00 18.60 ? 95  LYS A N   1 
ATOM   771  C  CA  . LYS A 1 98  ? 2.468   3.110   -13.871 1.00 18.75 ? 95  LYS A CA  1 
ATOM   772  C  C   . LYS A 1 98  ? 3.634   3.203   -12.890 1.00 18.56 ? 95  LYS A C   1 
ATOM   773  O  O   . LYS A 1 98  ? 4.512   4.062   -13.017 1.00 18.56 ? 95  LYS A O   1 
ATOM   774  C  CB  . LYS A 1 98  ? 1.179   3.654   -13.246 1.00 18.53 ? 95  LYS A CB  1 
ATOM   775  C  CG  . LYS A 1 98  ? 1.294   5.053   -12.588 1.00 21.29 ? 95  LYS A CG  1 
ATOM   776  C  CD  . LYS A 1 98  ? 1.645   6.137   -13.593 1.00 25.00 ? 95  LYS A CD  1 
ATOM   777  C  CE  . LYS A 1 98  ? 1.520   7.537   -12.980 1.00 28.75 ? 95  LYS A CE  1 
ATOM   778  N  NZ  . LYS A 1 98  ? 1.989   8.575   -13.956 1.00 31.65 ? 95  LYS A NZ  1 
ATOM   779  N  N   A HIS A 1 99  ? 3.655   2.300   -11.915 0.50 18.40 ? 96  HIS A N   1 
ATOM   780  N  N   B HIS A 1 99  ? 3.641   2.303   -11.910 0.50 18.48 ? 96  HIS A N   1 
ATOM   781  C  CA  A HIS A 1 99  ? 4.731   2.304   -10.927 0.50 18.76 ? 96  HIS A CA  1 
ATOM   782  C  CA  B HIS A 1 99  ? 4.713   2.282   -10.914 0.50 18.94 ? 96  HIS A CA  1 
ATOM   783  C  C   A HIS A 1 99  ? 6.081   1.859   -11.488 0.50 19.14 ? 96  HIS A C   1 
ATOM   784  C  C   B HIS A 1 99  ? 6.069   1.873   -11.498 0.50 19.23 ? 96  HIS A C   1 
ATOM   785  O  O   A HIS A 1 99  ? 7.138   2.329   -11.052 0.50 19.48 ? 96  HIS A O   1 
ATOM   786  O  O   B HIS A 1 99  ? 7.118   2.380   -11.083 0.50 19.55 ? 96  HIS A O   1 
ATOM   787  C  CB  A HIS A 1 99  ? 4.299   1.523   -9.693  0.50 17.98 ? 96  HIS A CB  1 
ATOM   788  C  CB  B HIS A 1 99  ? 4.296   1.425   -9.721  0.50 18.21 ? 96  HIS A CB  1 
ATOM   789  C  CG  A HIS A 1 99  ? 3.317   2.282   -8.857  0.50 15.87 ? 96  HIS A CG  1 
ATOM   790  C  CG  B HIS A 1 99  ? 3.290   2.107   -8.844  0.50 16.77 ? 96  HIS A CG  1 
ATOM   791  N  ND1 A HIS A 1 99  ? 1.962   2.263   -9.096  0.50 14.11 ? 96  HIS A ND1 1 
ATOM   792  N  ND1 B HIS A 1 99  ? 1.932   1.939   -8.988  0.50 15.58 ? 96  HIS A ND1 1 
ATOM   793  C  CD2 A HIS A 1 99  ? 3.511   3.155   -7.841  0.50 14.16 ? 96  HIS A CD2 1 
ATOM   794  C  CD2 B HIS A 1 99  ? 3.455   3.015   -7.851  0.50 15.95 ? 96  HIS A CD2 1 
ATOM   795  C  CE1 A HIS A 1 99  ? 1.353   3.060   -8.230  0.50 15.48 ? 96  HIS A CE1 1 
ATOM   796  C  CE1 B HIS A 1 99  ? 1.300   2.685   -8.095  0.50 17.07 ? 96  HIS A CE1 1 
ATOM   797  N  NE2 A HIS A 1 99  ? 2.272   3.607   -7.450  0.50 14.51 ? 96  HIS A NE2 1 
ATOM   798  N  NE2 B HIS A 1 99  ? 2.203   3.348   -7.391  0.50 16.97 ? 96  HIS A NE2 1 
ATOM   799  N  N   . ARG A 1 100 ? 6.038   0.987   -12.486 1.00 19.86 ? 97  ARG A N   1 
ATOM   800  C  CA  . ARG A 1 100 ? 7.235   0.643   -13.236 1.00 21.72 ? 97  ARG A CA  1 
ATOM   801  C  C   . ARG A 1 100 ? 7.801   1.911   -13.905 1.00 22.38 ? 97  ARG A C   1 
ATOM   802  O  O   . ARG A 1 100 ? 8.996   2.179   -13.814 1.00 22.88 ? 97  ARG A O   1 
ATOM   803  C  CB  . ARG A 1 100 ? 6.897   -0.429  -14.275 1.00 22.29 ? 97  ARG A CB  1 
ATOM   804  C  CG  . ARG A 1 100 ? 8.105   -0.949  -15.051 1.00 27.06 ? 97  ARG A CG  1 
ATOM   805  C  CD  . ARG A 1 100 ? 7.611   -1.851  -16.171 1.00 32.25 ? 97  ARG A CD  1 
ATOM   806  N  NE  . ARG A 1 100 ? 8.649   -2.212  -17.130 1.00 38.53 ? 97  ARG A NE  1 
ATOM   807  C  CZ  . ARG A 1 100 ? 8.395   -2.831  -18.282 1.00 40.44 ? 97  ARG A CZ  1 
ATOM   808  N  NH1 . ARG A 1 100 ? 7.140   -3.141  -18.606 1.00 40.57 ? 97  ARG A NH1 1 
ATOM   809  N  NH2 . ARG A 1 100 ? 9.386   -3.123  -19.119 1.00 42.43 ? 97  ARG A NH2 1 
ATOM   810  N  N   . ALA A 1 101 ? 6.925   2.707   -14.517 1.00 23.70 ? 98  ALA A N   1 
ATOM   811  C  CA  . ALA A 1 101 ? 7.308   3.948   -15.211 1.00 24.95 ? 98  ALA A CA  1 
ATOM   812  C  C   . ALA A 1 101 ? 7.874   5.005   -14.273 1.00 25.80 ? 98  ALA A C   1 
ATOM   813  O  O   . ALA A 1 101 ? 8.797   5.726   -14.642 1.00 26.72 ? 98  ALA A O   1 
ATOM   814  C  CB  . ALA A 1 101 ? 6.121   4.509   -15.989 1.00 24.58 ? 98  ALA A CB  1 
ATOM   815  N  N   . VAL A 1 102 ? 7.329   5.099   -13.057 1.00 26.10 ? 99  VAL A N   1 
ATOM   816  C  CA  . VAL A 1 102 ? 7.811   6.084   -12.081 1.00 26.93 ? 99  VAL A CA  1 
ATOM   817  C  C   . VAL A 1 102 ? 9.140   5.650   -11.458 1.00 26.13 ? 99  VAL A C   1 
ATOM   818  O  O   . VAL A 1 102 ? 9.811   6.446   -10.814 1.00 25.87 ? 99  VAL A O   1 
ATOM   819  C  CB  . VAL A 1 102 ? 6.764   6.438   -10.958 1.00 27.64 ? 99  VAL A CB  1 
ATOM   820  C  CG1 . VAL A 1 102 ? 5.432   6.875   -11.535 1.00 29.24 ? 99  VAL A CG1 1 
ATOM   821  C  CG2 . VAL A 1 102 ? 6.585   5.319   -9.984  1.00 28.28 ? 99  VAL A CG2 1 
ATOM   822  N  N   . GLY A 1 103 ? 9.524   4.392   -11.679 1.00 25.20 ? 100 GLY A N   1 
ATOM   823  C  CA  . GLY A 1 103 ? 10.813  3.888   -11.215 1.00 24.71 ? 100 GLY A CA  1 
ATOM   824  C  C   . GLY A 1 103 ? 10.800  2.887   -10.076 1.00 23.68 ? 100 GLY A C   1 
ATOM   825  O  O   . GLY A 1 103 ? 11.863  2.531   -9.559  1.00 24.69 ? 100 GLY A O   1 
ATOM   826  N  N   . VAL A 1 104 ? 9.623   2.414   -9.675  1.00 23.40 ? 101 VAL A N   1 
ATOM   827  C  CA  . VAL A 1 104 ? 9.533   1.414   -8.601  1.00 23.22 ? 101 VAL A CA  1 
ATOM   828  C  C   . VAL A 1 104 ? 9.899   0.025   -9.118  1.00 23.84 ? 101 VAL A C   1 
ATOM   829  O  O   . VAL A 1 104 ? 9.399   -0.392  -10.154 1.00 23.70 ? 101 VAL A O   1 
ATOM   830  C  CB  . VAL A 1 104 ? 8.122   1.358   -7.923  1.00 23.88 ? 101 VAL A CB  1 
ATOM   831  C  CG1 . VAL A 1 104 ? 8.147   0.457   -6.673  1.00 23.69 ? 101 VAL A CG1 1 
ATOM   832  C  CG2 . VAL A 1 104 ? 7.635   2.763   -7.564  1.00 23.73 ? 101 VAL A CG2 1 
ATOM   833  N  N   . ARG A 1 105 ? 10.808  -0.645  -8.409  1.00 24.26 ? 102 ARG A N   1 
ATOM   834  C  CA  . ARG A 1 105 ? 11.176  -2.030  -8.674  1.00 25.56 ? 102 ARG A CA  1 
ATOM   835  C  C   . ARG A 1 105 ? 10.142  -2.974  -8.084  1.00 25.49 ? 102 ARG A C   1 
ATOM   836  O  O   . ARG A 1 105 ? 9.663   -2.760  -6.965  1.00 24.85 ? 102 ARG A O   1 
ATOM   837  C  CB  . ARG A 1 105 ? 12.568  -2.331  -8.115  1.00 26.28 ? 102 ARG A CB  1 
ATOM   838  C  CG  . ARG A 1 105 ? 13.643  -1.510  -8.807  1.00 30.40 ? 102 ARG A CG  1 
ATOM   839  C  CD  . ARG A 1 105 ? 15.050  -1.916  -8.448  1.00 36.57 ? 102 ARG A CD  1 
ATOM   840  N  NE  . ARG A 1 105 ? 15.981  -1.061  -9.184  1.00 40.54 ? 102 ARG A NE  1 
ATOM   841  C  CZ  . ARG A 1 105 ? 16.503  -1.354  -10.373 1.00 42.32 ? 102 ARG A CZ  1 
ATOM   842  N  NH1 . ARG A 1 105 ? 16.227  -2.514  -10.972 1.00 42.69 ? 102 ARG A NH1 1 
ATOM   843  N  NH2 . ARG A 1 105 ? 17.324  -0.490  -10.959 1.00 42.19 ? 102 ARG A NH2 1 
ATOM   844  N  N   . LEU A 1 106 ? 9.778   -4.016  -8.831  1.00 25.84 ? 103 LEU A N   1 
ATOM   845  C  CA  . LEU A 1 106 ? 8.747   -4.940  -8.358  1.00 26.37 ? 103 LEU A CA  1 
ATOM   846  C  C   . LEU A 1 106 ? 9.110   -5.502  -6.971  1.00 25.76 ? 103 LEU A C   1 
ATOM   847  O  O   . LEU A 1 106 ? 8.250   -5.651  -6.104  1.00 25.91 ? 103 LEU A O   1 
ATOM   848  C  CB  . LEU A 1 106 ? 8.496   -6.062  -9.373  1.00 26.93 ? 103 LEU A CB  1 
ATOM   849  C  CG  . LEU A 1 106 ? 7.403   -7.073  -9.035  1.00 27.80 ? 103 LEU A CG  1 
ATOM   850  C  CD1 . LEU A 1 106 ? 6.036   -6.427  -8.686  1.00 26.64 ? 103 LEU A CD1 1 
ATOM   851  C  CD2 . LEU A 1 106 ? 7.277   -8.056  -10.204 1.00 28.27 ? 103 LEU A CD2 1 
ATOM   852  N  N   . SER A 1 107 ? 10.396  -5.768  -6.787  1.00 25.93 ? 104 SER A N   1 
ATOM   853  C  CA  . SER A 1 107 ? 10.995  -6.164  -5.504  1.00 26.05 ? 104 SER A CA  1 
ATOM   854  C  C   . SER A 1 107 ? 10.575  -5.287  -4.306  1.00 24.34 ? 104 SER A C   1 
ATOM   855  O  O   . SER A 1 107 ? 10.403  -5.785  -3.179  1.00 24.02 ? 104 SER A O   1 
ATOM   856  C  CB  . SER A 1 107 ? 12.516  -6.139  -5.668  1.00 27.01 ? 104 SER A CB  1 
ATOM   857  O  OG  . SER A 1 107 ? 13.176  -6.344  -4.439  1.00 33.95 ? 104 SER A OG  1 
ATOM   858  N  N   . SER A 1 108 ? 10.407  -3.989  -4.534  1.00 21.54 ? 105 SER A N   1 
ATOM   859  C  CA  . SER A 1 108 ? 10.014  -3.099  -3.433  1.00 20.51 ? 105 SER A CA  1 
ATOM   860  C  C   . SER A 1 108 ? 8.613   -3.327  -2.899  1.00 19.49 ? 105 SER A C   1 
ATOM   861  O  O   . SER A 1 108 ? 8.304   -2.916  -1.776  1.00 17.59 ? 105 SER A O   1 
ATOM   862  C  CB  . SER A 1 108 ? 10.216  -1.631  -3.824  1.00 19.78 ? 105 SER A CB  1 
ATOM   863  O  OG  . SER A 1 108 ? 11.602  -1.443  -4.052  1.00 19.37 ? 105 SER A OG  1 
ATOM   864  N  N   . PHE A 1 109 ? 7.766   -4.006  -3.683  1.00 18.90 ? 106 PHE A N   1 
ATOM   865  C  CA  . PHE A 1 109 ? 6.407   -4.293  -3.206  1.00 18.61 ? 106 PHE A CA  1 
ATOM   866  C  C   . PHE A 1 109 ? 6.424   -5.330  -2.012  1.00 17.75 ? 106 PHE A C   1 
ATOM   867  O  O   . PHE A 1 109 ? 5.512   -5.376  -1.210  1.00 18.52 ? 106 PHE A O   1 
ATOM   868  C  CB  . PHE A 1 109 ? 5.391   -4.495  -4.404  1.00 18.49 ? 106 PHE A CB  1 
ATOM   869  C  CG  . PHE A 1 109 ? 4.953   -3.158  -5.049  1.00 18.92 ? 106 PHE A CG  1 
ATOM   870  C  CD1 . PHE A 1 109 ? 3.859   -2.445  -4.541  1.00 19.07 ? 106 PHE A CD1 1 
ATOM   871  C  CD2 . PHE A 1 109 ? 5.679   -2.565  -6.102  1.00 18.67 ? 106 PHE A CD2 1 
ATOM   872  C  CE1 . PHE A 1 109 ? 3.439   -1.120  -5.094  1.00 19.83 ? 106 PHE A CE1 1 
ATOM   873  C  CE2 . PHE A 1 109 ? 5.267   -1.280  -6.653  1.00 19.53 ? 106 PHE A CE2 1 
ATOM   874  C  CZ  . PHE A 1 109 ? 4.121   -0.532  -6.090  1.00 10.07 ? 106 PHE A CZ  1 
ATOM   875  N  N   . SER A 1 110 ? 7.502   -6.088  -1.857  1.00 16.93 ? 107 SER A N   1 
ATOM   876  C  CA  . SER A 1 110 ? 7.662   -6.908  -0.640  1.00 16.63 ? 107 SER A CA  1 
ATOM   877  C  C   . SER A 1 110 ? 7.774   -6.022  0.622   1.00 15.47 ? 107 SER A C   1 
ATOM   878  O  O   . SER A 1 110 ? 7.076   -6.274  1.602   1.00 14.93 ? 107 SER A O   1 
ATOM   879  C  CB  . SER A 1 110 ? 8.834   -7.895  -0.735  1.00 17.08 ? 107 SER A CB  1 
ATOM   880  O  OG  . SER A 1 110 ? 10.092  -7.246  -0.760  0.50 15.28 ? 107 SER A OG  1 
ATOM   881  N  N   . THR A 1 111 ? 8.596   -4.958  0.567   1.00 15.66 ? 108 THR A N   1 
ATOM   882  C  CA  . THR A 1 111 ? 8.742   -4.029  1.703   1.00 14.81 ? 108 THR A CA  1 
ATOM   883  C  C   . THR A 1 111 ? 7.434   -3.265  1.961   1.00 14.13 ? 108 THR A C   1 
ATOM   884  O  O   . THR A 1 111 ? 7.064   -2.999  3.113   1.00 12.76 ? 108 THR A O   1 
ATOM   885  C  CB  . THR A 1 111 ? 9.902   -3.008  1.465   1.00 15.76 ? 108 THR A CB  1 
ATOM   886  O  OG1 . THR A 1 111 ? 11.039  -3.684  0.923   1.00 19.04 ? 108 THR A OG1 1 
ATOM   887  C  CG2 . THR A 1 111 ? 10.337  -2.312  2.770   1.00 13.43 ? 108 THR A CG2 1 
ATOM   888  N  N   . VAL A 1 112 ? 6.734   -2.911  0.878   1.00 13.70 ? 109 VAL A N   1 
ATOM   889  C  CA  . VAL A 1 112 ? 5.414   -2.310  0.996   1.00 13.23 ? 109 VAL A CA  1 
ATOM   890  C  C   . VAL A 1 112 ? 4.493   -3.260  1.767   1.00 12.76 ? 109 VAL A C   1 
ATOM   891  O  O   . VAL A 1 112 ? 3.749   -2.840  2.640   1.00 11.75 ? 109 VAL A O   1 
ATOM   892  C  CB  . VAL A 1 112 ? 4.840   -1.962  -0.415  1.00 13.84 ? 109 VAL A CB  1 
ATOM   893  C  CG1 . VAL A 1 112 ? 3.380   -1.540  -0.301  1.00 15.32 ? 109 VAL A CG1 1 
ATOM   894  C  CG2 . VAL A 1 112 ? 5.686   -0.856  -1.066  1.00 13.10 ? 109 VAL A CG2 1 
ATOM   895  N  N   . GLY A 1 113 ? 4.565   -4.556  1.442   1.00 12.57 ? 110 GLY A N   1 
ATOM   896  C  CA  . GLY A 1 113 ? 3.753   -5.552  2.151   1.00 12.55 ? 110 GLY A CA  1 
ATOM   897  C  C   . GLY A 1 113 ? 4.031   -5.614  3.636   1.00 11.47 ? 110 GLY A C   1 
ATOM   898  O  O   . GLY A 1 113 ? 3.115   -5.596  4.472   1.00 12.11 ? 110 GLY A O   1 
ATOM   899  N  N   . GLU A 1 114 ? 5.309   -5.628  3.972   1.00 12.06 ? 111 GLU A N   1 
ATOM   900  C  CA  . GLU A 1 114 ? 5.719   -5.645  5.374   1.00 12.59 ? 111 GLU A CA  1 
ATOM   901  C  C   . GLU A 1 114 ? 5.273   -4.369  6.078   1.00 12.30 ? 111 GLU A C   1 
ATOM   902  O  O   . GLU A 1 114 ? 4.879   -4.410  7.251   1.00 12.32 ? 111 GLU A O   1 
ATOM   903  C  CB  . GLU A 1 114 ? 7.228   -5.805  5.486   1.00 13.47 ? 111 GLU A CB  1 
ATOM   904  C  CG  . GLU A 1 114 ? 7.781   -7.124  4.969   0.90 14.87 ? 111 GLU A CG  1 
ATOM   905  C  CD  . GLU A 1 114 ? 7.257   -8.349  5.695   0.90 18.14 ? 111 GLU A CD  1 
ATOM   906  O  OE1 . GLU A 1 114 ? 6.660   -8.234  6.783   0.90 18.29 ? 111 GLU A OE1 1 
ATOM   907  O  OE2 . GLU A 1 114 ? 7.502   -9.450  5.180   0.90 22.48 ? 111 GLU A OE2 1 
ATOM   908  N  N   . SER A 1 115 ? 5.336   -3.240  5.376   1.00 11.66 ? 112 SER A N   1 
ATOM   909  C  CA  . SER A 1 115 ? 4.843   -1.971  5.956   1.00 11.00 ? 112 SER A CA  1 
ATOM   910  C  C   . SER A 1 115 ? 3.319   -1.964  6.219   1.00 11.41 ? 112 SER A C   1 
ATOM   911  O  O   . SER A 1 115 ? 2.841   -1.494  7.268   1.00 10.03 ? 112 SER A O   1 
ATOM   912  C  CB  . SER A 1 115 ? 5.285   -0.766  5.107   1.00 11.14 ? 112 SER A CB  1 
ATOM   913  O  OG  . SER A 1 115 ? 6.700   -0.771  4.901   1.00 11.66 ? 112 SER A OG  1 
ATOM   914  N  N   . LEU A 1 116 ? 2.566   -2.529  5.269   1.00 11.45 ? 113 LEU A N   1 
ATOM   915  C  CA  . LEU A 1 116 ? 1.131   -2.754  5.461   1.00 12.60 ? 113 LEU A CA  1 
ATOM   916  C  C   . LEU A 1 116 ? 0.862   -3.591  6.712   1.00 12.65 ? 113 LEU A C   1 
ATOM   917  O  O   . LEU A 1 116 ? 0.059   -3.193  7.575   1.00 11.91 ? 113 LEU A O   1 
ATOM   918  C  CB  . LEU A 1 116 ? 0.540   -3.451  4.214   1.00 12.79 ? 113 LEU A CB  1 
ATOM   919  C  CG  . LEU A 1 116 ? -0.947  -3.816  4.329   1.00 14.91 ? 113 LEU A CG  1 
ATOM   920  C  CD1 . LEU A 1 116 ? -1.828  -2.555  4.428   1.00 18.44 ? 113 LEU A CD1 1 
ATOM   921  C  CD2 . LEU A 1 116 ? -1.338  -4.709  3.165   1.00 17.44 ? 113 LEU A CD2 1 
ATOM   922  N  N   . LEU A 1 117 ? 1.519   -4.751  6.806   1.00 12.87 ? 114 LEU A N   1 
ATOM   923  C  CA  . LEU A 1 117 ? 1.332   -5.632  7.964   1.00 13.84 ? 114 LEU A CA  1 
ATOM   924  C  C   . LEU A 1 117 ? 1.756   -4.954  9.270   1.00 12.83 ? 114 LEU A C   1 
ATOM   925  O  O   . LEU A 1 117 ? 1.140   -5.149  10.308  1.00 13.00 ? 114 LEU A O   1 
ATOM   926  C  CB  . LEU A 1 117 ? 2.106   -6.933  7.769   1.00 14.22 ? 114 LEU A CB  1 
ATOM   927  C  CG  . LEU A 1 117 ? 1.542   -7.824  6.658   1.00 18.01 ? 114 LEU A CG  1 
ATOM   928  C  CD1 . LEU A 1 117 ? 2.491   -8.997  6.397   1.00 22.94 ? 114 LEU A CD1 1 
ATOM   929  C  CD2 . LEU A 1 117 ? 0.125   -8.293  6.962   1.00 19.57 ? 114 LEU A CD2 1 
ATOM   930  N  N   . TYR A 1 118 ? 2.802   -4.145  9.205   1.00 12.66 ? 115 TYR A N   1 
ATOM   931  C  CA  . TYR A 1 118 ? 3.226   -3.373  10.362  1.00 12.57 ? 115 TYR A CA  1 
ATOM   932  C  C   . TYR A 1 118 ? 2.114   -2.403  10.821  1.00 12.63 ? 115 TYR A C   1 
ATOM   933  O  O   . TYR A 1 118 ? 1.768   -2.348  12.009  1.00 12.51 ? 115 TYR A O   1 
ATOM   934  C  CB  . TYR A 1 118 ? 4.539   -2.627  10.039  1.00 12.19 ? 115 TYR A CB  1 
ATOM   935  C  CG  . TYR A 1 118 ? 4.935   -1.646  11.129  1.00 13.36 ? 115 TYR A CG  1 
ATOM   936  C  CD1 . TYR A 1 118 ? 5.657   -2.053  12.252  1.00 16.80 ? 115 TYR A CD1 1 
ATOM   937  C  CD2 . TYR A 1 118 ? 4.561   -0.290  11.016  1.00 14.21 ? 115 TYR A CD2 1 
ATOM   938  C  CE1 . TYR A 1 118 ? 6.016   -1.091  13.256  1.00 14.74 ? 115 TYR A CE1 1 
ATOM   939  C  CE2 . TYR A 1 118 ? 4.883   0.621   11.969  1.00 17.04 ? 115 TYR A CE2 1 
ATOM   940  C  CZ  . TYR A 1 118 ? 5.605   0.218   13.085  1.00 15.89 ? 115 TYR A CZ  1 
ATOM   941  O  OH  . TYR A 1 118 ? 5.865   1.211   13.985  1.00 19.34 ? 115 TYR A OH  1 
ATOM   942  N  N   . MET A 1 119 ? 1.561   -1.653  9.884   1.00 12.62 ? 116 MET A N   1 
ATOM   943  C  CA  . MET A 1 119 ? 0.477   -0.690  10.164  1.00 13.53 ? 116 MET A CA  1 
ATOM   944  C  C   . MET A 1 119 ? -0.694  -1.428  10.807  1.00 13.52 ? 116 MET A C   1 
ATOM   945  O  O   . MET A 1 119 ? -1.276  -0.964  11.790  1.00 13.69 ? 116 MET A O   1 
ATOM   946  C  CB  . MET A 1 119 ? 0.011   -0.029  8.859   1.00 12.62 ? 116 MET A CB  1 
ATOM   947  C  CG  . MET A 1 119 ? -1.288  0.882   8.982   1.00 16.26 ? 116 MET A CG  1 
ATOM   948  S  SD  . MET A 1 119 ? -1.978  1.196   7.322   1.00 23.93 ? 116 MET A SD  1 
ATOM   949  C  CE  . MET A 1 119 ? -3.040  -0.235  7.135   1.00 22.46 ? 116 MET A CE  1 
ATOM   950  N  N   . LEU A 1 120 ? -1.039  -2.582  10.242  1.00 14.38 ? 117 LEU A N   1 
ATOM   951  C  CA  . LEU A 1 120 ? -2.170  -3.352  10.775  1.00 14.65 ? 117 LEU A CA  1 
ATOM   952  C  C   . LEU A 1 120 ? -1.890  -3.869  12.176  1.00 15.32 ? 117 LEU A C   1 
ATOM   953  O  O   . LEU A 1 120 ? -2.745  -3.703  13.047  1.00 15.51 ? 117 LEU A O   1 
ATOM   954  C  CB  . LEU A 1 120 ? -2.587  -4.476  9.821   1.00 15.35 ? 117 LEU A CB  1 
ATOM   955  C  CG  . LEU A 1 120 ? -3.142  -4.029  8.470   1.00 14.53 ? 117 LEU A CG  1 
ATOM   956  C  CD1 . LEU A 1 120 ? -3.111  -5.186  7.472   1.00 17.43 ? 117 LEU A CD1 1 
ATOM   957  C  CD2 . LEU A 1 120 ? -4.550  -3.431  8.613   1.00 18.90 ? 117 LEU A CD2 1 
ATOM   958  N  N   . GLU A 1 121 ? -0.693  -4.436  12.405  1.00 15.17 ? 118 GLU A N   1 
ATOM   959  C  CA  . GLU A 1 121 ? -0.296  -4.952  13.738  1.00 16.43 ? 118 GLU A CA  1 
ATOM   960  C  C   . GLU A 1 121 ? -0.384  -3.828  14.763  1.00 15.96 ? 118 GLU A C   1 
ATOM   961  O  O   . GLU A 1 121 ? -0.912  -3.999  15.888  1.00 15.70 ? 118 GLU A O   1 
ATOM   962  C  CB  . GLU A 1 121 ? 1.165   -5.434  13.759  1.00 16.95 ? 118 GLU A CB  1 
ATOM   963  C  CG  . GLU A 1 121 ? 1.554   -6.682  13.018  1.00 24.21 ? 118 GLU A CG  1 
ATOM   964  C  CD  . GLU A 1 121 ? 3.100   -6.776  12.861  1.00 29.90 ? 118 GLU A CD  1 
ATOM   965  O  OE1 . GLU A 1 121 ? 3.809   -6.684  13.904  1.00 25.81 ? 118 GLU A OE1 1 
ATOM   966  O  OE2 . GLU A 1 121 ? 3.571   -6.919  11.696  1.00 29.82 ? 118 GLU A OE2 1 
ATOM   967  N  N   . LYS A 1 122 ? 0.139   -2.658  14.383  1.00 14.58 ? 119 LYS A N   1 
ATOM   968  C  CA  . LYS A 1 122 ? 0.177   -1.544  15.335  1.00 15.76 ? 119 LYS A CA  1 
ATOM   969  C  C   . LYS A 1 122 ? -1.212  -0.998  15.659  1.00 16.36 ? 119 LYS A C   1 
ATOM   970  O  O   . LYS A 1 122 ? -1.483  -0.648  16.815  1.00 15.66 ? 119 LYS A O   1 
ATOM   971  C  CB  . LYS A 1 122 ? 1.086   -0.431  14.826  1.00 15.74 ? 119 LYS A CB  1 
ATOM   972  C  CG  . LYS A 1 122 ? 2.536   -0.816  14.723  1.00 17.35 ? 119 LYS A CG  1 
ATOM   973  C  CD  . LYS A 1 122 ? 3.098   -1.438  15.999  1.00 21.06 ? 119 LYS A CD  1 
ATOM   974  C  CE  . LYS A 1 122 ? 3.264   -0.477  17.135  1.00 23.18 ? 119 LYS A CE  1 
ATOM   975  N  NZ  . LYS A 1 122 ? 4.168   -1.086  18.158  1.00 25.30 ? 119 LYS A NZ  1 
ATOM   976  N  N   . SER A 1 123 ? -2.081  -0.921  14.654  1.00 16.27 ? 120 SER A N   1 
ATOM   977  C  CA  . SER A 1 123 ? -3.433  -0.421  14.852  1.00 18.30 ? 120 SER A CA  1 
ATOM   978  C  C   . SER A 1 123 ? -4.321  -1.394  15.650  1.00 20.14 ? 120 SER A C   1 
ATOM   979  O  O   . SER A 1 123 ? -5.039  -0.979  16.570  1.00 20.52 ? 120 SER A O   1 
ATOM   980  C  CB  . SER A 1 123 ? -4.100  -0.110  13.498  1.00 17.57 ? 120 SER A CB  1 
ATOM   981  O  OG  . SER A 1 123 ? -5.452  0.293   13.697  0.50 13.64 ? 120 SER A OG  1 
ATOM   982  N  N   . LEU A 1 124 ? -4.256  -2.676  15.291  1.00 21.48 ? 121 LEU A N   1 
ATOM   983  C  CA  . LEU A 1 124 ? -5.205  -3.671  15.781  1.00 23.84 ? 121 LEU A CA  1 
ATOM   984  C  C   . LEU A 1 124 ? -4.787  -4.311  17.102  1.00 25.60 ? 121 LEU A C   1 
ATOM   985  O  O   . LEU A 1 124 ? -5.649  -4.778  17.874  1.00 26.08 ? 121 LEU A O   1 
ATOM   986  C  CB  . LEU A 1 124 ? -5.485  -4.726  14.698  1.00 23.51 ? 121 LEU A CB  1 
ATOM   987  C  CG  . LEU A 1 124 ? -6.157  -4.206  13.413  1.00 25.62 ? 121 LEU A CG  1 
ATOM   988  C  CD1 . LEU A 1 124 ? -6.016  -5.231  12.283  1.00 26.93 ? 121 LEU A CD1 1 
ATOM   989  C  CD2 . LEU A 1 124 ? -7.623  -3.798  13.626  1.00 28.12 ? 121 LEU A CD2 1 
ATOM   990  N  N   . GLY A 1 125 ? -3.483  -4.305  17.390  1.00 26.24 ? 122 GLY A N   1 
ATOM   991  C  CA  . GLY A 1 125 ? -2.973  -4.919  18.610  1.00 28.23 ? 122 GLY A CA  1 
ATOM   992  C  C   . GLY A 1 125 ? -3.385  -6.386  18.704  1.00 29.04 ? 122 GLY A C   1 
ATOM   993  O  O   . GLY A 1 125 ? -3.166  -7.157  17.768  1.00 29.09 ? 122 GLY A O   1 
ATOM   994  N  N   . PRO A 1 126 ? -4.022  -6.766  19.822  1.00 30.55 ? 123 PRO A N   1 
ATOM   995  C  CA  . PRO A 1 126 ? -4.441  -8.156  20.069  1.00 31.47 ? 123 PRO A CA  1 
ATOM   996  C  C   . PRO A 1 126 ? -5.374  -8.700  18.991  1.00 31.98 ? 123 PRO A C   1 
ATOM   997  O  O   . PRO A 1 126 ? -5.378  -9.904  18.727  1.00 32.63 ? 123 PRO A O   1 
ATOM   998  C  CB  . PRO A 1 126 ? -5.197  -8.063  21.402  1.00 31.68 ? 123 PRO A CB  1 
ATOM   999  C  CG  . PRO A 1 126 ? -4.720  -6.803  22.041  1.00 32.00 ? 123 PRO A CG  1 
ATOM   1000 C  CD  . PRO A 1 126 ? -4.437  -5.864  20.912  1.00 30.47 ? 123 PRO A CD  1 
ATOM   1001 N  N   . ASP A 1 127 ? -6.153  -7.821  18.368  1.00 31.75 ? 124 ASP A N   1 
ATOM   1002 C  CA  . ASP A 1 127 ? -7.058  -8.204  17.289  1.00 32.26 ? 124 ASP A CA  1 
ATOM   1003 C  C   . ASP A 1 127 ? -6.363  -8.552  15.969  1.00 31.48 ? 124 ASP A C   1 
ATOM   1004 O  O   . ASP A 1 127 ? -7.007  -9.016  15.013  1.00 31.55 ? 124 ASP A O   1 
ATOM   1005 C  CB  . ASP A 1 127 ? -8.133  -7.124  17.097  1.00 32.57 ? 124 ASP A CB  1 
ATOM   1006 C  CG  . ASP A 1 127 ? -8.949  -6.903  18.365  1.00 35.51 ? 124 ASP A CG  1 
ATOM   1007 O  OD1 . ASP A 1 127 ? -9.115  -7.882  19.132  1.00 38.45 ? 124 ASP A OD1 1 
ATOM   1008 O  OD2 . ASP A 1 127 ? -9.396  -5.767  18.619  1.00 37.91 ? 124 ASP A OD2 1 
ATOM   1009 N  N   . PHE A 1 128 ? -5.048  -8.352  15.912  1.00 30.64 ? 125 PHE A N   1 
ATOM   1010 C  CA  . PHE A 1 128 ? -4.314  -8.780  14.733  1.00 30.07 ? 125 PHE A CA  1 
ATOM   1011 C  C   . PHE A 1 128 ? -3.843  -10.217 14.938  1.00 29.89 ? 125 PHE A C   1 
ATOM   1012 O  O   . PHE A 1 128 ? -2.662  -10.492 15.162  1.00 30.74 ? 125 PHE A O   1 
ATOM   1013 C  CB  . PHE A 1 128 ? -3.157  -7.836  14.395  1.00 29.65 ? 125 PHE A CB  1 
ATOM   1014 C  CG  . PHE A 1 128 ? -2.676  -7.960  12.971  1.00 28.49 ? 125 PHE A CG  1 
ATOM   1015 C  CD1 . PHE A 1 128 ? -3.542  -7.745  11.906  1.00 28.87 ? 125 PHE A CD1 1 
ATOM   1016 C  CD2 . PHE A 1 128 ? -1.366  -8.282  12.703  1.00 29.11 ? 125 PHE A CD2 1 
ATOM   1017 C  CE1 . PHE A 1 128 ? -3.097  -7.875  10.587  1.00 29.08 ? 125 PHE A CE1 1 
ATOM   1018 C  CE2 . PHE A 1 128 ? -0.906  -8.391  11.390  1.00 27.59 ? 125 PHE A CE2 1 
ATOM   1019 C  CZ  . PHE A 1 128 ? -1.772  -8.178  10.338  1.00 27.97 ? 125 PHE A CZ  1 
ATOM   1020 N  N   . THR A 1 129 ? -4.811  -11.120 14.859  1.00 30.03 ? 126 THR A N   1 
ATOM   1021 C  CA  . THR A 1 129 ? -4.615  -12.540 15.142  1.00 30.05 ? 126 THR A CA  1 
ATOM   1022 C  C   . THR A 1 129 ? -3.788  -13.174 14.037  1.00 29.92 ? 126 THR A C   1 
ATOM   1023 O  O   . THR A 1 129 ? -3.665  -12.596 12.945  1.00 30.10 ? 126 THR A O   1 
ATOM   1024 C  CB  . THR A 1 129 ? -5.982  -13.278 15.246  1.00 29.01 ? 126 THR A CB  1 
ATOM   1025 O  OG1 . THR A 1 129 ? -6.694  -13.185 14.008  1.00 29.75 ? 126 THR A OG1 1 
ATOM   1026 C  CG2 . THR A 1 129 ? -6.832  -12.704 16.345  1.00 29.81 ? 126 THR A CG2 1 
ATOM   1027 N  N   . PRO A 1 130 ? -3.185  -14.348 14.315  1.00 29.63 ? 127 PRO A N   1 
ATOM   1028 C  CA  . PRO A 1 130 ? -2.594  -15.154 13.244  1.00 29.14 ? 127 PRO A CA  1 
ATOM   1029 C  C   . PRO A 1 130 ? -3.463  -15.293 11.998  1.00 28.17 ? 127 PRO A C   1 
ATOM   1030 O  O   . PRO A 1 130 ? -2.945  -15.185 10.894  1.00 28.15 ? 127 PRO A O   1 
ATOM   1031 C  CB  . PRO A 1 130 ? -2.415  -16.534 13.904  1.00 28.77 ? 127 PRO A CB  1 
ATOM   1032 C  CG  . PRO A 1 130 ? -2.174  -16.214 15.337  1.00 29.22 ? 127 PRO A CG  1 
ATOM   1033 C  CD  . PRO A 1 130 ? -2.977  -14.972 15.643  1.00 29.68 ? 127 PRO A CD  1 
ATOM   1034 N  N   . ALA A 1 131 ? -4.754  -15.559 12.172  1.00 27.51 ? 128 ALA A N   1 
ATOM   1035 C  CA  . ALA A 1 131 ? -5.646  -15.722 11.026  1.00 27.70 ? 128 ALA A CA  1 
ATOM   1036 C  C   . ALA A 1 131 ? -5.775  -14.422 10.224  1.00 27.51 ? 128 ALA A C   1 
ATOM   1037 O  O   . ALA A 1 131 ? -5.840  -14.458 8.990   1.00 27.16 ? 128 ALA A O   1 
ATOM   1038 C  CB  . ALA A 1 131 ? -7.019  -16.229 11.462  1.00 27.64 ? 128 ALA A CB  1 
ATOM   1039 N  N   . THR A 1 132 ? -5.796  -13.293 10.941  1.00 27.97 ? 129 THR A N   1 
ATOM   1040 C  CA  . THR A 1 132 ? -5.970  -11.958 10.329  1.00 27.90 ? 129 THR A CA  1 
ATOM   1041 C  C   . THR A 1 132 ? -4.732  -11.613 9.501   1.00 26.94 ? 129 THR A C   1 
ATOM   1042 O  O   . THR A 1 132 ? -4.859  -11.203 8.343   1.00 26.48 ? 129 THR A O   1 
ATOM   1043 C  CB  . THR A 1 132 ? -6.209  -10.855 11.384  1.00 28.64 ? 129 THR A CB  1 
ATOM   1044 O  OG1 . THR A 1 132 ? -7.301  -11.231 12.234  1.00 30.75 ? 129 THR A OG1 1 
ATOM   1045 C  CG2 . THR A 1 132 ? -6.544  -9.496  10.708  1.00 28.53 ? 129 THR A CG2 1 
ATOM   1046 N  N   . ARG A 1 133 ? -3.554  -11.800 10.098  1.00 25.67 ? 130 ARG A N   1 
ATOM   1047 C  CA  . ARG A 1 133 ? -2.265  -11.624 9.416   1.00 26.23 ? 130 ARG A CA  1 
ATOM   1048 C  C   . ARG A 1 133 ? -2.184  -12.460 8.137   1.00 25.24 ? 130 ARG A C   1 
ATOM   1049 O  O   . ARG A 1 133 ? -1.810  -11.953 7.079   1.00 24.27 ? 130 ARG A O   1 
ATOM   1050 C  CB  . ARG A 1 133 ? -1.094  -11.963 10.364  1.00 26.46 ? 130 ARG A CB  1 
ATOM   1051 C  CG  . ARG A 1 133 ? 0.257   -12.043 9.670   1.00 31.69 ? 130 ARG A CG  1 
ATOM   1052 C  CD  . ARG A 1 133 ? 1.465   -11.870 10.601  1.00 36.35 ? 130 ARG A CD  1 
ATOM   1053 N  NE  . ARG A 1 133 ? 2.524   -11.167 9.860   1.00 42.13 ? 130 ARG A NE  1 
ATOM   1054 C  CZ  . ARG A 1 133 ? 3.161   -10.071 10.284  1.00 44.52 ? 130 ARG A CZ  1 
ATOM   1055 N  NH1 . ARG A 1 133 ? 2.903   -9.553  11.487  1.00 46.92 ? 130 ARG A NH1 1 
ATOM   1056 N  NH2 . ARG A 1 133 ? 4.079   -9.501  9.514   1.00 44.66 ? 130 ARG A NH2 1 
ATOM   1057 N  N   . THR A 1 134 ? -2.540  -13.745 8.232   1.00 23.87 ? 131 THR A N   1 
ATOM   1058 C  CA  . THR A 1 134 ? -2.500  -14.625 7.063   1.00 22.78 ? 131 THR A CA  1 
ATOM   1059 C  C   . THR A 1 134 ? -3.439  -14.155 5.943   1.00 22.12 ? 131 THR A C   1 
ATOM   1060 O  O   . THR A 1 134 ? -3.074  -14.181 4.758   1.00 22.36 ? 131 THR A O   1 
ATOM   1061 C  CB  . THR A 1 134 ? -2.795  -16.106 7.498   1.00 23.27 ? 131 THR A CB  1 
ATOM   1062 O  OG1 . THR A 1 134 ? -1.756  -16.511 8.384   1.00 22.52 ? 131 THR A OG1 1 
ATOM   1063 C  CG2 . THR A 1 134 ? -2.826  -17.050 6.304   1.00 24.57 ? 131 THR A CG2 1 
ATOM   1064 N  N   . ALA A 1 135 ? -4.633  -13.727 6.334   1.00 21.84 ? 132 ALA A N   1 
ATOM   1065 C  CA  . ALA A 1 135 ? -5.664  -13.280 5.401   1.00 21.30 ? 132 ALA A CA  1 
ATOM   1066 C  C   . ALA A 1 135 ? -5.139  -12.079 4.600   1.00 20.97 ? 132 ALA A C   1 
ATOM   1067 O  O   . ALA A 1 135 ? -5.186  -12.073 3.368   1.00 20.07 ? 132 ALA A O   1 
ATOM   1068 C  CB  . ALA A 1 135 ? -6.916  -12.920 6.144   1.00 21.82 ? 132 ALA A CB  1 
ATOM   1069 N  N   . TRP A 1 136 ? -4.623  -11.088 5.333   1.00 20.41 ? 133 TRP A N   1 
ATOM   1070 C  CA  . TRP A 1 136 ? -4.040  -9.876  4.728   1.00 19.74 ? 133 TRP A CA  1 
ATOM   1071 C  C   . TRP A 1 136 ? -2.848  -10.167 3.849   1.00 20.00 ? 133 TRP A C   1 
ATOM   1072 O  O   . TRP A 1 136 ? -2.714  -9.565  2.784   1.00 19.63 ? 133 TRP A O   1 
ATOM   1073 C  CB  . TRP A 1 136 ? -3.698  -8.846  5.804   1.00 18.70 ? 133 TRP A CB  1 
ATOM   1074 C  CG  . TRP A 1 136 ? -4.883  -8.029  6.234   1.00 18.64 ? 133 TRP A CG  1 
ATOM   1075 C  CD1 . TRP A 1 136 ? -5.621  -8.177  7.373   1.00 18.51 ? 133 TRP A CD1 1 
ATOM   1076 C  CD2 . TRP A 1 136 ? -5.453  -6.914  5.526   1.00 17.19 ? 133 TRP A CD2 1 
ATOM   1077 N  NE1 . TRP A 1 136 ? -6.621  -7.222  7.418   1.00 17.10 ? 133 TRP A NE1 1 
ATOM   1078 C  CE2 . TRP A 1 136 ? -6.534  -6.435  6.297   1.00 18.52 ? 133 TRP A CE2 1 
ATOM   1079 C  CE3 . TRP A 1 136 ? -5.146  -6.274  4.314   1.00 16.96 ? 133 TRP A CE3 1 
ATOM   1080 C  CZ2 . TRP A 1 136 ? -7.330  -5.334  5.898   1.00 16.85 ? 133 TRP A CZ2 1 
ATOM   1081 C  CZ3 . TRP A 1 136 ? -5.940  -5.179  3.914   1.00 16.42 ? 133 TRP A CZ3 1 
ATOM   1082 C  CH2 . TRP A 1 136 ? -7.015  -4.731  4.708   1.00 16.80 ? 133 TRP A CH2 1 
ATOM   1083 N  N   A SER A 1 137 ? -1.985  -11.090 4.285   0.50 20.02 ? 134 SER A N   1 
ATOM   1084 N  N   B SER A 1 137 ? -1.972  -11.072 4.296   0.50 20.00 ? 134 SER A N   1 
ATOM   1085 C  CA  A SER A 1 137 ? -0.819  -11.495 3.500   0.50 20.24 ? 134 SER A CA  1 
ATOM   1086 C  CA  B SER A 1 137 ? -0.831  -11.496 3.489   0.50 20.22 ? 134 SER A CA  1 
ATOM   1087 C  C   A SER A 1 137 ? -1.225  -12.146 2.168   0.50 20.72 ? 134 SER A C   1 
ATOM   1088 C  C   B SER A 1 137 ? -1.298  -12.050 2.145   0.50 20.71 ? 134 SER A C   1 
ATOM   1089 O  O   A SER A 1 137 ? -0.541  -11.975 1.157   0.50 21.04 ? 134 SER A O   1 
ATOM   1090 O  O   B SER A 1 137 ? -0.742  -11.709 1.099   0.50 21.03 ? 134 SER A O   1 
ATOM   1091 C  CB  A SER A 1 137 ? 0.064   -12.449 4.306   0.50 20.40 ? 134 SER A CB  1 
ATOM   1092 C  CB  B SER A 1 137 ? -0.009  -12.545 4.236   0.50 20.35 ? 134 SER A CB  1 
ATOM   1093 O  OG  A SER A 1 137 ? 1.356   -12.545 3.735   0.50 20.11 ? 134 SER A OG  1 
ATOM   1094 O  OG  B SER A 1 137 ? 0.656   -11.957 5.335   0.50 20.09 ? 134 SER A OG  1 
ATOM   1095 N  N   . ARG A 1 138 ? -2.331  -12.890 2.182   1.00 21.11 ? 135 ARG A N   1 
ATOM   1096 C  CA  . ARG A 1 138 ? -2.899  -13.487 0.972   1.00 21.83 ? 135 ARG A CA  1 
ATOM   1097 C  C   . ARG A 1 138 ? -3.551  -12.450 0.049   1.00 21.01 ? 135 ARG A C   1 
ATOM   1098 O  O   . ARG A 1 138 ? -3.323  -12.481 -1.174  1.00 20.07 ? 135 ARG A O   1 
ATOM   1099 C  CB  . ARG A 1 138 ? -3.866  -14.640 1.322   1.00 23.21 ? 135 ARG A CB  1 
ATOM   1100 C  CG  . ARG A 1 138 ? -3.100  -15.953 1.597   1.00 27.82 ? 135 ARG A CG  1 
ATOM   1101 C  CD  . ARG A 1 138 ? -4.031  -17.119 2.071   1.00 33.59 ? 135 ARG A CD  1 
ATOM   1102 N  NE  . ARG A 1 138 ? -5.281  -17.204 1.306   1.00 37.90 ? 135 ARG A NE  1 
ATOM   1103 C  CZ  . ARG A 1 138 ? -5.401  -17.695 0.070   1.00 39.84 ? 135 ARG A CZ  1 
ATOM   1104 N  NH1 . ARG A 1 138 ? -4.343  -18.167 -0.590  1.00 41.40 ? 135 ARG A NH1 1 
ATOM   1105 N  NH2 . ARG A 1 138 ? -6.594  -17.714 -0.510  1.00 41.50 ? 135 ARG A NH2 1 
ATOM   1106 N  N   . LEU A 1 139 ? -4.308  -11.517 0.635   1.00 20.26 ? 136 LEU A N   1 
ATOM   1107 C  CA  . LEU A 1 139 ? -4.968  -10.478 -0.165  1.00 19.64 ? 136 LEU A CA  1 
ATOM   1108 C  C   . LEU A 1 139 ? -3.906  -9.600  -0.814  1.00 19.44 ? 136 LEU A C   1 
ATOM   1109 O  O   . LEU A 1 139 ? -3.965  -9.355  -2.014  1.00 18.41 ? 136 LEU A O   1 
ATOM   1110 C  CB  . LEU A 1 139 ? -5.964  -9.637  0.647   1.00 19.23 ? 136 LEU A CB  1 
ATOM   1111 C  CG  . LEU A 1 139 ? -6.654  -8.489  -0.109  1.00 19.78 ? 136 LEU A CG  1 
ATOM   1112 C  CD1 . LEU A 1 139 ? -7.449  -9.017  -1.332  1.00 19.48 ? 136 LEU A CD1 1 
ATOM   1113 C  CD2 . LEU A 1 139 ? -7.589  -7.715  0.824   1.00 18.57 ? 136 LEU A CD2 1 
ATOM   1114 N  N   . TYR A 1 140 ? -2.947  -9.137  -0.010  1.00 19.57 ? 137 TYR A N   1 
ATOM   1115 C  CA  . TYR A 1 140 ? -1.836  -8.339  -0.532  1.00 18.69 ? 137 TYR A CA  1 
ATOM   1116 C  C   . TYR A 1 140 ? -1.077  -9.074  -1.614  1.00 19.64 ? 137 TYR A C   1 
ATOM   1117 O  O   . TYR A 1 140 ? -0.775  -8.497  -2.659  1.00 19.26 ? 137 TYR A O   1 
ATOM   1118 C  CB  . TYR A 1 140 ? -0.866  -7.879  0.575   1.00 18.78 ? 137 TYR A CB  1 
ATOM   1119 C  CG  . TYR A 1 140 ? 0.208   -6.984  0.001   1.00 18.25 ? 137 TYR A CG  1 
ATOM   1120 C  CD1 . TYR A 1 140 ? -0.101  -5.670  -0.387  1.00 17.35 ? 137 TYR A CD1 1 
ATOM   1121 C  CD2 . TYR A 1 140 ? 1.491   -7.455  -0.219  1.00 17.31 ? 137 TYR A CD2 1 
ATOM   1122 C  CE1 . TYR A 1 140 ? 0.876   -4.832  -0.949  1.00 19.12 ? 137 TYR A CE1 1 
ATOM   1123 C  CE2 . TYR A 1 140 ? 2.489   -6.617  -0.775  1.00 16.82 ? 137 TYR A CE2 1 
ATOM   1124 C  CZ  . TYR A 1 140 ? 2.164   -5.310  -1.132  1.00 17.59 ? 137 TYR A CZ  1 
ATOM   1125 O  OH  . TYR A 1 140 ? 3.115   -4.496  -1.700  1.00 16.67 ? 137 TYR A OH  1 
ATOM   1126 N  N   . GLY A 1 141 ? -0.771  -10.355 -1.378  1.00 19.59 ? 138 GLY A N   1 
ATOM   1127 C  CA  . GLY A 1 141 ? -0.131  -11.177 -2.399  1.00 20.51 ? 138 GLY A CA  1 
ATOM   1128 C  C   . GLY A 1 141 ? -0.897  -11.189 -3.726  1.00 21.10 ? 138 GLY A C   1 
ATOM   1129 O  O   . GLY A 1 141 ? -0.295  -11.093 -4.794  1.00 21.53 ? 138 GLY A O   1 
ATOM   1130 N  N   . ALA A 1 142 ? -2.221  -11.305 -3.645  1.00 21.74 ? 139 ALA A N   1 
ATOM   1131 C  CA  . ALA A 1 142 ? -3.079  -11.354 -4.828  1.00 21.75 ? 139 ALA A CA  1 
ATOM   1132 C  C   . ALA A 1 142 ? -3.009  -10.023 -5.573  1.00 21.69 ? 139 ALA A C   1 
ATOM   1133 O  O   . ALA A 1 142 ? -2.901  -9.998  -6.801  1.00 21.35 ? 139 ALA A O   1 
ATOM   1134 C  CB  . ALA A 1 142 ? -4.499  -11.674 -4.427  1.00 22.04 ? 139 ALA A CB  1 
ATOM   1135 N  N   . VAL A 1 143 ? -3.038  -8.921  -4.816  1.00 20.93 ? 140 VAL A N   1 
ATOM   1136 C  CA  . VAL A 1 143 ? -2.905  -7.579  -5.390  1.00 20.13 ? 140 VAL A CA  1 
ATOM   1137 C  C   . VAL A 1 143 ? -1.583  -7.403  -6.140  1.00 20.07 ? 140 VAL A C   1 
ATOM   1138 O  O   . VAL A 1 143 ? -1.567  -6.962  -7.307  1.00 19.94 ? 140 VAL A O   1 
ATOM   1139 C  CB  . VAL A 1 143 ? -3.116  -6.463  -4.314  1.00 20.07 ? 140 VAL A CB  1 
ATOM   1140 C  CG1 . VAL A 1 143 ? -2.702  -5.058  -4.879  1.00 17.64 ? 140 VAL A CG1 1 
ATOM   1141 C  CG2 . VAL A 1 143 ? -4.561  -6.463  -3.845  1.00 21.38 ? 140 VAL A CG2 1 
ATOM   1142 N  N   . VAL A 1 144 ? -0.477  -7.767  -5.494  1.00 19.18 ? 141 VAL A N   1 
ATOM   1143 C  CA  . VAL A 1 144 ? 0.840   -7.674  -6.100  1.00 20.70 ? 141 VAL A CA  1 
ATOM   1144 C  C   . VAL A 1 144 ? 0.984   -8.575  -7.330  1.00 20.14 ? 141 VAL A C   1 
ATOM   1145 O  O   . VAL A 1 144 ? 1.631   -8.179  -8.288  1.00 20.33 ? 141 VAL A O   1 
ATOM   1146 C  CB  . VAL A 1 144 ? 1.978   -7.935  -5.078  1.00 20.60 ? 141 VAL A CB  1 
ATOM   1147 C  CG1 . VAL A 1 144 ? 3.345   -7.847  -5.751  1.00 22.94 ? 141 VAL A CG1 1 
ATOM   1148 C  CG2 . VAL A 1 144 ? 1.900   -6.895  -3.972  1.00 21.60 ? 141 VAL A CG2 1 
ATOM   1149 N  N   . GLN A 1 145 ? 0.354   -9.751  -7.301  1.00 20.74 ? 142 GLN A N   1 
ATOM   1150 C  CA  . GLN A 1 145 ? 0.353   -10.680 -8.453  1.00 21.15 ? 142 GLN A CA  1 
ATOM   1151 C  C   . GLN A 1 145 ? -0.206  -9.974  -9.705  1.00 20.47 ? 142 GLN A C   1 
ATOM   1152 O  O   . GLN A 1 145 ? 0.431   -9.976  -10.772 1.00 20.43 ? 142 GLN A O   1 
ATOM   1153 C  CB  . GLN A 1 145 ? -0.466  -11.951 -8.117  1.00 22.39 ? 142 GLN A CB  1 
ATOM   1154 C  CG  . GLN A 1 145 ? -0.390  -13.024 -9.193  1.00 24.20 ? 142 GLN A CG  1 
ATOM   1155 C  CD  . GLN A 1 145 ? -1.262  -14.234 -8.871  1.00 29.55 ? 142 GLN A CD  1 
ATOM   1156 N  N   . ALA A 1 146 ? -1.363  -9.332  -9.545  1.00 20.08 ? 143 ALA A N   1 
ATOM   1157 C  CA  . ALA A 1 146 ? -2.003  -8.542  -10.608 1.00 20.48 ? 143 ALA A CA  1 
ATOM   1158 C  C   . ALA A 1 146 ? -1.132  -7.357  -11.038 1.00 21.09 ? 143 ALA A C   1 
ATOM   1159 O  O   . ALA A 1 146 ? -0.798  -7.219  -12.218 1.00 20.91 ? 143 ALA A O   1 
ATOM   1160 C  CB  . ALA A 1 146 ? -3.384  -8.092  -10.171 1.00 20.35 ? 143 ALA A CB  1 
ATOM   1161 N  N   . MET A 1 147 ? -0.691  -6.535  -10.081 1.00 20.37 ? 144 MET A N   1 
ATOM   1162 C  CA  . MET A 1 147 ? 0.256   -5.456  -10.400 1.00 20.89 ? 144 MET A CA  1 
ATOM   1163 C  C   . MET A 1 147 ? 1.541   -5.894  -11.124 1.00 21.28 ? 144 MET A C   1 
ATOM   1164 O  O   . MET A 1 147 ? 2.043   -5.195  -12.020 1.00 20.63 ? 144 MET A O   1 
ATOM   1165 C  CB  . MET A 1 147 ? 0.615   -4.675  -9.123  1.00 20.16 ? 144 MET A CB  1 
ATOM   1166 C  CG  . MET A 1 147 ? -0.574  -4.005  -8.487  1.00 20.04 ? 144 MET A CG  1 
ATOM   1167 S  SD  . MET A 1 147 ? -0.138  -2.973  -7.043  1.00 19.08 ? 144 MET A SD  1 
ATOM   1168 C  CE  . MET A 1 147 ? 0.758   -1.662  -7.838  1.00 18.50 ? 144 MET A CE  1 
ATOM   1169 N  N   . SER A 1 148 ? 2.070   -7.064  -10.761 1.00 21.78 ? 145 SER A N   1 
ATOM   1170 C  CA  . SER A 1 148 ? 3.334   -7.525  -11.338 1.00 23.00 ? 145 SER A CA  1 
ATOM   1171 C  C   . SER A 1 148 ? 3.242   -7.759  -12.841 1.00 23.00 ? 145 SER A C   1 
ATOM   1172 O  O   . SER A 1 148 ? 4.260   -7.728  -13.540 1.00 23.28 ? 145 SER A O   1 
ATOM   1173 C  CB  . SER A 1 148 ? 3.827   -8.797  -10.654 1.00 23.25 ? 145 SER A CB  1 
ATOM   1174 O  OG  . SER A 1 148 ? 3.080   -9.920  -11.074 1.00 25.27 ? 145 SER A OG  1 
ATOM   1175 N  N   . ARG A 1 149 ? 2.028   -8.011  -13.323 1.00 24.09 ? 146 ARG A N   1 
ATOM   1176 C  CA  . ARG A 1 149 ? 1.785   -8.147  -14.764 1.00 25.79 ? 146 ARG A CA  1 
ATOM   1177 C  C   . ARG A 1 149 ? 2.219   -6.895  -15.536 1.00 26.64 ? 146 ARG A C   1 
ATOM   1178 O  O   . ARG A 1 149 ? 2.512   -6.970  -16.738 1.00 26.72 ? 146 ARG A O   1 
ATOM   1179 C  CB  . ARG A 1 149 ? 0.314   -8.465  -15.042 1.00 25.32 ? 146 ARG A CB  1 
ATOM   1180 C  CG  . ARG A 1 149 ? -0.104  -9.867  -14.599 1.00 27.73 ? 146 ARG A CG  1 
ATOM   1181 C  CD  . ARG A 1 149 ? -1.560  -10.149 -14.949 1.00 29.36 ? 146 ARG A CD  1 
ATOM   1182 N  N   . GLY A 1 150 ? 2.258   -5.750  -14.847 1.00 27.54 ? 147 GLY A N   1 
ATOM   1183 C  CA  . GLY A 1 150 ? 2.654   -4.484  -15.447 1.00 29.01 ? 147 GLY A CA  1 
ATOM   1184 C  C   . GLY A 1 150 ? 4.138   -4.330  -15.699 1.00 30.87 ? 147 GLY A C   1 
ATOM   1185 O  O   . GLY A 1 150 ? 4.564   -3.401  -16.394 1.00 30.55 ? 147 GLY A O   1 
ATOM   1186 N  N   . TRP A 1 151 ? 4.939   -5.218  -15.119 1.00 32.38 ? 148 TRP A N   1 
ATOM   1187 C  CA  . TRP A 1 151 ? 6.378   -5.164  -15.313 1.00 34.79 ? 148 TRP A CA  1 
ATOM   1188 C  C   . TRP A 1 151 ? 6.770   -6.036  -16.504 1.00 37.47 ? 148 TRP A C   1 
ATOM   1189 O  O   . TRP A 1 151 ? 7.704   -6.840  -16.425 1.00 38.77 ? 148 TRP A O   1 
ATOM   1190 C  CB  . TRP A 1 151 ? 7.134   -5.562  -14.041 1.00 33.50 ? 148 TRP A CB  1 
ATOM   1191 C  CG  . TRP A 1 151 ? 7.350   -4.434  -13.046 1.00 32.07 ? 148 TRP A CG  1 
ATOM   1192 C  CD1 . TRP A 1 151 ? 8.500   -3.701  -12.863 1.00 30.64 ? 148 TRP A CD1 1 
ATOM   1193 C  CD2 . TRP A 1 151 ? 6.409   -3.938  -12.093 1.00 31.42 ? 148 TRP A CD2 1 
ATOM   1194 N  NE1 . TRP A 1 151 ? 8.322   -2.775  -11.854 1.00 30.76 ? 148 TRP A NE1 1 
ATOM   1195 C  CE2 . TRP A 1 151 ? 7.050   -2.899  -11.364 1.00 29.99 ? 148 TRP A CE2 1 
ATOM   1196 C  CE3 . TRP A 1 151 ? 5.091   -4.262  -11.780 1.00 30.81 ? 148 TRP A CE3 1 
ATOM   1197 C  CZ2 . TRP A 1 151 ? 6.412   -2.198  -10.347 1.00 31.33 ? 148 TRP A CZ2 1 
ATOM   1198 C  CZ3 . TRP A 1 151 ? 4.459   -3.572  -10.765 1.00 31.49 ? 148 TRP A CZ3 1 
ATOM   1199 C  CH2 . TRP A 1 151 ? 5.118   -2.538  -10.061 1.00 31.61 ? 148 TRP A CH2 1 
ATOM   1200 N  N   . ASP A 1 152 ? 6.034   -5.868  -17.603 1.00 40.62 ? 149 ASP A N   1 
ATOM   1201 C  CA  . ASP A 1 152 ? 6.417   -6.386  -18.929 1.00 43.01 ? 149 ASP A CA  1 
ATOM   1202 C  C   . ASP A 1 152 ? 6.006   -7.836  -19.089 1.00 43.49 ? 149 ASP A C   1 
ATOM   1203 O  O   . ASP A 1 152 ? 6.237   -8.441  -20.137 1.00 44.15 ? 149 ASP A O   1 
ATOM   1204 C  CB  . ASP A 1 152 ? 7.932   -6.263  -19.136 1.00 43.81 ? 149 ASP A CB  1 
ATOM   1205 C  CG  . ASP A 1 152 ? 8.314   -6.004  -20.577 1.00 46.58 ? 149 ASP A CG  1 
ATOM   1206 O  OD1 . ASP A 1 152 ? 7.399   -5.892  -21.437 1.00 48.99 ? 149 ASP A OD1 1 
ATOM   1207 O  OD2 . ASP A 1 152 ? 9.540   -5.898  -20.832 1.00 48.91 ? 149 ASP A OD2 1 
ATOM   1208 N  N   . GLY A 1 153 ? 5.404   -8.379  -18.035 1.00 43.98 ? 150 GLY A N   1 
ATOM   1209 C  CA  . GLY A 1 153 ? 5.018   -9.774  -17.981 1.00 44.13 ? 150 GLY A CA  1 
ATOM   1210 C  C   . GLY A 1 153 ? 4.786   -10.194 -16.551 1.00 44.05 ? 150 GLY A C   1 
ATOM   1211 O  O   . GLY A 1 153 ? 3.662   -10.537 -16.194 1.00 44.51 ? 150 GLY A O   1 
HETATM 1212 XE XE  A XE  B 2 .   ? -5.591  13.525  -6.765  0.40 20.02 ? 152 XE  A XE  1 
HETATM 1213 XE XE  B XE  B 2 .   ? -6.225  12.782  -6.084  0.15 19.15 ? 152 XE  A XE  1 
HETATM 1214 XE XE  . XE  C 2 .   ? 6.656   9.300   5.684   0.48 14.80 ? 153 XE  A XE  1 
HETATM 1215 XE XE  A XE  D 2 .   ? -4.036  -5.195  -0.215  0.45 15.56 ? 154 XE  A XE  1 
HETATM 1216 XE XE  B XE  D 2 .   ? -4.524  -5.236  0.475   0.35 12.63 ? 154 XE  A XE  1 
HETATM 1217 XE XE  . XE  E 2 .   ? -0.567  -1.525  0.285   0.38 18.74 ? 155 XE  A XE  1 
HETATM 1218 S  S   . SO4 F 3 .   ? -7.821  10.719  8.317   0.70 24.21 ? 156 SO4 A S   1 
HETATM 1219 O  O1  . SO4 F 3 .   ? -6.813  9.984   9.103   0.70 20.19 ? 156 SO4 A O1  1 
HETATM 1220 O  O2  . SO4 F 3 .   ? -7.430  12.132  8.199   0.70 24.78 ? 156 SO4 A O2  1 
HETATM 1221 O  O3  . SO4 F 3 .   ? -7.969  10.214  6.968   0.70 21.61 ? 156 SO4 A O3  1 
HETATM 1222 O  O4  . SO4 F 3 .   ? -9.095  10.663  9.045   0.70 22.78 ? 156 SO4 A O4  1 
HETATM 1223 C  CHA A HEM G 4 .   ? 0.711   7.034   -8.100  0.80 15.00 ? 200 HEM A CHA 1 
HETATM 1224 C  CHA B HEM G 4 .   ? 0.949   7.103   -8.603  0.20 6.65  ? 200 HEM A CHA 1 
HETATM 1225 C  CHB A HEM G 4 .   ? 5.039   6.012   -6.208  0.80 16.70 ? 200 HEM A CHB 1 
HETATM 1226 C  CHB B HEM G 4 .   ? -1.011  3.658   -5.862  0.20 5.86  ? 200 HEM A CHB 1 
HETATM 1227 C  CHC A HEM G 4 .   ? 2.925   2.355   -3.759  0.80 18.26 ? 200 HEM A CHC 1 
HETATM 1228 C  CHC B HEM G 4 .   ? 3.352   2.581   -4.087  0.20 6.96  ? 200 HEM A CHC 1 
HETATM 1229 C  CHD A HEM G 4 .   ? -1.475  3.535   -5.441  0.80 15.95 ? 200 HEM A CHD 1 
HETATM 1230 C  CHD B HEM G 4 .   ? 5.138   6.632   -6.078  0.20 7.08  ? 200 HEM A CHD 1 
HETATM 1231 C  C1A A HEM G 4 .   ? 2.049   7.093   -7.823  0.80 14.74 ? 200 HEM A C1A 1 
HETATM 1232 C  C1A B HEM G 4 .   ? 0.005   6.322   -7.974  0.20 6.27  ? 200 HEM A C1A 1 
HETATM 1233 C  C2A A HEM G 4 .   ? 2.999   8.080   -8.328  0.80 16.27 ? 200 HEM A C2A 1 
HETATM 1234 C  C2A B HEM G 4 .   ? -1.449  6.430   -8.047  0.20 6.24  ? 200 HEM A C2A 1 
HETATM 1235 C  C3A A HEM G 4 .   ? 4.203   7.798   -7.803  0.80 16.00 ? 200 HEM A C3A 1 
HETATM 1236 C  C3A B HEM G 4 .   ? -1.964  5.465   -7.277  0.20 5.00  ? 200 HEM A C3A 1 
HETATM 1237 C  C4A A HEM G 4 .   ? 4.049   6.632   -6.944  0.80 16.59 ? 200 HEM A C4A 1 
HETATM 1238 C  C4A B HEM G 4 .   ? -0.866  4.724   -6.700  0.20 5.07  ? 200 HEM A C4A 1 
HETATM 1239 C  CMA A HEM G 4 .   ? 5.521   8.567   -8.043  0.80 15.43 ? 200 HEM A CMA 1 
HETATM 1240 C  CMA B HEM G 4 .   ? -3.447  5.135   -7.001  0.20 5.05  ? 200 HEM A CMA 1 
HETATM 1241 C  CAA A HEM G 4 .   ? 2.695   9.255   -9.295  0.80 16.53 ? 200 HEM A CAA 1 
HETATM 1242 C  CAA B HEM G 4 .   ? -2.249  7.471   -8.867  0.20 6.88  ? 200 HEM A CAA 1 
HETATM 1243 C  CBA A HEM G 4 .   ? 2.604   10.537  -8.468  0.80 17.49 ? 200 HEM A CBA 1 
HETATM 1244 C  CBA B HEM G 4 .   ? -3.026  6.779   -9.985  0.20 8.92  ? 200 HEM A CBA 1 
HETATM 1245 C  CGA A HEM G 4 .   ? 1.298   10.618  -7.698  0.80 17.19 ? 200 HEM A CGA 1 
HETATM 1246 C  CGA B HEM G 4 .   ? -2.871  7.506   -11.303 0.20 9.26  ? 200 HEM A CGA 1 
HETATM 1247 O  O1A A HEM G 4 .   ? 0.221   10.282  -8.250  0.80 19.39 ? 200 HEM A O1A 1 
HETATM 1248 O  O1A B HEM G 4 .   ? -2.954  8.760   -11.325 0.20 10.60 ? 200 HEM A O1A 1 
HETATM 1249 O  O2A A HEM G 4 .   ? 1.278   11.035  -6.517  0.80 16.64 ? 200 HEM A O2A 1 
HETATM 1250 O  O2A B HEM G 4 .   ? -2.645  6.827   -12.336 0.20 8.84  ? 200 HEM A O2A 1 
HETATM 1251 C  C1B A HEM G 4 .   ? 4.837   4.928   -5.356  0.80 17.31 ? 200 HEM A C1B 1 
HETATM 1252 C  C1B B HEM G 4 .   ? -0.007  3.055   -5.149  0.20 6.44  ? 200 HEM A C1B 1 
HETATM 1253 C  C2B A HEM G 4 .   ? 5.851   4.278   -4.533  0.80 18.03 ? 200 HEM A C2B 1 
HETATM 1254 C  C2B B HEM G 4 .   ? -0.183  1.949   -4.231  0.20 6.74  ? 200 HEM A C2B 1 
HETATM 1255 C  C3B A HEM G 4 .   ? 5.274   3.262   -3.866  0.80 17.40 ? 200 HEM A C3B 1 
HETATM 1256 C  C3B B HEM G 4 .   ? 1.028   1.641   -3.735  0.20 6.39  ? 200 HEM A C3B 1 
HETATM 1257 C  C4B A HEM G 4 .   ? 3.871   3.239   -4.230  0.80 17.79 ? 200 HEM A C4B 1 
HETATM 1258 C  C4B B HEM G 4 .   ? 1.994   2.557   -4.330  0.20 7.10  ? 200 HEM A C4B 1 
HETATM 1259 C  CMB A HEM G 4 .   ? 7.320   4.738   -4.514  0.80 19.37 ? 200 HEM A CMB 1 
HETATM 1260 C  CMB B HEM G 4 .   ? -1.546  1.279   -3.929  0.20 6.25  ? 200 HEM A CMB 1 
HETATM 1261 C  CAB A HEM G 4 .   ? 5.923   2.281   -2.861  0.80 17.43 ? 200 HEM A CAB 1 
HETATM 1262 C  CAB B HEM G 4 .   ? 1.388   0.533   -2.709  0.20 6.20  ? 200 HEM A CAB 1 
HETATM 1263 C  CBB A HEM G 4 .   ? 6.781   1.370   -3.285  0.80 19.34 ? 200 HEM A CBB 1 
HETATM 1264 C  CBB B HEM G 4 .   ? 0.446   -0.106  -2.000  0.20 4.94  ? 200 HEM A CBB 1 
HETATM 1265 C  C1C A HEM G 4 .   ? 1.580   2.298   -4.082  0.80 18.41 ? 200 HEM A C1C 1 
HETATM 1266 C  C1C B HEM G 4 .   ? 4.240   3.560   -4.488  0.20 7.19  ? 200 HEM A C1C 1 
HETATM 1267 C  C2C A HEM G 4 .   ? 0.688   1.197   -3.770  0.80 17.97 ? 200 HEM A C2C 1 
HETATM 1268 C  C2C B HEM G 4 .   ? 5.672   3.576   -4.242  0.20 6.80  ? 200 HEM A C2C 1 
HETATM 1269 C  C3C A HEM G 4 .   ? -0.530  1.525   -4.242  0.80 18.13 ? 200 HEM A C3C 1 
HETATM 1270 C  C3C B HEM G 4 .   ? 6.165   4.706   -4.786  0.20 7.71  ? 200 HEM A C3C 1 
HETATM 1271 C  C4C A HEM G 4 .   ? -0.449  2.832   -4.847  0.80 17.54 ? 200 HEM A C4C 1 
HETATM 1272 C  C4C B HEM G 4 .   ? 5.062   5.429   -5.402  0.20 7.97  ? 200 HEM A C4C 1 
HETATM 1273 C  CMC A HEM G 4 .   ? 1.086   -0.131  -3.042  0.80 18.63 ? 200 HEM A CMC 1 
HETATM 1274 C  CMC B HEM G 4 .   ? 6.441   2.472   -3.474  0.20 7.41  ? 200 HEM A CMC 1 
HETATM 1275 C  CAC A HEM G 4 .   ? -1.815  0.687   -4.189  0.80 18.15 ? 200 HEM A CAC 1 
HETATM 1276 C  CAC B HEM G 4 .   ? 7.631   5.192   -4.810  0.20 8.14  ? 200 HEM A CAC 1 
HETATM 1277 C  CBC A HEM G 4 .   ? -2.223  0.158   -3.045  0.80 21.30 ? 200 HEM A CBC 1 
HETATM 1278 C  CBC B HEM G 4 .   ? 8.461   4.935   -3.790  0.20 9.83  ? 200 HEM A CBC 1 
HETATM 1279 C  C1D A HEM G 4 .   ? -1.267  4.546   -6.337  0.80 14.07 ? 200 HEM A C1D 1 
HETATM 1280 C  C1D B HEM G 4 .   ? 4.181   7.165   -6.923  0.20 7.72  ? 200 HEM A C1D 1 
HETATM 1281 C  C2D A HEM G 4 .   ? -2.313  5.134   -7.148  0.80 13.37 ? 200 HEM A C2D 1 
HETATM 1282 C  C2D B HEM G 4 .   ? 4.310   8.409   -7.655  0.20 6.98  ? 200 HEM A C2D 1 
HETATM 1283 C  C3D A HEM G 4 .   ? -1.633  6.216   -7.961  0.80 14.10 ? 200 HEM A C3D 1 
HETATM 1284 C  C3D B HEM G 4 .   ? 3.001   8.554   -8.451  0.20 7.56  ? 200 HEM A C3D 1 
HETATM 1285 C  C4D A HEM G 4 .   ? -0.241  6.188   -7.579  0.80 14.95 ? 200 HEM A C4D 1 
HETATM 1286 C  C4D B HEM G 4 .   ? 2.212   7.386   -8.118  0.20 6.53  ? 200 HEM A C4D 1 
HETATM 1287 C  CMD A HEM G 4 .   ? -3.784  4.721   -7.173  0.80 15.40 ? 200 HEM A CMD 1 
HETATM 1288 C  CMD B HEM G 4 .   ? 5.510   9.379   -7.642  0.20 7.87  ? 200 HEM A CMD 1 
HETATM 1289 C  CAD A HEM G 4 .   ? -2.299  7.106   -9.023  0.80 14.95 ? 200 HEM A CAD 1 
HETATM 1290 C  CAD B HEM G 4 .   ? 2.604   9.709   -9.400  0.20 7.39  ? 200 HEM A CAD 1 
HETATM 1291 C  CBD A HEM G 4 .   ? -1.912  6.435   -10.359 0.80 13.28 ? 200 HEM A CBD 1 
HETATM 1292 C  CBD B HEM G 4 .   ? 2.060   10.885  -8.592  0.20 8.17  ? 200 HEM A CBD 1 
HETATM 1293 C  CGD A HEM G 4 .   ? -2.573  7.225   -11.470 0.80 16.57 ? 200 HEM A CGD 1 
HETATM 1294 C  CGD B HEM G 4 .   ? 1.113   10.404  -7.522  0.20 7.14  ? 200 HEM A CGD 1 
HETATM 1295 O  O1D A HEM G 4 .   ? -1.879  8.058   -12.124 0.80 18.93 ? 200 HEM A O1D 1 
HETATM 1296 O  O1D B HEM G 4 .   ? 1.563   10.279  -6.361  0.20 6.56  ? 200 HEM A O1D 1 
HETATM 1297 O  O2D A HEM G 4 .   ? -3.803  7.030   -11.629 0.80 14.56 ? 200 HEM A O2D 1 
HETATM 1298 O  O2D B HEM G 4 .   ? -0.083  10.130  -7.815  0.20 6.02  ? 200 HEM A O2D 1 
HETATM 1299 N  NA  A HEM G 4 .   ? 2.718   6.225   -6.978  0.80 15.20 ? 200 HEM A NA  1 
HETATM 1300 N  NA  B HEM G 4 .   ? 0.316   5.271   -7.142  0.20 5.56  ? 200 HEM A NA  1 
HETATM 1301 N  NB  A HEM G 4 .   ? 3.657   4.272   -5.117  0.80 15.43 ? 200 HEM A NB  1 
HETATM 1302 N  NB  B HEM G 4 .   ? 1.324   3.413   -5.188  0.20 5.98  ? 200 HEM A NB  1 
HETATM 1303 N  NC  A HEM G 4 .   ? 0.847   3.290   -4.730  0.80 16.07 ? 200 HEM A NC  1 
HETATM 1304 N  NC  B HEM G 4 .   ? 3.913   4.705   -5.190  0.20 5.73  ? 200 HEM A NC  1 
HETATM 1305 N  ND  A HEM G 4 .   ? -0.086  5.203   -6.614  0.80 13.17 ? 200 HEM A ND  1 
HETATM 1306 N  ND  B HEM G 4 .   ? 2.940   6.604   -7.223  0.20 7.01  ? 200 HEM A ND  1 
HETATM 1307 FE FE  A HEM G 4 .   ? 1.796   4.696   -5.829  0.80 15.06 ? 200 HEM A FE  1 
HETATM 1308 FE FE  B HEM G 4 .   ? 2.167   5.077   -6.167  0.20 6.33  ? 200 HEM A FE  1 
HETATM 1309 O  O   . HOH H 5 .   ? -0.358  8.737   11.983  1.00 13.13 ? 157 HOH A O   1 
HETATM 1310 O  O   . HOH H 5 .   ? 11.417  12.676  -3.528  1.00 15.06 ? 158 HOH A O   1 
HETATM 1311 O  O   . HOH H 5 .   ? 2.500   8.642   -0.246  1.00 12.48 ? 159 HOH A O   1 
HETATM 1312 O  O   . HOH H 5 .   ? -8.012  7.156   1.786   1.00 31.74 ? 160 HOH A O   1 
HETATM 1313 O  O   . HOH H 5 .   ? 10.428  7.131   8.128   1.00 15.33 ? 161 HOH A O   1 
HETATM 1314 O  O   . HOH H 5 .   ? 13.226  7.042   8.245   1.00 24.52 ? 162 HOH A O   1 
HETATM 1315 O  O   . HOH H 5 .   ? -0.409  12.588  -5.358  1.00 17.61 ? 163 HOH A O   1 
HETATM 1316 O  O   . HOH H 5 .   ? -0.949  11.514  11.818  1.00 15.33 ? 164 HOH A O   1 
HETATM 1317 O  O   . HOH H 5 .   ? -0.981  1.909   12.486  1.00 18.47 ? 165 HOH A O   1 
HETATM 1318 O  O   . HOH H 5 .   ? 8.974   9.920   9.043   1.00 29.23 ? 166 HOH A O   1 
HETATM 1319 O  O   . HOH H 5 .   ? 11.669  11.136  9.804   1.00 26.19 ? 167 HOH A O   1 
HETATM 1320 O  O   . HOH H 5 .   ? 17.167  1.700   0.649   1.00 18.93 ? 168 HOH A O   1 
HETATM 1321 O  O   . HOH H 5 .   ? -2.695  3.198   14.297  1.00 21.12 ? 169 HOH A O   1 
HETATM 1322 O  O   . HOH H 5 .   ? -2.259  13.058  9.674   0.50 11.95 ? 170 HOH A O   1 
HETATM 1323 O  O   . HOH H 5 .   ? -2.655  5.623   13.324  1.00 26.50 ? 171 HOH A O   1 
HETATM 1324 O  O   . HOH H 5 .   ? -4.906  13.542  9.318   0.50 22.81 ? 172 HOH A O   1 
HETATM 1325 O  O   . HOH H 5 .   ? 8.999   15.618  -4.173  1.00 23.31 ? 173 HOH A O   1 
HETATM 1326 O  O   . HOH H 5 .   ? -0.090  -11.958 13.911  1.00 33.11 ? 174 HOH A O   1 
HETATM 1327 O  O   . HOH H 5 .   ? 9.914   8.891   -10.115 1.00 26.61 ? 175 HOH A O   1 
HETATM 1328 O  O   . HOH H 5 .   ? 0.039   -7.883  3.780   1.00 26.70 ? 176 HOH A O   1 
HETATM 1329 O  O   . HOH H 5 .   ? -6.720  -16.761 7.600   1.00 25.25 ? 177 HOH A O   1 
HETATM 1330 O  O   . HOH H 5 .   ? -9.904  -3.963  -13.441 1.00 27.18 ? 178 HOH A O   1 
HETATM 1331 O  O   . HOH H 5 .   ? 8.379   18.058  -3.672  1.00 32.89 ? 179 HOH A O   1 
HETATM 1332 O  O   . HOH H 5 .   ? 5.354   18.664  -2.772  1.00 29.04 ? 180 HOH A O   1 
HETATM 1333 O  O   . HOH H 5 .   ? -9.225  -14.297 13.879  1.00 32.00 ? 181 HOH A O   1 
HETATM 1334 O  O   . HOH H 5 .   ? 6.903   19.920  1.053   1.00 33.01 ? 182 HOH A O   1 
HETATM 1335 O  O   . HOH H 5 .   ? 10.435  19.311  -2.111  1.00 36.29 ? 183 HOH A O   1 
HETATM 1336 O  O   . HOH H 5 .   ? -4.999  6.663   13.803  1.00 33.11 ? 184 HOH A O   1 
HETATM 1337 O  O   . HOH H 5 .   ? 5.533   -8.937  1.560   1.00 33.72 ? 185 HOH A O   1 
HETATM 1338 O  O   . HOH H 5 .   ? 3.411   -9.362  3.160   1.00 38.82 ? 186 HOH A O   1 
HETATM 1339 O  O   . HOH H 5 .   ? 13.423  -3.651  -2.368  1.00 37.83 ? 187 HOH A O   1 
HETATM 1340 O  O   . HOH H 5 .   ? -11.962 2.502   -3.168  1.00 23.00 ? 188 HOH A O   1 
HETATM 1341 O  O   . HOH H 5 .   ? -14.963 0.428   -2.033  0.50 19.04 ? 189 HOH A O   1 
HETATM 1342 O  O   . HOH H 5 .   ? 7.396   -7.799  -4.479  1.00 38.85 ? 190 HOH A O   1 
HETATM 1343 O  O   . HOH H 5 .   ? 11.473  -6.653  1.238   1.00 38.41 ? 191 HOH A O   1 
HETATM 1344 O  O   . HOH H 5 .   ? -4.902  -18.747 9.412   1.00 41.40 ? 192 HOH A O   1 
HETATM 1345 O  O   . HOH H 5 .   ? -0.261  -15.536 10.773  1.00 35.28 ? 193 HOH A O   1 
HETATM 1346 O  O   . HOH H 5 .   ? -5.276  5.090   -10.612 1.00 33.74 ? 194 HOH A O   1 
HETATM 1347 O  O   . HOH H 5 .   ? -4.093  -11.569 -8.446  1.00 31.63 ? 195 HOH A O   1 
HETATM 1348 O  O   . HOH H 5 .   ? 18.177  -0.890  1.017   0.33 30.88 ? 196 HOH A O   1 
HETATM 1349 O  O   . HOH H 5 .   ? 12.982  -6.063  -8.855  1.00 31.79 ? 197 HOH A O   1 
HETATM 1350 O  O   . HOH H 5 .   ? 11.056  -5.912  3.815   1.00 24.42 ? 198 HOH A O   1 
HETATM 1351 O  O   . HOH H 5 .   ? 10.191  19.001  0.427   1.00 28.85 ? 199 HOH A O   1 
HETATM 1352 O  O   . HOH H 5 .   ? -7.417  5.398   -8.936  1.00 34.53 ? 201 HOH A O   1 
HETATM 1353 O  O   . HOH H 5 .   ? 12.052  0.515   -6.197  1.00 23.93 ? 202 HOH A O   1 
HETATM 1354 O  O   . HOH H 5 .   ? 17.551  12.409  6.425   0.50 28.17 ? 203 HOH A O   1 
HETATM 1355 O  O   . HOH H 5 .   ? 18.527  11.721  4.075   1.00 24.52 ? 204 HOH A O   1 
HETATM 1356 O  O   . HOH H 5 .   ? -9.078  9.462   2.172   1.00 28.14 ? 205 HOH A O   1 
HETATM 1357 O  O   . HOH H 5 .   ? 2.281   -11.635 -5.218  1.00 34.58 ? 206 HOH A O   1 
HETATM 1358 O  O   . HOH H 5 .   ? -8.803  7.635   0.560   1.00 30.53 ? 207 HOH A O   1 
HETATM 1359 O  O   . HOH H 5 .   ? 14.359  1.946   -6.150  1.00 38.15 ? 208 HOH A O   1 
HETATM 1360 O  O   . HOH H 5 .   ? 16.627  3.381   7.776   1.00 25.00 ? 209 HOH A O   1 
HETATM 1361 O  O   . HOH H 5 .   ? 14.528  1.187   -3.660  1.00 30.13 ? 210 HOH A O   1 
HETATM 1362 O  O   . HOH H 5 .   ? 14.848  8.107   2.837   1.00 31.63 ? 211 HOH A O   1 
HETATM 1363 O  O   . HOH H 5 .   ? 4.073   17.675  -9.980  1.00 37.65 ? 212 HOH A O   1 
HETATM 1364 O  O   . HOH H 5 .   ? 18.324  11.223  -4.310  1.00 28.94 ? 213 HOH A O   1 
HETATM 1365 O  O   . HOH H 5 .   ? -2.310  15.723  -5.702  1.00 32.87 ? 214 HOH A O   1 
HETATM 1366 O  O   . HOH H 5 .   ? -0.608  10.312  -10.528 1.00 22.99 ? 215 HOH A O   1 
HETATM 1367 O  O   . HOH H 5 .   ? -9.732  4.587   2.292   1.00 37.84 ? 216 HOH A O   1 
HETATM 1368 O  O   . HOH H 5 .   ? -14.420 -1.846  1.231   1.00 32.55 ? 217 HOH A O   1 
HETATM 1369 O  O   . HOH H 5 .   ? 5.925   0.890   -17.435 1.00 32.63 ? 218 HOH A O   1 
HETATM 1370 O  O   . HOH H 5 .   ? 11.538  -4.448  -11.221 1.00 32.65 ? 219 HOH A O   1 
HETATM 1371 O  O   . HOH H 5 .   ? -8.394  -1.374  17.192  1.00 44.03 ? 220 HOH A O   1 
HETATM 1372 O  O   . HOH H 5 .   ? 3.535   -11.788 -12.991 1.00 44.97 ? 221 HOH A O   1 
HETATM 1373 O  O   . HOH H 5 .   ? -4.160  16.736  3.420   1.00 46.90 ? 222 HOH A O   1 
HETATM 1374 O  O   . HOH H 5 .   ? 6.373   12.404  -8.750  1.00 37.27 ? 223 HOH A O   1 
HETATM 1375 O  O   . HOH H 5 .   ? -6.143  -16.657 14.698  1.00 39.84 ? 224 HOH A O   1 
HETATM 1376 O  O   . HOH H 5 .   ? -7.251  -16.103 17.916  1.00 45.49 ? 225 HOH A O   1 
HETATM 1377 O  O   . HOH H 5 .   ? 18.970  3.188   6.418   0.33 30.50 ? 226 HOH A O   1 
HETATM 1378 O  O   . HOH H 5 .   ? 11.136  0.025   -12.398 1.00 48.07 ? 227 HOH A O   1 
HETATM 1379 O  O   . HOH H 5 .   ? 18.572  1.142   3.708   0.33 41.24 ? 228 HOH A O   1 
HETATM 1380 O  O   . HOH H 5 .   ? 16.501  10.402  3.294   1.00 41.29 ? 229 HOH A O   1 
HETATM 1381 O  O   . HOH H 5 .   ? -12.541 -16.862 -4.989  1.00 60.50 ? 230 HOH A O   1 
HETATM 1382 O  O   . HOH H 5 .   ? 14.952  5.996   -10.279 1.00 39.59 ? 231 HOH A O   1 
HETATM 1383 O  O   . HOH H 5 .   ? -7.035  1.096   15.847  1.00 40.18 ? 232 HOH A O   1 
HETATM 1384 O  O   . HOH H 5 .   ? 6.350   -9.674  -13.296 1.00 37.63 ? 233 HOH A O   1 
HETATM 1385 O  O   . HOH H 5 .   ? 1.707   11.467  -12.561 1.00 36.02 ? 234 HOH A O   1 
HETATM 1386 O  O   . HOH H 5 .   ? -2.226  12.571  9.697   0.50 92.17 ? 235 HOH A O   1 
HETATM 1387 O  O   . HOH H 5 .   ? 14.235  3.253   -10.128 1.00 38.34 ? 236 HOH A O   1 
HETATM 1388 O  O   . HOH H 5 .   ? -5.318  2.104   17.699  1.00 54.96 ? 237 HOH A O   1 
HETATM 1389 O  O   . HOH H 5 .   ? 13.987  -4.773  -10.568 1.00 51.48 ? 238 HOH A O   1 
HETATM 1390 O  O   . HOH H 5 .   ? 10.451  -8.243  2.559   0.50 45.60 ? 239 HOH A O   1 
HETATM 1391 O  O   . HOH H 5 .   ? 7.771   9.600   6.953   0.30 15.23 ? 240 HOH A O   1 
# 
loop_
_pdbx_poly_seq_scheme.asym_id 
_pdbx_poly_seq_scheme.entity_id 
_pdbx_poly_seq_scheme.seq_id 
_pdbx_poly_seq_scheme.mon_id 
_pdbx_poly_seq_scheme.ndb_seq_num 
_pdbx_poly_seq_scheme.pdb_seq_num 
_pdbx_poly_seq_scheme.auth_seq_num 
_pdbx_poly_seq_scheme.pdb_mon_id 
_pdbx_poly_seq_scheme.auth_mon_id 
_pdbx_poly_seq_scheme.pdb_strand_id 
_pdbx_poly_seq_scheme.pdb_ins_code 
_pdbx_poly_seq_scheme.hetero 
A 1 1   GLY 1   -2  ?   ?   ?   A . n 
A 1 2   SER 2   -1  ?   ?   ?   A . n 
A 1 3   HIS 3   0   ?   ?   ?   A . n 
A 1 4   MET 4   1   ?   ?   ?   A . n 
A 1 5   GLU 5   2   ?   ?   ?   A . n 
A 1 6   ARG 6   3   3   ARG ARG A . n 
A 1 7   PRO 7   4   4   PRO PRO A . n 
A 1 8   GLU 8   5   5   GLU GLU A . n 
A 1 9   SER 9   6   6   SER SER A . n 
A 1 10  GLU 10  7   7   GLU GLU A . n 
A 1 11  LEU 11  8   8   LEU LEU A . n 
A 1 12  ILE 12  9   9   ILE ILE A . n 
A 1 13  ARG 13  10  10  ARG ARG A . n 
A 1 14  GLN 14  11  11  GLN GLN A . n 
A 1 15  SER 15  12  12  SER SER A . n 
A 1 16  TRP 16  13  13  TRP TRP A . n 
A 1 17  ARG 17  14  14  ARG ARG A . n 
A 1 18  VAL 18  15  15  VAL VAL A . n 
A 1 19  VAL 19  16  16  VAL VAL A . n 
A 1 20  SER 20  17  17  SER SER A . n 
A 1 21  ARG 21  18  18  ARG ARG A . n 
A 1 22  SER 22  19  19  SER SER A . n 
A 1 23  PRO 23  20  20  PRO PRO A . n 
A 1 24  LEU 24  21  21  LEU LEU A . n 
A 1 25  GLU 25  22  22  GLU GLU A . n 
A 1 26  HIS 26  23  23  HIS HIS A . n 
A 1 27  GLY 27  24  24  GLY GLY A . n 
A 1 28  THR 28  25  25  THR THR A . n 
A 1 29  VAL 29  26  26  VAL VAL A . n 
A 1 30  LEU 30  27  27  LEU LEU A . n 
A 1 31  PHE 31  28  28  PHE PHE A . n 
A 1 32  ALA 32  29  29  ALA ALA A . n 
A 1 33  ARG 33  30  30  ARG ARG A . n 
A 1 34  LEU 34  31  31  LEU LEU A . n 
A 1 35  PHE 35  32  32  PHE PHE A . n 
A 1 36  ALA 36  33  33  ALA ALA A . n 
A 1 37  LEU 37  34  34  LEU LEU A . n 
A 1 38  GLU 38  35  35  GLU GLU A . n 
A 1 39  PRO 39  36  36  PRO PRO A . n 
A 1 40  SER 40  37  37  SER SER A . n 
A 1 41  LEU 41  38  38  LEU LEU A . n 
A 1 42  LEU 42  39  39  LEU LEU A . n 
A 1 43  PRO 43  40  40  PRO PRO A . n 
A 1 44  LEU 44  41  41  LEU LEU A . n 
A 1 45  PHE 45  42  42  PHE PHE A . n 
A 1 46  GLN 46  43  43  GLN GLN A . n 
A 1 47  TYR 47  44  44  TYR TYR A . n 
A 1 48  ASN 48  45  45  ASN ASN A . n 
A 1 49  GLY 49  46  46  GLY GLY A . n 
A 1 50  ARG 50  47  47  ARG ARG A . n 
A 1 51  GLN 51  48  48  GLN GLN A . n 
A 1 52  PHE 52  49  49  PHE PHE A . n 
A 1 53  SER 53  50  50  SER SER A . n 
A 1 54  SER 54  51  51  SER SER A . n 
A 1 55  PRO 55  52  52  PRO PRO A . n 
A 1 56  GLU 56  53  53  GLU GLU A . n 
A 1 57  ASP 57  54  54  ASP ASP A . n 
A 1 58  SER 58  55  55  SER SER A . n 
A 1 59  LEU 59  56  56  LEU LEU A . n 
A 1 60  SER 60  57  57  SER SER A . n 
A 1 61  SER 61  58  58  SER SER A . n 
A 1 62  PRO 62  59  59  PRO PRO A . n 
A 1 63  GLU 63  60  60  GLU GLU A . n 
A 1 64  PHE 64  61  61  PHE PHE A . n 
A 1 65  LEU 65  62  62  LEU LEU A . n 
A 1 66  ASP 66  63  63  ASP ASP A . n 
A 1 67  HIS 67  64  64  HIS HIS A . n 
A 1 68  ILE 68  65  65  ILE ILE A . n 
A 1 69  ARG 69  66  66  ARG ARG A . n 
A 1 70  LYS 70  67  67  LYS LYS A . n 
A 1 71  VAL 71  68  68  VAL VAL A . n 
A 1 72  MET 72  69  69  MET MET A . n 
A 1 73  LEU 73  70  70  LEU LEU A . n 
A 1 74  VAL 74  71  71  VAL VAL A . n 
A 1 75  ILE 75  72  72  ILE ILE A . n 
A 1 76  ASP 76  73  73  ASP ASP A . n 
A 1 77  ALA 77  74  74  ALA ALA A . n 
A 1 78  ALA 78  75  75  ALA ALA A . n 
A 1 79  VAL 79  76  76  VAL VAL A . n 
A 1 80  THR 80  77  77  THR THR A . n 
A 1 81  ASN 81  78  78  ASN ASN A . n 
A 1 82  VAL 82  79  79  VAL VAL A . n 
A 1 83  GLU 83  80  80  GLU GLU A . n 
A 1 84  ASP 84  81  81  ASP ASP A . n 
A 1 85  LEU 85  82  82  LEU LEU A . n 
A 1 86  SER 86  83  83  SER SER A . n 
A 1 87  SER 87  84  84  SER SER A . n 
A 1 88  LEU 88  85  85  LEU LEU A . n 
A 1 89  GLU 89  86  86  GLU GLU A . n 
A 1 90  GLU 90  87  87  GLU GLU A . n 
A 1 91  TYR 91  88  88  TYR TYR A . n 
A 1 92  LEU 92  89  89  LEU LEU A . n 
A 1 93  THR 93  90  90  THR THR A . n 
A 1 94  SER 94  91  91  SER SER A . n 
A 1 95  LEU 95  92  92  LEU LEU A . n 
A 1 96  GLY 96  93  93  GLY GLY A . n 
A 1 97  ARG 97  94  94  ARG ARG A . n 
A 1 98  LYS 98  95  95  LYS LYS A . n 
A 1 99  HIS 99  96  96  HIS HIS A . n 
A 1 100 ARG 100 97  97  ARG ARG A . n 
A 1 101 ALA 101 98  98  ALA ALA A . n 
A 1 102 VAL 102 99  99  VAL VAL A . n 
A 1 103 GLY 103 100 100 GLY GLY A . n 
A 1 104 VAL 104 101 101 VAL VAL A . n 
A 1 105 ARG 105 102 102 ARG ARG A . n 
A 1 106 LEU 106 103 103 LEU LEU A . n 
A 1 107 SER 107 104 104 SER SER A . n 
A 1 108 SER 108 105 105 SER SER A . n 
A 1 109 PHE 109 106 106 PHE PHE A . n 
A 1 110 SER 110 107 107 SER SER A . n 
A 1 111 THR 111 108 108 THR THR A . n 
A 1 112 VAL 112 109 109 VAL VAL A . n 
A 1 113 GLY 113 110 110 GLY GLY A . n 
A 1 114 GLU 114 111 111 GLU GLU A . n 
A 1 115 SER 115 112 112 SER SER A . n 
A 1 116 LEU 116 113 113 LEU LEU A . n 
A 1 117 LEU 117 114 114 LEU LEU A . n 
A 1 118 TYR 118 115 115 TYR TYR A . n 
A 1 119 MET 119 116 116 MET MET A . n 
A 1 120 LEU 120 117 117 LEU LEU A . n 
A 1 121 GLU 121 118 118 GLU GLU A . n 
A 1 122 LYS 122 119 119 LYS LYS A . n 
A 1 123 SER 123 120 120 SER SER A . n 
A 1 124 LEU 124 121 121 LEU LEU A . n 
A 1 125 GLY 125 122 122 GLY GLY A . n 
A 1 126 PRO 126 123 123 PRO PRO A . n 
A 1 127 ASP 127 124 124 ASP ASP A . n 
A 1 128 PHE 128 125 125 PHE PHE A . n 
A 1 129 THR 129 126 126 THR THR A . n 
A 1 130 PRO 130 127 127 PRO PRO A . n 
A 1 131 ALA 131 128 128 ALA ALA A . n 
A 1 132 THR 132 129 129 THR THR A . n 
A 1 133 ARG 133 130 130 ARG ARG A . n 
A 1 134 THR 134 131 131 THR THR A . n 
A 1 135 ALA 135 132 132 ALA ALA A . n 
A 1 136 TRP 136 133 133 TRP TRP A . n 
A 1 137 SER 137 134 134 SER SER A . n 
A 1 138 ARG 138 135 135 ARG ARG A . n 
A 1 139 LEU 139 136 136 LEU LEU A . n 
A 1 140 TYR 140 137 137 TYR TYR A . n 
A 1 141 GLY 141 138 138 GLY GLY A . n 
A 1 142 ALA 142 139 139 ALA ALA A . n 
A 1 143 VAL 143 140 140 VAL VAL A . n 
A 1 144 VAL 144 141 141 VAL VAL A . n 
A 1 145 GLN 145 142 142 GLN GLN A . n 
A 1 146 ALA 146 143 143 ALA ALA A . n 
A 1 147 MET 147 144 144 MET MET A . n 
A 1 148 SER 148 145 145 SER SER A . n 
A 1 149 ARG 149 146 146 ARG ARG A . n 
A 1 150 GLY 150 147 147 GLY GLY A . n 
A 1 151 TRP 151 148 148 TRP TRP A . n 
A 1 152 ASP 152 149 149 ASP ASP A . n 
A 1 153 GLY 153 150 150 GLY GLY A . n 
A 1 154 GLU 154 151 ?   ?   ?   A . n 
# 
loop_
_pdbx_nonpoly_scheme.asym_id 
_pdbx_nonpoly_scheme.entity_id 
_pdbx_nonpoly_scheme.mon_id 
_pdbx_nonpoly_scheme.ndb_seq_num 
_pdbx_nonpoly_scheme.pdb_seq_num 
_pdbx_nonpoly_scheme.auth_seq_num 
_pdbx_nonpoly_scheme.pdb_mon_id 
_pdbx_nonpoly_scheme.auth_mon_id 
_pdbx_nonpoly_scheme.pdb_strand_id 
_pdbx_nonpoly_scheme.pdb_ins_code 
B 2 XE  1  152 1   XE  XE  A . 
C 2 XE  1  153 2   XE  XE  A . 
D 2 XE  1  154 3   XE  XE  A . 
E 2 XE  1  155 4   XE  XE  A . 
F 3 SO4 1  156 1   SO4 SO4 A . 
G 4 HEM 1  200 200 HEM HEM A . 
H 5 HOH 1  157 1   HOH HOH A . 
H 5 HOH 2  158 2   HOH HOH A . 
H 5 HOH 3  159 3   HOH HOH A . 
H 5 HOH 4  160 4   HOH HOH A . 
H 5 HOH 5  161 5   HOH HOH A . 
H 5 HOH 6  162 6   HOH HOH A . 
H 5 HOH 7  163 7   HOH HOH A . 
H 5 HOH 8  164 8   HOH HOH A . 
H 5 HOH 9  165 9   HOH HOH A . 
H 5 HOH 10 166 10  HOH HOH A . 
H 5 HOH 11 167 11  HOH HOH A . 
H 5 HOH 12 168 12  HOH HOH A . 
H 5 HOH 13 169 13  HOH HOH A . 
H 5 HOH 14 170 14  HOH HOH A . 
H 5 HOH 15 171 15  HOH HOH A . 
H 5 HOH 16 172 16  HOH HOH A . 
H 5 HOH 17 173 17  HOH HOH A . 
H 5 HOH 18 174 18  HOH HOH A . 
H 5 HOH 19 175 19  HOH HOH A . 
H 5 HOH 20 176 20  HOH HOH A . 
H 5 HOH 21 177 21  HOH HOH A . 
H 5 HOH 22 178 22  HOH HOH A . 
H 5 HOH 23 179 23  HOH HOH A . 
H 5 HOH 24 180 24  HOH HOH A . 
H 5 HOH 25 181 25  HOH HOH A . 
H 5 HOH 26 182 26  HOH HOH A . 
H 5 HOH 27 183 27  HOH HOH A . 
H 5 HOH 28 184 28  HOH HOH A . 
H 5 HOH 29 185 29  HOH HOH A . 
H 5 HOH 30 186 30  HOH HOH A . 
H 5 HOH 31 187 31  HOH HOH A . 
H 5 HOH 32 188 32  HOH HOH A . 
H 5 HOH 33 189 33  HOH HOH A . 
H 5 HOH 34 190 34  HOH HOH A . 
H 5 HOH 35 191 35  HOH HOH A . 
H 5 HOH 36 192 36  HOH HOH A . 
H 5 HOH 37 193 37  HOH HOH A . 
H 5 HOH 38 194 38  HOH HOH A . 
H 5 HOH 39 195 39  HOH HOH A . 
H 5 HOH 40 196 40  HOH HOH A . 
H 5 HOH 41 197 41  HOH HOH A . 
H 5 HOH 42 198 42  HOH HOH A . 
H 5 HOH 43 199 43  HOH HOH A . 
H 5 HOH 44 201 44  HOH HOH A . 
H 5 HOH 45 202 45  HOH HOH A . 
H 5 HOH 46 203 46  HOH HOH A . 
H 5 HOH 47 204 47  HOH HOH A . 
H 5 HOH 48 205 48  HOH HOH A . 
H 5 HOH 49 206 49  HOH HOH A . 
H 5 HOH 50 207 50  HOH HOH A . 
H 5 HOH 51 208 51  HOH HOH A . 
H 5 HOH 52 209 52  HOH HOH A . 
H 5 HOH 53 210 53  HOH HOH A . 
H 5 HOH 54 211 54  HOH HOH A . 
H 5 HOH 55 212 55  HOH HOH A . 
H 5 HOH 56 213 56  HOH HOH A . 
H 5 HOH 57 214 57  HOH HOH A . 
H 5 HOH 58 215 58  HOH HOH A . 
H 5 HOH 59 216 59  HOH HOH A . 
H 5 HOH 60 217 60  HOH HOH A . 
H 5 HOH 61 218 61  HOH HOH A . 
H 5 HOH 62 219 62  HOH HOH A . 
H 5 HOH 63 220 63  HOH HOH A . 
H 5 HOH 64 221 64  HOH HOH A . 
H 5 HOH 65 222 65  HOH HOH A . 
H 5 HOH 66 223 66  HOH HOH A . 
H 5 HOH 67 224 67  HOH HOH A . 
H 5 HOH 68 225 68  HOH HOH A . 
H 5 HOH 69 226 69  HOH HOH A . 
H 5 HOH 70 227 70  HOH HOH A . 
H 5 HOH 71 228 71  HOH HOH A . 
H 5 HOH 72 229 72  HOH HOH A . 
H 5 HOH 73 230 73  HOH HOH A . 
H 5 HOH 74 231 74  HOH HOH A . 
H 5 HOH 75 232 75  HOH HOH A . 
H 5 HOH 76 233 76  HOH HOH A . 
H 5 HOH 77 234 77  HOH HOH A . 
H 5 HOH 78 235 78  HOH HOH A . 
H 5 HOH 79 236 79  HOH HOH A . 
H 5 HOH 80 237 80  HOH HOH A . 
H 5 HOH 81 238 81  HOH HOH A . 
H 5 HOH 82 239 82  HOH HOH A . 
H 5 HOH 83 240 83  HOH HOH A . 
# 
loop_
_pdbx_struct_assembly.id 
_pdbx_struct_assembly.details 
_pdbx_struct_assembly.method_details 
_pdbx_struct_assembly.oligomeric_details 
_pdbx_struct_assembly.oligomeric_count 
1 author_defined_assembly   ?    monomeric 1 
2 software_defined_assembly PISA dimeric   2 
# 
loop_
_pdbx_struct_assembly_gen.assembly_id 
_pdbx_struct_assembly_gen.oper_expression 
_pdbx_struct_assembly_gen.asym_id_list 
1 1   A,B,C,D,E,F,G,H 
2 1,2 A,B,C,D,E,F,G,H 
# 
loop_
_pdbx_struct_assembly_prop.biol_id 
_pdbx_struct_assembly_prop.type 
_pdbx_struct_assembly_prop.value 
_pdbx_struct_assembly_prop.details 
2 'ABSA (A^2)' 5780  ? 
2 MORE         -94   ? 
2 'SSA (A^2)'  13740 ? 
# 
loop_
_pdbx_struct_oper_list.id 
_pdbx_struct_oper_list.type 
_pdbx_struct_oper_list.name 
_pdbx_struct_oper_list.symmetry_operation 
_pdbx_struct_oper_list.matrix[1][1] 
_pdbx_struct_oper_list.matrix[1][2] 
_pdbx_struct_oper_list.matrix[1][3] 
_pdbx_struct_oper_list.vector[1] 
_pdbx_struct_oper_list.matrix[2][1] 
_pdbx_struct_oper_list.matrix[2][2] 
_pdbx_struct_oper_list.matrix[2][3] 
_pdbx_struct_oper_list.vector[2] 
_pdbx_struct_oper_list.matrix[3][1] 
_pdbx_struct_oper_list.matrix[3][2] 
_pdbx_struct_oper_list.matrix[3][3] 
_pdbx_struct_oper_list.vector[3] 
1 'identity operation'         1_555  x,y,z              1.0000000000  0.0000000000 0.0000000000  0.0000000000   0.0000000000 1.0000000000  0.0000000000  0.0000000000  0.0000000000  0.0000000000  1.0000000000  0.0000000000   
2 'crystal symmetry operation' 10_455 y-1/3,x+1/3,-z+1/3 -0.0458312191 0.7248773107 -0.6873517176 -17.6269118889 0.7248773107 -0.4493142868 -0.5221777054 10.0200540262 -0.6873517176 -0.5221777054 -0.5048544941 -13.9022555232 
# 
loop_
_pdbx_struct_special_symmetry.id 
_pdbx_struct_special_symmetry.PDB_model_num 
_pdbx_struct_special_symmetry.auth_asym_id 
_pdbx_struct_special_symmetry.auth_comp_id 
_pdbx_struct_special_symmetry.auth_seq_id 
_pdbx_struct_special_symmetry.PDB_ins_code 
_pdbx_struct_special_symmetry.label_asym_id 
_pdbx_struct_special_symmetry.label_comp_id 
_pdbx_struct_special_symmetry.label_seq_id 
1 1 A HOH 196 ? H HOH . 
2 1 A HOH 226 ? H HOH . 
3 1 A HOH 228 ? H HOH . 
4 1 A HOH 235 ? H HOH . 
# 
loop_
_pdbx_struct_conn_angle.id 
_pdbx_struct_conn_angle.ptnr1_label_atom_id 
_pdbx_struct_conn_angle.ptnr1_label_alt_id 
_pdbx_struct_conn_angle.ptnr1_label_asym_id 
_pdbx_struct_conn_angle.ptnr1_label_comp_id 
_pdbx_struct_conn_angle.ptnr1_label_seq_id 
_pdbx_struct_conn_angle.ptnr1_auth_atom_id 
_pdbx_struct_conn_angle.ptnr1_auth_asym_id 
_pdbx_struct_conn_angle.ptnr1_auth_comp_id 
_pdbx_struct_conn_angle.ptnr1_auth_seq_id 
_pdbx_struct_conn_angle.ptnr1_PDB_ins_code 
_pdbx_struct_conn_angle.ptnr1_symmetry 
_pdbx_struct_conn_angle.ptnr2_label_atom_id 
_pdbx_struct_conn_angle.ptnr2_label_alt_id 
_pdbx_struct_conn_angle.ptnr2_label_asym_id 
_pdbx_struct_conn_angle.ptnr2_label_comp_id 
_pdbx_struct_conn_angle.ptnr2_label_seq_id 
_pdbx_struct_conn_angle.ptnr2_auth_atom_id 
_pdbx_struct_conn_angle.ptnr2_auth_asym_id 
_pdbx_struct_conn_angle.ptnr2_auth_comp_id 
_pdbx_struct_conn_angle.ptnr2_auth_seq_id 
_pdbx_struct_conn_angle.ptnr2_PDB_ins_code 
_pdbx_struct_conn_angle.ptnr2_symmetry 
_pdbx_struct_conn_angle.ptnr3_label_atom_id 
_pdbx_struct_conn_angle.ptnr3_label_alt_id 
_pdbx_struct_conn_angle.ptnr3_label_asym_id 
_pdbx_struct_conn_angle.ptnr3_label_comp_id 
_pdbx_struct_conn_angle.ptnr3_label_seq_id 
_pdbx_struct_conn_angle.ptnr3_auth_atom_id 
_pdbx_struct_conn_angle.ptnr3_auth_asym_id 
_pdbx_struct_conn_angle.ptnr3_auth_comp_id 
_pdbx_struct_conn_angle.ptnr3_auth_seq_id 
_pdbx_struct_conn_angle.ptnr3_PDB_ins_code 
_pdbx_struct_conn_angle.ptnr3_symmetry 
_pdbx_struct_conn_angle.value 
_pdbx_struct_conn_angle.value_esd 
1  NE2 A A HIS 67 ? A HIS 64  ? 1_555 FE A G HEM . ? A HEM 200 ? 1_555 NA  A G HEM .  ? A HEM 200 ? 1_555 76.3  ? 
2  NE2 A A HIS 67 ? A HIS 64  ? 1_555 FE A G HEM . ? A HEM 200 ? 1_555 NB  A G HEM .  ? A HEM 200 ? 1_555 89.2  ? 
3  NA  A G HEM .  ? A HEM 200 ? 1_555 FE A G HEM . ? A HEM 200 ? 1_555 NB  A G HEM .  ? A HEM 200 ? 1_555 86.7  ? 
4  NE2 A A HIS 67 ? A HIS 64  ? 1_555 FE A G HEM . ? A HEM 200 ? 1_555 NC  A G HEM .  ? A HEM 200 ? 1_555 102.3 ? 
5  NA  A G HEM .  ? A HEM 200 ? 1_555 FE A G HEM . ? A HEM 200 ? 1_555 NC  A G HEM .  ? A HEM 200 ? 1_555 177.5 ? 
6  NB  A G HEM .  ? A HEM 200 ? 1_555 FE A G HEM . ? A HEM 200 ? 1_555 NC  A G HEM .  ? A HEM 200 ? 1_555 95.4  ? 
7  NE2 A A HIS 67 ? A HIS 64  ? 1_555 FE A G HEM . ? A HEM 200 ? 1_555 ND  A G HEM .  ? A HEM 200 ? 1_555 90.2  ? 
8  NA  A G HEM .  ? A HEM 200 ? 1_555 FE A G HEM . ? A HEM 200 ? 1_555 ND  A G HEM .  ? A HEM 200 ? 1_555 90.7  ? 
9  NB  A G HEM .  ? A HEM 200 ? 1_555 FE A G HEM . ? A HEM 200 ? 1_555 ND  A G HEM .  ? A HEM 200 ? 1_555 177.4 ? 
10 NC  A G HEM .  ? A HEM 200 ? 1_555 FE A G HEM . ? A HEM 200 ? 1_555 ND  A G HEM .  ? A HEM 200 ? 1_555 87.1  ? 
11 NE2 A A HIS 67 ? A HIS 64  ? 1_555 FE A G HEM . ? A HEM 200 ? 1_555 NE2 A A HIS 99 ? A HIS 96  ? 1_555 157.7 ? 
12 NA  A G HEM .  ? A HEM 200 ? 1_555 FE A G HEM . ? A HEM 200 ? 1_555 NE2 A A HIS 99 ? A HIS 96  ? 1_555 81.4  ? 
13 NB  A G HEM .  ? A HEM 200 ? 1_555 FE A G HEM . ? A HEM 200 ? 1_555 NE2 A A HIS 99 ? A HIS 96  ? 1_555 87.3  ? 
14 NC  A G HEM .  ? A HEM 200 ? 1_555 FE A G HEM . ? A HEM 200 ? 1_555 NE2 A A HIS 99 ? A HIS 96  ? 1_555 100.0 ? 
15 ND  A G HEM .  ? A HEM 200 ? 1_555 FE A G HEM . ? A HEM 200 ? 1_555 NE2 A A HIS 99 ? A HIS 96  ? 1_555 92.4  ? 
16 NE2 B A HIS 67 ? A HIS 64  ? 1_555 FE B G HEM . ? A HEM 200 ? 1_555 NA  B G HEM .  ? A HEM 200 ? 1_555 90.3  ? 
17 NE2 B A HIS 67 ? A HIS 64  ? 1_555 FE B G HEM . ? A HEM 200 ? 1_555 NB  B G HEM .  ? A HEM 200 ? 1_555 78.3  ? 
18 NA  B G HEM .  ? A HEM 200 ? 1_555 FE B G HEM . ? A HEM 200 ? 1_555 NB  B G HEM .  ? A HEM 200 ? 1_555 86.3  ? 
19 NE2 B A HIS 67 ? A HIS 64  ? 1_555 FE B G HEM . ? A HEM 200 ? 1_555 NC  B G HEM .  ? A HEM 200 ? 1_555 90.6  ? 
20 NA  B G HEM .  ? A HEM 200 ? 1_555 FE B G HEM . ? A HEM 200 ? 1_555 NC  B G HEM .  ? A HEM 200 ? 1_555 174.6 ? 
21 NB  B G HEM .  ? A HEM 200 ? 1_555 FE B G HEM . ? A HEM 200 ? 1_555 NC  B G HEM .  ? A HEM 200 ? 1_555 88.6  ? 
22 NE2 B A HIS 67 ? A HIS 64  ? 1_555 FE B G HEM . ? A HEM 200 ? 1_555 ND  B G HEM .  ? A HEM 200 ? 1_555 105.0 ? 
23 NA  B G HEM .  ? A HEM 200 ? 1_555 FE B G HEM . ? A HEM 200 ? 1_555 ND  B G HEM .  ? A HEM 200 ? 1_555 91.4  ? 
24 NB  B G HEM .  ? A HEM 200 ? 1_555 FE B G HEM . ? A HEM 200 ? 1_555 ND  B G HEM .  ? A HEM 200 ? 1_555 176.0 ? 
25 NC  B G HEM .  ? A HEM 200 ? 1_555 FE B G HEM . ? A HEM 200 ? 1_555 ND  B G HEM .  ? A HEM 200 ? 1_555 93.5  ? 
26 NE2 B A HIS 67 ? A HIS 64  ? 1_555 FE B G HEM . ? A HEM 200 ? 1_555 NE2 B A HIS 99 ? A HIS 96  ? 1_555 145.6 ? 
27 NA  B G HEM .  ? A HEM 200 ? 1_555 FE B G HEM . ? A HEM 200 ? 1_555 NE2 B A HIS 99 ? A HIS 96  ? 1_555 79.8  ? 
28 NB  B G HEM .  ? A HEM 200 ? 1_555 FE B G HEM . ? A HEM 200 ? 1_555 NE2 B A HIS 99 ? A HIS 96  ? 1_555 68.3  ? 
29 NC  B G HEM .  ? A HEM 200 ? 1_555 FE B G HEM . ? A HEM 200 ? 1_555 NE2 B A HIS 99 ? A HIS 96  ? 1_555 96.5  ? 
30 ND  B G HEM .  ? A HEM 200 ? 1_555 FE B G HEM . ? A HEM 200 ? 1_555 NE2 B A HIS 99 ? A HIS 96  ? 1_555 108.1 ? 
# 
loop_
_pdbx_audit_revision_history.ordinal 
_pdbx_audit_revision_history.data_content_type 
_pdbx_audit_revision_history.major_revision 
_pdbx_audit_revision_history.minor_revision 
_pdbx_audit_revision_history.revision_date 
1 'Structure model' 1 0 2009-09-22 
2 'Structure model' 1 1 2011-07-13 
3 'Structure model' 1 2 2018-10-17 
4 'Structure model' 1 3 2021-11-10 
5 'Structure model' 1 4 2023-11-01 
# 
_pdbx_audit_revision_details.ordinal             1 
_pdbx_audit_revision_details.revision_ordinal    1 
_pdbx_audit_revision_details.data_content_type   'Structure model' 
_pdbx_audit_revision_details.provider            repository 
_pdbx_audit_revision_details.type                'Initial release' 
_pdbx_audit_revision_details.description         ? 
_pdbx_audit_revision_details.details             ? 
# 
loop_
_pdbx_audit_revision_group.ordinal 
_pdbx_audit_revision_group.revision_ordinal 
_pdbx_audit_revision_group.data_content_type 
_pdbx_audit_revision_group.group 
1 2 'Structure model' 'Version format compliance' 
2 3 'Structure model' 'Data collection'           
3 3 'Structure model' 'Database references'       
4 4 'Structure model' 'Database references'       
5 4 'Structure model' 'Derived calculations'      
6 5 'Structure model' 'Data collection'           
7 5 'Structure model' 'Refinement description'    
# 
loop_
_pdbx_audit_revision_category.ordinal 
_pdbx_audit_revision_category.revision_ordinal 
_pdbx_audit_revision_category.data_content_type 
_pdbx_audit_revision_category.category 
1 3 'Structure model' citation                      
2 3 'Structure model' citation_author               
3 4 'Structure model' database_2                    
4 4 'Structure model' struct_ref_seq_dif            
5 4 'Structure model' struct_site                   
6 5 'Structure model' chem_comp_atom                
7 5 'Structure model' chem_comp_bond                
8 5 'Structure model' pdbx_initial_refinement_model 
# 
loop_
_pdbx_audit_revision_item.ordinal 
_pdbx_audit_revision_item.revision_ordinal 
_pdbx_audit_revision_item.data_content_type 
_pdbx_audit_revision_item.item 
1  3 'Structure model' '_citation.journal_abbrev'            
2  3 'Structure model' '_citation.journal_id_ISSN'           
3  3 'Structure model' '_citation.pdbx_database_id_DOI'      
4  3 'Structure model' '_citation.pdbx_database_id_PubMed'   
5  3 'Structure model' '_citation.title'                     
6  3 'Structure model' '_citation_author.name'               
7  4 'Structure model' '_database_2.pdbx_DOI'                
8  4 'Structure model' '_database_2.pdbx_database_accession' 
9  4 'Structure model' '_struct_ref_seq_dif.details'         
10 4 'Structure model' '_struct_site.pdbx_auth_asym_id'      
11 4 'Structure model' '_struct_site.pdbx_auth_comp_id'      
12 4 'Structure model' '_struct_site.pdbx_auth_seq_id'       
# 
loop_
_software.name 
_software.classification 
_software.version 
_software.citation_id 
_software.pdbx_ordinal 
MxCuBE    'data collection' .        ? 1 
REFMAC    refinement        5.2.0019 ? 2 
DENZO     'data reduction'  .        ? 3 
SCALEPACK 'data scaling'    .        ? 4 
REFMAC    phasing           5.2.0019 ? 5 
# 
loop_
_pdbx_validate_close_contact.id 
_pdbx_validate_close_contact.PDB_model_num 
_pdbx_validate_close_contact.auth_atom_id_1 
_pdbx_validate_close_contact.auth_asym_id_1 
_pdbx_validate_close_contact.auth_comp_id_1 
_pdbx_validate_close_contact.auth_seq_id_1 
_pdbx_validate_close_contact.PDB_ins_code_1 
_pdbx_validate_close_contact.label_alt_id_1 
_pdbx_validate_close_contact.auth_atom_id_2 
_pdbx_validate_close_contact.auth_asym_id_2 
_pdbx_validate_close_contact.auth_comp_id_2 
_pdbx_validate_close_contact.auth_seq_id_2 
_pdbx_validate_close_contact.PDB_ins_code_2 
_pdbx_validate_close_contact.label_alt_id_2 
_pdbx_validate_close_contact.dist 
1 1 O   A HOH 160 ? ? O A HOH 207 ? ? 1.54 
2 1 NE2 A GLN 48  ? ? O A HOH 213 ? ? 1.96 
# 
loop_
_pdbx_validate_torsion.id 
_pdbx_validate_torsion.PDB_model_num 
_pdbx_validate_torsion.auth_comp_id 
_pdbx_validate_torsion.auth_asym_id 
_pdbx_validate_torsion.auth_seq_id 
_pdbx_validate_torsion.PDB_ins_code 
_pdbx_validate_torsion.label_alt_id 
_pdbx_validate_torsion.phi 
_pdbx_validate_torsion.psi 
1 1 GLN A 43  ? ? -105.89 71.17  
2 1 GLN A 43  ? ? -104.34 69.30  
3 1 ASP A 81  ? ? -160.31 105.24 
4 1 TRP A 148 ? ? -91.65  47.28  
5 1 ASP A 149 ? ? 83.83   -0.68  
# 
loop_
_pdbx_unobs_or_zero_occ_atoms.id 
_pdbx_unobs_or_zero_occ_atoms.PDB_model_num 
_pdbx_unobs_or_zero_occ_atoms.polymer_flag 
_pdbx_unobs_or_zero_occ_atoms.occupancy_flag 
_pdbx_unobs_or_zero_occ_atoms.auth_asym_id 
_pdbx_unobs_or_zero_occ_atoms.auth_comp_id 
_pdbx_unobs_or_zero_occ_atoms.auth_seq_id 
_pdbx_unobs_or_zero_occ_atoms.PDB_ins_code 
_pdbx_unobs_or_zero_occ_atoms.auth_atom_id 
_pdbx_unobs_or_zero_occ_atoms.label_alt_id 
_pdbx_unobs_or_zero_occ_atoms.label_asym_id 
_pdbx_unobs_or_zero_occ_atoms.label_comp_id 
_pdbx_unobs_or_zero_occ_atoms.label_seq_id 
_pdbx_unobs_or_zero_occ_atoms.label_atom_id 
1  1 Y 1 A ARG 14  ? CZ  ? A ARG 17  CZ  
2  1 Y 1 A ARG 14  ? NH1 ? A ARG 17  NH1 
3  1 Y 1 A ARG 14  ? NH2 ? A ARG 17  NH2 
4  1 Y 1 A ARG 47  ? CZ  ? A ARG 50  CZ  
5  1 Y 1 A ARG 47  ? NH1 ? A ARG 50  NH1 
6  1 Y 1 A ARG 47  ? NH2 ? A ARG 50  NH2 
7  1 Y 1 A GLU 86  ? CG  ? A GLU 89  CG  
8  1 Y 1 A GLU 86  ? CD  ? A GLU 89  CD  
9  1 Y 1 A GLU 86  ? OE1 ? A GLU 89  OE1 
10 1 Y 1 A GLU 86  ? OE2 ? A GLU 89  OE2 
11 1 Y 1 A GLN 142 ? OE1 ? A GLN 145 OE1 
12 1 Y 1 A GLN 142 ? NE2 ? A GLN 145 NE2 
13 1 Y 1 A ARG 146 ? NE  ? A ARG 149 NE  
14 1 Y 1 A ARG 146 ? CZ  ? A ARG 149 CZ  
15 1 Y 1 A ARG 146 ? NH1 ? A ARG 149 NH1 
16 1 Y 1 A ARG 146 ? NH2 ? A ARG 149 NH2 
# 
loop_
_pdbx_unobs_or_zero_occ_residues.id 
_pdbx_unobs_or_zero_occ_residues.PDB_model_num 
_pdbx_unobs_or_zero_occ_residues.polymer_flag 
_pdbx_unobs_or_zero_occ_residues.occupancy_flag 
_pdbx_unobs_or_zero_occ_residues.auth_asym_id 
_pdbx_unobs_or_zero_occ_residues.auth_comp_id 
_pdbx_unobs_or_zero_occ_residues.auth_seq_id 
_pdbx_unobs_or_zero_occ_residues.PDB_ins_code 
_pdbx_unobs_or_zero_occ_residues.label_asym_id 
_pdbx_unobs_or_zero_occ_residues.label_comp_id 
_pdbx_unobs_or_zero_occ_residues.label_seq_id 
1 1 Y 1 A GLY -2  ? A GLY 1   
2 1 Y 1 A SER -1  ? A SER 2   
3 1 Y 1 A HIS 0   ? A HIS 3   
4 1 Y 1 A MET 1   ? A MET 4   
5 1 Y 1 A GLU 2   ? A GLU 5   
6 1 Y 1 A GLU 151 ? A GLU 154 
# 
loop_
_chem_comp_atom.comp_id 
_chem_comp_atom.atom_id 
_chem_comp_atom.type_symbol 
_chem_comp_atom.pdbx_aromatic_flag 
_chem_comp_atom.pdbx_stereo_config 
_chem_comp_atom.pdbx_ordinal 
ALA N    N  N N 1   
ALA CA   C  N S 2   
ALA C    C  N N 3   
ALA O    O  N N 4   
ALA CB   C  N N 5   
ALA OXT  O  N N 6   
ALA H    H  N N 7   
ALA H2   H  N N 8   
ALA HA   H  N N 9   
ALA HB1  H  N N 10  
ALA HB2  H  N N 11  
ALA HB3  H  N N 12  
ALA HXT  H  N N 13  
ARG N    N  N N 14  
ARG CA   C  N S 15  
ARG C    C  N N 16  
ARG O    O  N N 17  
ARG CB   C  N N 18  
ARG CG   C  N N 19  
ARG CD   C  N N 20  
ARG NE   N  N N 21  
ARG CZ   C  N N 22  
ARG NH1  N  N N 23  
ARG NH2  N  N N 24  
ARG OXT  O  N N 25  
ARG H    H  N N 26  
ARG H2   H  N N 27  
ARG HA   H  N N 28  
ARG HB2  H  N N 29  
ARG HB3  H  N N 30  
ARG HG2  H  N N 31  
ARG HG3  H  N N 32  
ARG HD2  H  N N 33  
ARG HD3  H  N N 34  
ARG HE   H  N N 35  
ARG HH11 H  N N 36  
ARG HH12 H  N N 37  
ARG HH21 H  N N 38  
ARG HH22 H  N N 39  
ARG HXT  H  N N 40  
ASN N    N  N N 41  
ASN CA   C  N S 42  
ASN C    C  N N 43  
ASN O    O  N N 44  
ASN CB   C  N N 45  
ASN CG   C  N N 46  
ASN OD1  O  N N 47  
ASN ND2  N  N N 48  
ASN OXT  O  N N 49  
ASN H    H  N N 50  
ASN H2   H  N N 51  
ASN HA   H  N N 52  
ASN HB2  H  N N 53  
ASN HB3  H  N N 54  
ASN HD21 H  N N 55  
ASN HD22 H  N N 56  
ASN HXT  H  N N 57  
ASP N    N  N N 58  
ASP CA   C  N S 59  
ASP C    C  N N 60  
ASP O    O  N N 61  
ASP CB   C  N N 62  
ASP CG   C  N N 63  
ASP OD1  O  N N 64  
ASP OD2  O  N N 65  
ASP OXT  O  N N 66  
ASP H    H  N N 67  
ASP H2   H  N N 68  
ASP HA   H  N N 69  
ASP HB2  H  N N 70  
ASP HB3  H  N N 71  
ASP HD2  H  N N 72  
ASP HXT  H  N N 73  
CYS N    N  N N 74  
CYS CA   C  N R 75  
CYS C    C  N N 76  
CYS O    O  N N 77  
CYS CB   C  N N 78  
CYS SG   S  N N 79  
CYS OXT  O  N N 80  
CYS H    H  N N 81  
CYS H2   H  N N 82  
CYS HA   H  N N 83  
CYS HB2  H  N N 84  
CYS HB3  H  N N 85  
CYS HG   H  N N 86  
CYS HXT  H  N N 87  
GLN N    N  N N 88  
GLN CA   C  N S 89  
GLN C    C  N N 90  
GLN O    O  N N 91  
GLN CB   C  N N 92  
GLN CG   C  N N 93  
GLN CD   C  N N 94  
GLN OE1  O  N N 95  
GLN NE2  N  N N 96  
GLN OXT  O  N N 97  
GLN H    H  N N 98  
GLN H2   H  N N 99  
GLN HA   H  N N 100 
GLN HB2  H  N N 101 
GLN HB3  H  N N 102 
GLN HG2  H  N N 103 
GLN HG3  H  N N 104 
GLN HE21 H  N N 105 
GLN HE22 H  N N 106 
GLN HXT  H  N N 107 
GLU N    N  N N 108 
GLU CA   C  N S 109 
GLU C    C  N N 110 
GLU O    O  N N 111 
GLU CB   C  N N 112 
GLU CG   C  N N 113 
GLU CD   C  N N 114 
GLU OE1  O  N N 115 
GLU OE2  O  N N 116 
GLU OXT  O  N N 117 
GLU H    H  N N 118 
GLU H2   H  N N 119 
GLU HA   H  N N 120 
GLU HB2  H  N N 121 
GLU HB3  H  N N 122 
GLU HG2  H  N N 123 
GLU HG3  H  N N 124 
GLU HE2  H  N N 125 
GLU HXT  H  N N 126 
GLY N    N  N N 127 
GLY CA   C  N N 128 
GLY C    C  N N 129 
GLY O    O  N N 130 
GLY OXT  O  N N 131 
GLY H    H  N N 132 
GLY H2   H  N N 133 
GLY HA2  H  N N 134 
GLY HA3  H  N N 135 
GLY HXT  H  N N 136 
HEM CHA  C  N N 137 
HEM CHB  C  N N 138 
HEM CHC  C  N N 139 
HEM CHD  C  N N 140 
HEM C1A  C  Y N 141 
HEM C2A  C  Y N 142 
HEM C3A  C  Y N 143 
HEM C4A  C  Y N 144 
HEM CMA  C  N N 145 
HEM CAA  C  N N 146 
HEM CBA  C  N N 147 
HEM CGA  C  N N 148 
HEM O1A  O  N N 149 
HEM O2A  O  N N 150 
HEM C1B  C  N N 151 
HEM C2B  C  N N 152 
HEM C3B  C  N N 153 
HEM C4B  C  N N 154 
HEM CMB  C  N N 155 
HEM CAB  C  N N 156 
HEM CBB  C  N N 157 
HEM C1C  C  Y N 158 
HEM C2C  C  Y N 159 
HEM C3C  C  Y N 160 
HEM C4C  C  Y N 161 
HEM CMC  C  N N 162 
HEM CAC  C  N N 163 
HEM CBC  C  N N 164 
HEM C1D  C  N N 165 
HEM C2D  C  N N 166 
HEM C3D  C  N N 167 
HEM C4D  C  N N 168 
HEM CMD  C  N N 169 
HEM CAD  C  N N 170 
HEM CBD  C  N N 171 
HEM CGD  C  N N 172 
HEM O1D  O  N N 173 
HEM O2D  O  N N 174 
HEM NA   N  Y N 175 
HEM NB   N  N N 176 
HEM NC   N  Y N 177 
HEM ND   N  N N 178 
HEM FE   FE N N 179 
HEM HHB  H  N N 180 
HEM HHC  H  N N 181 
HEM HHD  H  N N 182 
HEM HMA  H  N N 183 
HEM HMAA H  N N 184 
HEM HMAB H  N N 185 
HEM HAA  H  N N 186 
HEM HAAA H  N N 187 
HEM HBA  H  N N 188 
HEM HBAA H  N N 189 
HEM HMB  H  N N 190 
HEM HMBA H  N N 191 
HEM HMBB H  N N 192 
HEM HAB  H  N N 193 
HEM HBB  H  N N 194 
HEM HBBA H  N N 195 
HEM HMC  H  N N 196 
HEM HMCA H  N N 197 
HEM HMCB H  N N 198 
HEM HAC  H  N N 199 
HEM HBC  H  N N 200 
HEM HBCA H  N N 201 
HEM HMD  H  N N 202 
HEM HMDA H  N N 203 
HEM HMDB H  N N 204 
HEM HAD  H  N N 205 
HEM HADA H  N N 206 
HEM HBD  H  N N 207 
HEM HBDA H  N N 208 
HEM H2A  H  N N 209 
HEM H2D  H  N N 210 
HEM HHA  H  N N 211 
HIS N    N  N N 212 
HIS CA   C  N S 213 
HIS C    C  N N 214 
HIS O    O  N N 215 
HIS CB   C  N N 216 
HIS CG   C  Y N 217 
HIS ND1  N  Y N 218 
HIS CD2  C  Y N 219 
HIS CE1  C  Y N 220 
HIS NE2  N  Y N 221 
HIS OXT  O  N N 222 
HIS H    H  N N 223 
HIS H2   H  N N 224 
HIS HA   H  N N 225 
HIS HB2  H  N N 226 
HIS HB3  H  N N 227 
HIS HD1  H  N N 228 
HIS HD2  H  N N 229 
HIS HE1  H  N N 230 
HIS HE2  H  N N 231 
HIS HXT  H  N N 232 
HOH O    O  N N 233 
HOH H1   H  N N 234 
HOH H2   H  N N 235 
ILE N    N  N N 236 
ILE CA   C  N S 237 
ILE C    C  N N 238 
ILE O    O  N N 239 
ILE CB   C  N S 240 
ILE CG1  C  N N 241 
ILE CG2  C  N N 242 
ILE CD1  C  N N 243 
ILE OXT  O  N N 244 
ILE H    H  N N 245 
ILE H2   H  N N 246 
ILE HA   H  N N 247 
ILE HB   H  N N 248 
ILE HG12 H  N N 249 
ILE HG13 H  N N 250 
ILE HG21 H  N N 251 
ILE HG22 H  N N 252 
ILE HG23 H  N N 253 
ILE HD11 H  N N 254 
ILE HD12 H  N N 255 
ILE HD13 H  N N 256 
ILE HXT  H  N N 257 
LEU N    N  N N 258 
LEU CA   C  N S 259 
LEU C    C  N N 260 
LEU O    O  N N 261 
LEU CB   C  N N 262 
LEU CG   C  N N 263 
LEU CD1  C  N N 264 
LEU CD2  C  N N 265 
LEU OXT  O  N N 266 
LEU H    H  N N 267 
LEU H2   H  N N 268 
LEU HA   H  N N 269 
LEU HB2  H  N N 270 
LEU HB3  H  N N 271 
LEU HG   H  N N 272 
LEU HD11 H  N N 273 
LEU HD12 H  N N 274 
LEU HD13 H  N N 275 
LEU HD21 H  N N 276 
LEU HD22 H  N N 277 
LEU HD23 H  N N 278 
LEU HXT  H  N N 279 
LYS N    N  N N 280 
LYS CA   C  N S 281 
LYS C    C  N N 282 
LYS O    O  N N 283 
LYS CB   C  N N 284 
LYS CG   C  N N 285 
LYS CD   C  N N 286 
LYS CE   C  N N 287 
LYS NZ   N  N N 288 
LYS OXT  O  N N 289 
LYS H    H  N N 290 
LYS H2   H  N N 291 
LYS HA   H  N N 292 
LYS HB2  H  N N 293 
LYS HB3  H  N N 294 
LYS HG2  H  N N 295 
LYS HG3  H  N N 296 
LYS HD2  H  N N 297 
LYS HD3  H  N N 298 
LYS HE2  H  N N 299 
LYS HE3  H  N N 300 
LYS HZ1  H  N N 301 
LYS HZ2  H  N N 302 
LYS HZ3  H  N N 303 
LYS HXT  H  N N 304 
MET N    N  N N 305 
MET CA   C  N S 306 
MET C    C  N N 307 
MET O    O  N N 308 
MET CB   C  N N 309 
MET CG   C  N N 310 
MET SD   S  N N 311 
MET CE   C  N N 312 
MET OXT  O  N N 313 
MET H    H  N N 314 
MET H2   H  N N 315 
MET HA   H  N N 316 
MET HB2  H  N N 317 
MET HB3  H  N N 318 
MET HG2  H  N N 319 
MET HG3  H  N N 320 
MET HE1  H  N N 321 
MET HE2  H  N N 322 
MET HE3  H  N N 323 
MET HXT  H  N N 324 
PHE N    N  N N 325 
PHE CA   C  N S 326 
PHE C    C  N N 327 
PHE O    O  N N 328 
PHE CB   C  N N 329 
PHE CG   C  Y N 330 
PHE CD1  C  Y N 331 
PHE CD2  C  Y N 332 
PHE CE1  C  Y N 333 
PHE CE2  C  Y N 334 
PHE CZ   C  Y N 335 
PHE OXT  O  N N 336 
PHE H    H  N N 337 
PHE H2   H  N N 338 
PHE HA   H  N N 339 
PHE HB2  H  N N 340 
PHE HB3  H  N N 341 
PHE HD1  H  N N 342 
PHE HD2  H  N N 343 
PHE HE1  H  N N 344 
PHE HE2  H  N N 345 
PHE HZ   H  N N 346 
PHE HXT  H  N N 347 
PRO N    N  N N 348 
PRO CA   C  N S 349 
PRO C    C  N N 350 
PRO O    O  N N 351 
PRO CB   C  N N 352 
PRO CG   C  N N 353 
PRO CD   C  N N 354 
PRO OXT  O  N N 355 
PRO H    H  N N 356 
PRO HA   H  N N 357 
PRO HB2  H  N N 358 
PRO HB3  H  N N 359 
PRO HG2  H  N N 360 
PRO HG3  H  N N 361 
PRO HD2  H  N N 362 
PRO HD3  H  N N 363 
PRO HXT  H  N N 364 
SER N    N  N N 365 
SER CA   C  N S 366 
SER C    C  N N 367 
SER O    O  N N 368 
SER CB   C  N N 369 
SER OG   O  N N 370 
SER OXT  O  N N 371 
SER H    H  N N 372 
SER H2   H  N N 373 
SER HA   H  N N 374 
SER HB2  H  N N 375 
SER HB3  H  N N 376 
SER HG   H  N N 377 
SER HXT  H  N N 378 
SO4 S    S  N N 379 
SO4 O1   O  N N 380 
SO4 O2   O  N N 381 
SO4 O3   O  N N 382 
SO4 O4   O  N N 383 
THR N    N  N N 384 
THR CA   C  N S 385 
THR C    C  N N 386 
THR O    O  N N 387 
THR CB   C  N R 388 
THR OG1  O  N N 389 
THR CG2  C  N N 390 
THR OXT  O  N N 391 
THR H    H  N N 392 
THR H2   H  N N 393 
THR HA   H  N N 394 
THR HB   H  N N 395 
THR HG1  H  N N 396 
THR HG21 H  N N 397 
THR HG22 H  N N 398 
THR HG23 H  N N 399 
THR HXT  H  N N 400 
TRP N    N  N N 401 
TRP CA   C  N S 402 
TRP C    C  N N 403 
TRP O    O  N N 404 
TRP CB   C  N N 405 
TRP CG   C  Y N 406 
TRP CD1  C  Y N 407 
TRP CD2  C  Y N 408 
TRP NE1  N  Y N 409 
TRP CE2  C  Y N 410 
TRP CE3  C  Y N 411 
TRP CZ2  C  Y N 412 
TRP CZ3  C  Y N 413 
TRP CH2  C  Y N 414 
TRP OXT  O  N N 415 
TRP H    H  N N 416 
TRP H2   H  N N 417 
TRP HA   H  N N 418 
TRP HB2  H  N N 419 
TRP HB3  H  N N 420 
TRP HD1  H  N N 421 
TRP HE1  H  N N 422 
TRP HE3  H  N N 423 
TRP HZ2  H  N N 424 
TRP HZ3  H  N N 425 
TRP HH2  H  N N 426 
TRP HXT  H  N N 427 
TYR N    N  N N 428 
TYR CA   C  N S 429 
TYR C    C  N N 430 
TYR O    O  N N 431 
TYR CB   C  N N 432 
TYR CG   C  Y N 433 
TYR CD1  C  Y N 434 
TYR CD2  C  Y N 435 
TYR CE1  C  Y N 436 
TYR CE2  C  Y N 437 
TYR CZ   C  Y N 438 
TYR OH   O  N N 439 
TYR OXT  O  N N 440 
TYR H    H  N N 441 
TYR H2   H  N N 442 
TYR HA   H  N N 443 
TYR HB2  H  N N 444 
TYR HB3  H  N N 445 
TYR HD1  H  N N 446 
TYR HD2  H  N N 447 
TYR HE1  H  N N 448 
TYR HE2  H  N N 449 
TYR HH   H  N N 450 
TYR HXT  H  N N 451 
VAL N    N  N N 452 
VAL CA   C  N S 453 
VAL C    C  N N 454 
VAL O    O  N N 455 
VAL CB   C  N N 456 
VAL CG1  C  N N 457 
VAL CG2  C  N N 458 
VAL OXT  O  N N 459 
VAL H    H  N N 460 
VAL H2   H  N N 461 
VAL HA   H  N N 462 
VAL HB   H  N N 463 
VAL HG11 H  N N 464 
VAL HG12 H  N N 465 
VAL HG13 H  N N 466 
VAL HG21 H  N N 467 
VAL HG22 H  N N 468 
VAL HG23 H  N N 469 
VAL HXT  H  N N 470 
XE  XE   XE N N 471 
# 
loop_
_chem_comp_bond.comp_id 
_chem_comp_bond.atom_id_1 
_chem_comp_bond.atom_id_2 
_chem_comp_bond.value_order 
_chem_comp_bond.pdbx_aromatic_flag 
_chem_comp_bond.pdbx_stereo_config 
_chem_comp_bond.pdbx_ordinal 
ALA N   CA   sing N N 1   
ALA N   H    sing N N 2   
ALA N   H2   sing N N 3   
ALA CA  C    sing N N 4   
ALA CA  CB   sing N N 5   
ALA CA  HA   sing N N 6   
ALA C   O    doub N N 7   
ALA C   OXT  sing N N 8   
ALA CB  HB1  sing N N 9   
ALA CB  HB2  sing N N 10  
ALA CB  HB3  sing N N 11  
ALA OXT HXT  sing N N 12  
ARG N   CA   sing N N 13  
ARG N   H    sing N N 14  
ARG N   H2   sing N N 15  
ARG CA  C    sing N N 16  
ARG CA  CB   sing N N 17  
ARG CA  HA   sing N N 18  
ARG C   O    doub N N 19  
ARG C   OXT  sing N N 20  
ARG CB  CG   sing N N 21  
ARG CB  HB2  sing N N 22  
ARG CB  HB3  sing N N 23  
ARG CG  CD   sing N N 24  
ARG CG  HG2  sing N N 25  
ARG CG  HG3  sing N N 26  
ARG CD  NE   sing N N 27  
ARG CD  HD2  sing N N 28  
ARG CD  HD3  sing N N 29  
ARG NE  CZ   sing N N 30  
ARG NE  HE   sing N N 31  
ARG CZ  NH1  sing N N 32  
ARG CZ  NH2  doub N N 33  
ARG NH1 HH11 sing N N 34  
ARG NH1 HH12 sing N N 35  
ARG NH2 HH21 sing N N 36  
ARG NH2 HH22 sing N N 37  
ARG OXT HXT  sing N N 38  
ASN N   CA   sing N N 39  
ASN N   H    sing N N 40  
ASN N   H2   sing N N 41  
ASN CA  C    sing N N 42  
ASN CA  CB   sing N N 43  
ASN CA  HA   sing N N 44  
ASN C   O    doub N N 45  
ASN C   OXT  sing N N 46  
ASN CB  CG   sing N N 47  
ASN CB  HB2  sing N N 48  
ASN CB  HB3  sing N N 49  
ASN CG  OD1  doub N N 50  
ASN CG  ND2  sing N N 51  
ASN ND2 HD21 sing N N 52  
ASN ND2 HD22 sing N N 53  
ASN OXT HXT  sing N N 54  
ASP N   CA   sing N N 55  
ASP N   H    sing N N 56  
ASP N   H2   sing N N 57  
ASP CA  C    sing N N 58  
ASP CA  CB   sing N N 59  
ASP CA  HA   sing N N 60  
ASP C   O    doub N N 61  
ASP C   OXT  sing N N 62  
ASP CB  CG   sing N N 63  
ASP CB  HB2  sing N N 64  
ASP CB  HB3  sing N N 65  
ASP CG  OD1  doub N N 66  
ASP CG  OD2  sing N N 67  
ASP OD2 HD2  sing N N 68  
ASP OXT HXT  sing N N 69  
CYS N   CA   sing N N 70  
CYS N   H    sing N N 71  
CYS N   H2   sing N N 72  
CYS CA  C    sing N N 73  
CYS CA  CB   sing N N 74  
CYS CA  HA   sing N N 75  
CYS C   O    doub N N 76  
CYS C   OXT  sing N N 77  
CYS CB  SG   sing N N 78  
CYS CB  HB2  sing N N 79  
CYS CB  HB3  sing N N 80  
CYS SG  HG   sing N N 81  
CYS OXT HXT  sing N N 82  
GLN N   CA   sing N N 83  
GLN N   H    sing N N 84  
GLN N   H2   sing N N 85  
GLN CA  C    sing N N 86  
GLN CA  CB   sing N N 87  
GLN CA  HA   sing N N 88  
GLN C   O    doub N N 89  
GLN C   OXT  sing N N 90  
GLN CB  CG   sing N N 91  
GLN CB  HB2  sing N N 92  
GLN CB  HB3  sing N N 93  
GLN CG  CD   sing N N 94  
GLN CG  HG2  sing N N 95  
GLN CG  HG3  sing N N 96  
GLN CD  OE1  doub N N 97  
GLN CD  NE2  sing N N 98  
GLN NE2 HE21 sing N N 99  
GLN NE2 HE22 sing N N 100 
GLN OXT HXT  sing N N 101 
GLU N   CA   sing N N 102 
GLU N   H    sing N N 103 
GLU N   H2   sing N N 104 
GLU CA  C    sing N N 105 
GLU CA  CB   sing N N 106 
GLU CA  HA   sing N N 107 
GLU C   O    doub N N 108 
GLU C   OXT  sing N N 109 
GLU CB  CG   sing N N 110 
GLU CB  HB2  sing N N 111 
GLU CB  HB3  sing N N 112 
GLU CG  CD   sing N N 113 
GLU CG  HG2  sing N N 114 
GLU CG  HG3  sing N N 115 
GLU CD  OE1  doub N N 116 
GLU CD  OE2  sing N N 117 
GLU OE2 HE2  sing N N 118 
GLU OXT HXT  sing N N 119 
GLY N   CA   sing N N 120 
GLY N   H    sing N N 121 
GLY N   H2   sing N N 122 
GLY CA  C    sing N N 123 
GLY CA  HA2  sing N N 124 
GLY CA  HA3  sing N N 125 
GLY C   O    doub N N 126 
GLY C   OXT  sing N N 127 
GLY OXT HXT  sing N N 128 
HEM CHA C1A  sing N N 129 
HEM CHA C4D  doub N N 130 
HEM CHA HHA  sing N N 131 
HEM CHB C4A  sing N N 132 
HEM CHB C1B  doub N N 133 
HEM CHB HHB  sing N N 134 
HEM CHC C4B  sing N N 135 
HEM CHC C1C  doub N N 136 
HEM CHC HHC  sing N N 137 
HEM CHD C4C  doub N N 138 
HEM CHD C1D  sing N N 139 
HEM CHD HHD  sing N N 140 
HEM C1A C2A  doub Y N 141 
HEM C1A NA   sing Y N 142 
HEM C2A C3A  sing Y N 143 
HEM C2A CAA  sing N N 144 
HEM C3A C4A  doub Y N 145 
HEM C3A CMA  sing N N 146 
HEM C4A NA   sing Y N 147 
HEM CMA HMA  sing N N 148 
HEM CMA HMAA sing N N 149 
HEM CMA HMAB sing N N 150 
HEM CAA CBA  sing N N 151 
HEM CAA HAA  sing N N 152 
HEM CAA HAAA sing N N 153 
HEM CBA CGA  sing N N 154 
HEM CBA HBA  sing N N 155 
HEM CBA HBAA sing N N 156 
HEM CGA O1A  doub N N 157 
HEM CGA O2A  sing N N 158 
HEM C1B C2B  sing N N 159 
HEM C1B NB   sing N N 160 
HEM C2B C3B  doub N N 161 
HEM C2B CMB  sing N N 162 
HEM C3B C4B  sing N N 163 
HEM C3B CAB  sing N N 164 
HEM C4B NB   doub N N 165 
HEM CMB HMB  sing N N 166 
HEM CMB HMBA sing N N 167 
HEM CMB HMBB sing N N 168 
HEM CAB CBB  doub N N 169 
HEM CAB HAB  sing N N 170 
HEM CBB HBB  sing N N 171 
HEM CBB HBBA sing N N 172 
HEM C1C C2C  sing Y N 173 
HEM C1C NC   sing Y N 174 
HEM C2C C3C  doub Y N 175 
HEM C2C CMC  sing N N 176 
HEM C3C C4C  sing Y N 177 
HEM C3C CAC  sing N N 178 
HEM C4C NC   sing Y N 179 
HEM CMC HMC  sing N N 180 
HEM CMC HMCA sing N N 181 
HEM CMC HMCB sing N N 182 
HEM CAC CBC  doub N N 183 
HEM CAC HAC  sing N N 184 
HEM CBC HBC  sing N N 185 
HEM CBC HBCA sing N N 186 
HEM C1D C2D  sing N N 187 
HEM C1D ND   doub N N 188 
HEM C2D C3D  doub N N 189 
HEM C2D CMD  sing N N 190 
HEM C3D C4D  sing N N 191 
HEM C3D CAD  sing N N 192 
HEM C4D ND   sing N N 193 
HEM CMD HMD  sing N N 194 
HEM CMD HMDA sing N N 195 
HEM CMD HMDB sing N N 196 
HEM CAD CBD  sing N N 197 
HEM CAD HAD  sing N N 198 
HEM CAD HADA sing N N 199 
HEM CBD CGD  sing N N 200 
HEM CBD HBD  sing N N 201 
HEM CBD HBDA sing N N 202 
HEM CGD O1D  doub N N 203 
HEM CGD O2D  sing N N 204 
HEM O2A H2A  sing N N 205 
HEM O2D H2D  sing N N 206 
HEM FE  NA   sing N N 207 
HEM FE  NB   sing N N 208 
HEM FE  NC   sing N N 209 
HEM FE  ND   sing N N 210 
HIS N   CA   sing N N 211 
HIS N   H    sing N N 212 
HIS N   H2   sing N N 213 
HIS CA  C    sing N N 214 
HIS CA  CB   sing N N 215 
HIS CA  HA   sing N N 216 
HIS C   O    doub N N 217 
HIS C   OXT  sing N N 218 
HIS CB  CG   sing N N 219 
HIS CB  HB2  sing N N 220 
HIS CB  HB3  sing N N 221 
HIS CG  ND1  sing Y N 222 
HIS CG  CD2  doub Y N 223 
HIS ND1 CE1  doub Y N 224 
HIS ND1 HD1  sing N N 225 
HIS CD2 NE2  sing Y N 226 
HIS CD2 HD2  sing N N 227 
HIS CE1 NE2  sing Y N 228 
HIS CE1 HE1  sing N N 229 
HIS NE2 HE2  sing N N 230 
HIS OXT HXT  sing N N 231 
HOH O   H1   sing N N 232 
HOH O   H2   sing N N 233 
ILE N   CA   sing N N 234 
ILE N   H    sing N N 235 
ILE N   H2   sing N N 236 
ILE CA  C    sing N N 237 
ILE CA  CB   sing N N 238 
ILE CA  HA   sing N N 239 
ILE C   O    doub N N 240 
ILE C   OXT  sing N N 241 
ILE CB  CG1  sing N N 242 
ILE CB  CG2  sing N N 243 
ILE CB  HB   sing N N 244 
ILE CG1 CD1  sing N N 245 
ILE CG1 HG12 sing N N 246 
ILE CG1 HG13 sing N N 247 
ILE CG2 HG21 sing N N 248 
ILE CG2 HG22 sing N N 249 
ILE CG2 HG23 sing N N 250 
ILE CD1 HD11 sing N N 251 
ILE CD1 HD12 sing N N 252 
ILE CD1 HD13 sing N N 253 
ILE OXT HXT  sing N N 254 
LEU N   CA   sing N N 255 
LEU N   H    sing N N 256 
LEU N   H2   sing N N 257 
LEU CA  C    sing N N 258 
LEU CA  CB   sing N N 259 
LEU CA  HA   sing N N 260 
LEU C   O    doub N N 261 
LEU C   OXT  sing N N 262 
LEU CB  CG   sing N N 263 
LEU CB  HB2  sing N N 264 
LEU CB  HB3  sing N N 265 
LEU CG  CD1  sing N N 266 
LEU CG  CD2  sing N N 267 
LEU CG  HG   sing N N 268 
LEU CD1 HD11 sing N N 269 
LEU CD1 HD12 sing N N 270 
LEU CD1 HD13 sing N N 271 
LEU CD2 HD21 sing N N 272 
LEU CD2 HD22 sing N N 273 
LEU CD2 HD23 sing N N 274 
LEU OXT HXT  sing N N 275 
LYS N   CA   sing N N 276 
LYS N   H    sing N N 277 
LYS N   H2   sing N N 278 
LYS CA  C    sing N N 279 
LYS CA  CB   sing N N 280 
LYS CA  HA   sing N N 281 
LYS C   O    doub N N 282 
LYS C   OXT  sing N N 283 
LYS CB  CG   sing N N 284 
LYS CB  HB2  sing N N 285 
LYS CB  HB3  sing N N 286 
LYS CG  CD   sing N N 287 
LYS CG  HG2  sing N N 288 
LYS CG  HG3  sing N N 289 
LYS CD  CE   sing N N 290 
LYS CD  HD2  sing N N 291 
LYS CD  HD3  sing N N 292 
LYS CE  NZ   sing N N 293 
LYS CE  HE2  sing N N 294 
LYS CE  HE3  sing N N 295 
LYS NZ  HZ1  sing N N 296 
LYS NZ  HZ2  sing N N 297 
LYS NZ  HZ3  sing N N 298 
LYS OXT HXT  sing N N 299 
MET N   CA   sing N N 300 
MET N   H    sing N N 301 
MET N   H2   sing N N 302 
MET CA  C    sing N N 303 
MET CA  CB   sing N N 304 
MET CA  HA   sing N N 305 
MET C   O    doub N N 306 
MET C   OXT  sing N N 307 
MET CB  CG   sing N N 308 
MET CB  HB2  sing N N 309 
MET CB  HB3  sing N N 310 
MET CG  SD   sing N N 311 
MET CG  HG2  sing N N 312 
MET CG  HG3  sing N N 313 
MET SD  CE   sing N N 314 
MET CE  HE1  sing N N 315 
MET CE  HE2  sing N N 316 
MET CE  HE3  sing N N 317 
MET OXT HXT  sing N N 318 
PHE N   CA   sing N N 319 
PHE N   H    sing N N 320 
PHE N   H2   sing N N 321 
PHE CA  C    sing N N 322 
PHE CA  CB   sing N N 323 
PHE CA  HA   sing N N 324 
PHE C   O    doub N N 325 
PHE C   OXT  sing N N 326 
PHE CB  CG   sing N N 327 
PHE CB  HB2  sing N N 328 
PHE CB  HB3  sing N N 329 
PHE CG  CD1  doub Y N 330 
PHE CG  CD2  sing Y N 331 
PHE CD1 CE1  sing Y N 332 
PHE CD1 HD1  sing N N 333 
PHE CD2 CE2  doub Y N 334 
PHE CD2 HD2  sing N N 335 
PHE CE1 CZ   doub Y N 336 
PHE CE1 HE1  sing N N 337 
PHE CE2 CZ   sing Y N 338 
PHE CE2 HE2  sing N N 339 
PHE CZ  HZ   sing N N 340 
PHE OXT HXT  sing N N 341 
PRO N   CA   sing N N 342 
PRO N   CD   sing N N 343 
PRO N   H    sing N N 344 
PRO CA  C    sing N N 345 
PRO CA  CB   sing N N 346 
PRO CA  HA   sing N N 347 
PRO C   O    doub N N 348 
PRO C   OXT  sing N N 349 
PRO CB  CG   sing N N 350 
PRO CB  HB2  sing N N 351 
PRO CB  HB3  sing N N 352 
PRO CG  CD   sing N N 353 
PRO CG  HG2  sing N N 354 
PRO CG  HG3  sing N N 355 
PRO CD  HD2  sing N N 356 
PRO CD  HD3  sing N N 357 
PRO OXT HXT  sing N N 358 
SER N   CA   sing N N 359 
SER N   H    sing N N 360 
SER N   H2   sing N N 361 
SER CA  C    sing N N 362 
SER CA  CB   sing N N 363 
SER CA  HA   sing N N 364 
SER C   O    doub N N 365 
SER C   OXT  sing N N 366 
SER CB  OG   sing N N 367 
SER CB  HB2  sing N N 368 
SER CB  HB3  sing N N 369 
SER OG  HG   sing N N 370 
SER OXT HXT  sing N N 371 
SO4 S   O1   doub N N 372 
SO4 S   O2   doub N N 373 
SO4 S   O3   sing N N 374 
SO4 S   O4   sing N N 375 
THR N   CA   sing N N 376 
THR N   H    sing N N 377 
THR N   H2   sing N N 378 
THR CA  C    sing N N 379 
THR CA  CB   sing N N 380 
THR CA  HA   sing N N 381 
THR C   O    doub N N 382 
THR C   OXT  sing N N 383 
THR CB  OG1  sing N N 384 
THR CB  CG2  sing N N 385 
THR CB  HB   sing N N 386 
THR OG1 HG1  sing N N 387 
THR CG2 HG21 sing N N 388 
THR CG2 HG22 sing N N 389 
THR CG2 HG23 sing N N 390 
THR OXT HXT  sing N N 391 
TRP N   CA   sing N N 392 
TRP N   H    sing N N 393 
TRP N   H2   sing N N 394 
TRP CA  C    sing N N 395 
TRP CA  CB   sing N N 396 
TRP CA  HA   sing N N 397 
TRP C   O    doub N N 398 
TRP C   OXT  sing N N 399 
TRP CB  CG   sing N N 400 
TRP CB  HB2  sing N N 401 
TRP CB  HB3  sing N N 402 
TRP CG  CD1  doub Y N 403 
TRP CG  CD2  sing Y N 404 
TRP CD1 NE1  sing Y N 405 
TRP CD1 HD1  sing N N 406 
TRP CD2 CE2  doub Y N 407 
TRP CD2 CE3  sing Y N 408 
TRP NE1 CE2  sing Y N 409 
TRP NE1 HE1  sing N N 410 
TRP CE2 CZ2  sing Y N 411 
TRP CE3 CZ3  doub Y N 412 
TRP CE3 HE3  sing N N 413 
TRP CZ2 CH2  doub Y N 414 
TRP CZ2 HZ2  sing N N 415 
TRP CZ3 CH2  sing Y N 416 
TRP CZ3 HZ3  sing N N 417 
TRP CH2 HH2  sing N N 418 
TRP OXT HXT  sing N N 419 
TYR N   CA   sing N N 420 
TYR N   H    sing N N 421 
TYR N   H2   sing N N 422 
TYR CA  C    sing N N 423 
TYR CA  CB   sing N N 424 
TYR CA  HA   sing N N 425 
TYR C   O    doub N N 426 
TYR C   OXT  sing N N 427 
TYR CB  CG   sing N N 428 
TYR CB  HB2  sing N N 429 
TYR CB  HB3  sing N N 430 
TYR CG  CD1  doub Y N 431 
TYR CG  CD2  sing Y N 432 
TYR CD1 CE1  sing Y N 433 
TYR CD1 HD1  sing N N 434 
TYR CD2 CE2  doub Y N 435 
TYR CD2 HD2  sing N N 436 
TYR CE1 CZ   doub Y N 437 
TYR CE1 HE1  sing N N 438 
TYR CE2 CZ   sing Y N 439 
TYR CE2 HE2  sing N N 440 
TYR CZ  OH   sing N N 441 
TYR OH  HH   sing N N 442 
TYR OXT HXT  sing N N 443 
VAL N   CA   sing N N 444 
VAL N   H    sing N N 445 
VAL N   H2   sing N N 446 
VAL CA  C    sing N N 447 
VAL CA  CB   sing N N 448 
VAL CA  HA   sing N N 449 
VAL C   O    doub N N 450 
VAL C   OXT  sing N N 451 
VAL CB  CG1  sing N N 452 
VAL CB  CG2  sing N N 453 
VAL CB  HB   sing N N 454 
VAL CG1 HG11 sing N N 455 
VAL CG1 HG12 sing N N 456 
VAL CG1 HG13 sing N N 457 
VAL CG2 HG21 sing N N 458 
VAL CG2 HG22 sing N N 459 
VAL CG2 HG23 sing N N 460 
VAL OXT HXT  sing N N 461 
# 
loop_
_pdbx_entity_nonpoly.entity_id 
_pdbx_entity_nonpoly.name 
_pdbx_entity_nonpoly.comp_id 
2 XENON                             XE  
3 'SULFATE ION'                     SO4 
4 'PROTOPORPHYRIN IX CONTAINING FE' HEM 
5 water                             HOH 
# 
_pdbx_initial_refinement_model.id               1 
_pdbx_initial_refinement_model.entity_id_list   ? 
_pdbx_initial_refinement_model.type             'experimental model' 
_pdbx_initial_refinement_model.source_name      PDB 
_pdbx_initial_refinement_model.accession_code   1Q1F 
_pdbx_initial_refinement_model.details          'PDB ENTRY 1Q1F' 
# 
